data_8F0J
#
_entry.id   8F0J
#
_cell.length_a   1.00
_cell.length_b   1.00
_cell.length_c   1.00
_cell.angle_alpha   90.00
_cell.angle_beta   90.00
_cell.angle_gamma   90.00
#
_symmetry.space_group_name_H-M   'P 1'
#
loop_
_entity.id
_entity.type
_entity.pdbx_description
1 polymer 'pramlintide analogue San45'
2 polymer 'Calcitonin receptor'
3 polymer 'Guanine nucleotide-binding protein G(s) subunit alpha isoforms short'
4 polymer 'Guanine nucleotide-binding protein G(I)/G(S)/G(T) subunit beta-1'
5 polymer 'Guanine nucleotide-binding protein G(I)/G(S)/G(O) subunit gamma-2'
6 polymer 'nanobody 35'
7 non-polymer 'N-hexadecanoyl-L-glutamic acid'
8 non-polymer 2-acetamido-2-deoxy-beta-D-glucopyranose
9 non-polymer PHOSPHATIDYLETHANOLAMINE
10 non-polymer 'PALMITIC ACID'
11 non-polymer 'CHOLESTEROL HEMISUCCINATE'
12 non-polymer '(2S)-2-{[(1R)-1-hydroxyhexadecyl]oxy}-3-{[(1R)-1-hydroxyoctadecyl]oxy}propyl 2-(trimethylammonio)ethyl phosphate'
13 water water
#
loop_
_entity_poly.entity_id
_entity_poly.type
_entity_poly.pdbx_seq_one_letter_code
_entity_poly.pdbx_strand_id
1 'polypeptide(L)' KCNTATCATQRLANFLVHSSKNFGPILPPTNVGSNTY(NH2) P
2 'polypeptide(L)'
;MKTIIALSYIFCLVFADYKDDDDLEVLFQGPAAFSNQTYPTIEPKPFLYVVGRKKMMDAQYKCYDRMQQLPAYQGEGPYC
NRTWDGWLCWDDTPAGVLSYQFCPDYFPDFDPSEKVTKYCDEKGVWFKHPENNRTWSNYTMCNAFTPEKLKNAYVLYYLA
IVGHSLSIFTLVISLGIFVFFRSLGCQRVTLHKNMFLTYILNSMIIIIHLVEVVPNGELVRRDPVSCKILHFFHQYMMAC
NYFWMLCEGIYLHTLIVVAVFTEKQRLRWYYLLGWGFPLVPTTIHAITRAVYFNDNCWLSVETHLLYIIHGPVMAALVVN
FFFLLNIVRVLVTKMRETHEAESHMYLKAVKATMILVPLLGIQFVVFPWRPSNKMLGKIYDYVMHSLIHFQGFFVATIYC
FCNNEVQTTVKRQWAQFKIQWNQRWGRRPSNRSARAAAAAAEAGDIPIYICHQELRNEPANNQGEESAEIIPLNIIEQES
SAPAGLEVLFQGPHHHHHHHH
;
R
3 'polypeptide(L)'
;MGCLGNSKTEDQRNEEKAQREANKKIEKQLQKDKQVYRATHRLLLLGAGESGKNTIVKQMRILHVNGFNGEGGEEDPQAA
RSNSDGEKATKVQDIKNNLKEAIETIVAAMSNLVPPVELANPENQFRVDYILSVMNVPDFDFPPEFYEHAKALWEDEGVR
ACYERSNEYQLIDCAQYFLDKIDVIKQADYVPSDQDLLRCRVLTSGIFETKFQVDKVNFHMFDVGAQRDERRKWIQCFND
VTAIIFVVASSSYNMVIREDNQTNRLQAALKLFDSIWNNKWLRDTSVILFLNKQDLLAEKVLAGKSKIEDYFPEFARYTT
PEDATPEPGEDPRVTRAKYFIRDEFLRISTASGDGRHYCYPHFTCAVDTENIRRVFNDCRDIIQRMHLRQYELL
;
A
4 'polypeptide(L)'
;MHHHHHHGSSGSELDQLRQEAEQLKNQIRDARKACADATLSQITNNIDPVGRIQMRTRRTLRGHLAKIYAMHWGTDSRLL
VSASQDGKLIIWDSYTTNKVHAIPLRSSWVMTCAYAPSGNYVACGGLDNICSIYNLKTREGNVRVSRELAGHTGYLSCCR
FLDDNQIVTSSGDTTCALWDIETGQQTTTFTGHTGDVMSLSLAPDTRLFVSGACDASAKLWDVREGMCRQTFTGHESDIN
AICFFPNGNAFATGSDDATCRLFDLRADQELMTYSHDNIICGITSVSFSKSGRLLLAGYDDFNCNVWDALKADRAGVLAG
HDNRVSCLGVTDDGMAVATGSWDSFLKIWN
;
B
5 'polypeptide(L)' MASNNTASIAQARKLVEQLKMEANIDRIKVSKAAADLMAYCEAHAKEDPLLTPVPASENPFREKKFFCAIL G
6 'polypeptide(L)'
;QVQLQESGGGLVQPGGSLRLSCAASGFTFSNYKMNWVRQAPGKGLEWVSDISQSGASISYTGSVKGRFTISRDNAKNTLY
LQMNSLKPEDTAVYYCARCPAPFTRDCFDVTSTTYAYRGQGTQVTVSSHHHHHHEPEA
;
N
#
loop_
_chem_comp.id
_chem_comp.type
_chem_comp.name
_chem_comp.formula
D6M non-polymer 'N-hexadecanoyl-L-glutamic acid' 'C21 H39 N O5'
NAG D-saccharide, beta linking 2-acetamido-2-deoxy-beta-D-glucopyranose 'C8 H15 N O6'
NH2 non-polymer 'AMINO GROUP' 'H2 N'
P42 non-polymer '(2S)-2-{[(1R)-1-hydroxyhexadecyl]oxy}-3-{[(1R)-1-hydroxyoctadecyl]oxy}propyl 2-(trimethylammonio)ethyl phosphate' 'C42 H88 N O8 P'
PLM non-polymer 'PALMITIC ACID' 'C16 H32 O2'
PTY non-polymer PHOSPHATIDYLETHANOLAMINE 'C40 H80 N O8 P'
Y01 non-polymer 'CHOLESTEROL HEMISUCCINATE' 'C31 H50 O4'
#
# COMPACT_ATOMS: atom_id res chain seq x y z
N LYS A 1 -49.61 -10.36 -5.53
CA LYS A 1 -48.45 -11.08 -6.04
C LYS A 1 -47.20 -10.24 -5.94
N CYS A 2 -46.14 -10.81 -5.35
CA CYS A 2 -44.87 -10.11 -5.20
C CYS A 2 -44.28 -9.79 -6.57
N ASN A 3 -44.21 -8.51 -6.91
CA ASN A 3 -43.73 -8.09 -8.22
C ASN A 3 -42.34 -7.47 -8.19
N THR A 4 -41.75 -7.28 -7.01
CA THR A 4 -40.45 -6.64 -6.91
C THR A 4 -39.35 -7.53 -7.47
N ALA A 5 -38.21 -6.91 -7.75
CA ALA A 5 -37.09 -7.63 -8.35
C ALA A 5 -36.54 -8.71 -7.42
N THR A 6 -36.67 -8.49 -6.10
CA THR A 6 -36.14 -9.45 -5.10
C THR A 6 -36.97 -10.74 -5.13
N CYS A 7 -38.15 -10.71 -5.76
CA CYS A 7 -39.03 -11.90 -5.81
C CYS A 7 -38.90 -12.62 -7.16
N ALA A 8 -37.97 -12.19 -8.02
CA ALA A 8 -37.88 -12.77 -9.38
C ALA A 8 -37.58 -14.28 -9.32
N THR A 9 -36.63 -14.71 -8.49
CA THR A 9 -36.24 -16.14 -8.44
C THR A 9 -37.44 -16.95 -7.94
N GLN A 10 -38.14 -16.44 -6.93
CA GLN A 10 -39.29 -17.16 -6.33
C GLN A 10 -40.39 -17.30 -7.38
N ARG A 11 -40.63 -16.26 -8.17
CA ARG A 11 -41.68 -16.30 -9.22
C ARG A 11 -41.33 -17.38 -10.25
N LEU A 12 -40.05 -17.48 -10.63
CA LEU A 12 -39.62 -18.53 -11.60
C LEU A 12 -39.85 -19.91 -10.97
N ALA A 13 -39.49 -20.08 -9.70
CA ALA A 13 -39.67 -21.37 -8.99
C ALA A 13 -41.16 -21.69 -8.87
N ASN A 14 -42.01 -20.68 -8.68
CA ASN A 14 -43.45 -20.98 -8.43
C ASN A 14 -44.12 -21.29 -9.76
N PHE A 15 -43.59 -20.70 -10.82
CA PHE A 15 -44.12 -20.98 -12.16
C PHE A 15 -43.76 -22.39 -12.60
N LEU A 16 -42.50 -22.79 -12.39
CA LEU A 16 -42.05 -24.08 -12.89
C LEU A 16 -42.63 -25.25 -12.09
N VAL A 17 -42.91 -25.04 -10.80
CA VAL A 17 -43.44 -26.12 -9.99
C VAL A 17 -44.86 -26.49 -10.42
N HIS A 18 -45.57 -25.53 -11.01
CA HIS A 18 -46.99 -25.75 -11.43
C HIS A 18 -47.02 -26.26 -12.87
N SER A 19 -45.90 -26.16 -13.59
CA SER A 19 -45.83 -26.78 -14.93
C SER A 19 -45.71 -28.28 -14.66
N SER A 20 -45.99 -29.14 -15.64
CA SER A 20 -46.04 -30.59 -15.34
C SER A 20 -44.72 -31.13 -14.77
N LYS A 21 -43.58 -30.72 -15.31
CA LYS A 21 -42.28 -31.17 -14.82
C LYS A 21 -42.13 -32.70 -14.86
N ASN A 22 -41.65 -33.32 -13.77
CA ASN A 22 -41.36 -34.77 -13.82
C ASN A 22 -42.54 -35.64 -13.37
N PHE A 23 -43.20 -35.29 -12.25
CA PHE A 23 -44.25 -36.19 -11.69
C PHE A 23 -45.67 -35.66 -11.89
N GLY A 24 -45.88 -34.67 -12.76
CA GLY A 24 -47.26 -34.23 -13.03
C GLY A 24 -47.64 -32.95 -12.33
N PRO A 25 -48.74 -32.28 -12.74
CA PRO A 25 -49.11 -30.99 -12.16
C PRO A 25 -49.53 -31.08 -10.69
N ILE A 26 -49.23 -30.04 -9.92
CA ILE A 26 -49.61 -30.01 -8.48
C ILE A 26 -51.14 -30.03 -8.43
N LEU A 27 -51.78 -29.27 -9.31
CA LEU A 27 -53.26 -29.23 -9.36
C LEU A 27 -53.74 -29.60 -10.77
N PRO A 28 -54.91 -30.26 -10.95
CA PRO A 28 -55.40 -30.66 -12.28
C PRO A 28 -55.52 -29.46 -13.19
N PRO A 29 -55.14 -29.60 -14.46
CA PRO A 29 -55.24 -28.46 -15.39
C PRO A 29 -56.69 -28.03 -15.59
N THR A 30 -56.88 -26.72 -15.73
CA THR A 30 -58.22 -26.16 -15.87
C THR A 30 -58.77 -26.42 -17.27
N ASN A 31 -59.96 -27.01 -17.33
CA ASN A 31 -60.62 -27.25 -18.61
C ASN A 31 -61.31 -25.97 -19.07
N VAL A 32 -60.97 -25.50 -20.27
CA VAL A 32 -61.58 -24.26 -20.82
C VAL A 32 -62.32 -24.64 -22.10
N GLY A 33 -62.83 -25.87 -22.17
CA GLY A 33 -63.52 -26.36 -23.38
C GLY A 33 -64.99 -26.00 -23.40
N SER A 34 -65.74 -26.56 -24.34
CA SER A 34 -67.18 -26.24 -24.51
C SER A 34 -67.99 -26.60 -23.26
N ASN A 35 -67.66 -27.70 -22.60
CA ASN A 35 -68.41 -28.14 -21.39
C ASN A 35 -68.29 -27.07 -20.28
N THR A 36 -67.11 -26.46 -20.13
CA THR A 36 -66.88 -25.46 -19.06
C THR A 36 -67.42 -24.08 -19.45
N TYR A 37 -67.44 -23.13 -18.51
CA TYR A 37 -67.99 -21.76 -18.76
C TYR A 37 -67.18 -21.05 -19.83
N NH2 A 38 -66.01 -21.60 -20.17
N PRO B 46 -56.74 -29.86 -1.68
CA PRO B 46 -55.50 -29.08 -1.78
C PRO B 46 -55.73 -27.66 -1.25
N PHE B 47 -54.69 -27.03 -0.70
CA PHE B 47 -54.85 -25.70 -0.12
C PHE B 47 -55.06 -24.65 -1.20
N LEU B 48 -54.35 -24.79 -2.31
CA LEU B 48 -54.52 -23.85 -3.43
C LEU B 48 -55.92 -23.97 -4.03
N TYR B 49 -56.50 -25.17 -4.01
CA TYR B 49 -57.88 -25.32 -4.46
C TYR B 49 -58.83 -24.53 -3.58
N VAL B 50 -58.65 -24.62 -2.26
CA VAL B 50 -59.49 -23.84 -1.34
C VAL B 50 -59.27 -22.35 -1.54
N VAL B 51 -58.04 -21.95 -1.88
CA VAL B 51 -57.78 -20.55 -2.21
C VAL B 51 -58.51 -20.16 -3.49
N GLY B 52 -58.50 -21.04 -4.49
CA GLY B 52 -59.16 -20.71 -5.74
C GLY B 52 -60.68 -20.61 -5.62
N ARG B 53 -61.27 -21.46 -4.78
CA ARG B 53 -62.72 -21.41 -4.62
C ARG B 53 -63.17 -20.15 -3.89
N LYS B 54 -62.34 -19.65 -2.98
CA LYS B 54 -62.70 -18.46 -2.22
C LYS B 54 -62.75 -17.23 -3.11
N LYS B 55 -61.78 -17.09 -4.02
CA LYS B 55 -61.76 -15.95 -4.93
C LYS B 55 -62.98 -15.97 -5.85
N MET B 56 -63.38 -17.16 -6.30
CA MET B 56 -64.57 -17.27 -7.15
C MET B 56 -65.81 -16.82 -6.39
N MET B 57 -65.97 -17.30 -5.14
CA MET B 57 -67.12 -16.89 -4.34
C MET B 57 -67.05 -15.40 -3.99
N ASP B 58 -65.85 -14.85 -3.87
CA ASP B 58 -65.72 -13.41 -3.65
C ASP B 58 -66.21 -12.64 -4.87
N ALA B 59 -65.77 -13.05 -6.06
CA ALA B 59 -66.16 -12.35 -7.28
C ALA B 59 -67.63 -12.60 -7.63
N GLN B 60 -68.16 -13.77 -7.24
CA GLN B 60 -69.55 -14.08 -7.55
C GLN B 60 -70.50 -13.14 -6.80
N TYR B 61 -70.27 -12.95 -5.51
CA TYR B 61 -71.09 -12.03 -4.73
C TYR B 61 -70.83 -10.59 -5.15
N LYS B 62 -69.58 -10.26 -5.47
CA LYS B 62 -69.27 -8.90 -5.92
C LYS B 62 -69.92 -8.60 -7.24
N CYS B 63 -70.05 -9.60 -8.12
CA CYS B 63 -70.75 -9.39 -9.38
C CYS B 63 -72.25 -9.32 -9.18
N TYR B 64 -72.79 -10.13 -8.26
CA TYR B 64 -74.21 -10.07 -7.96
C TYR B 64 -74.60 -8.69 -7.41
N ASP B 65 -73.70 -8.07 -6.66
CA ASP B 65 -73.97 -6.72 -6.15
C ASP B 65 -73.76 -5.67 -7.22
N ARG B 66 -72.79 -5.88 -8.11
CA ARG B 66 -72.54 -4.90 -9.17
C ARG B 66 -73.67 -4.86 -10.17
N MET B 67 -74.23 -6.02 -10.54
CA MET B 67 -75.32 -6.05 -11.50
C MET B 67 -76.57 -5.35 -10.97
N GLN B 68 -76.75 -5.32 -9.65
CA GLN B 68 -77.87 -4.60 -9.06
C GLN B 68 -77.59 -3.10 -8.97
N GLN B 69 -76.32 -2.70 -9.00
CA GLN B 69 -75.97 -1.28 -8.87
C GLN B 69 -76.17 -0.55 -10.18
N LEU B 70 -75.54 -1.02 -11.25
CA LEU B 70 -75.59 -0.32 -12.52
C LEU B 70 -77.01 -0.31 -13.08
N PRO B 71 -77.45 0.80 -13.64
CA PRO B 71 -78.81 0.90 -14.17
C PRO B 71 -78.92 0.19 -15.52
N ALA B 72 -80.09 0.34 -16.14
CA ALA B 72 -80.34 -0.27 -17.43
C ALA B 72 -79.55 0.43 -18.53
N TYR B 73 -79.37 -0.26 -19.64
CA TYR B 73 -78.61 0.26 -20.77
C TYR B 73 -79.51 1.12 -21.67
N GLN B 74 -78.87 2.04 -22.40
CA GLN B 74 -79.56 2.94 -23.31
C GLN B 74 -78.92 2.82 -24.69
N GLY B 75 -79.64 2.23 -25.63
CA GLY B 75 -79.15 2.07 -26.97
C GLY B 75 -80.27 1.72 -27.92
N GLU B 76 -80.13 2.15 -29.17
CA GLU B 76 -81.15 1.85 -30.18
C GLU B 76 -81.22 0.35 -30.45
N GLY B 77 -80.07 -0.26 -30.72
CA GLY B 77 -80.00 -1.69 -30.94
C GLY B 77 -80.08 -2.46 -29.63
N PRO B 78 -80.58 -3.69 -29.69
CA PRO B 78 -80.66 -4.51 -28.48
C PRO B 78 -79.29 -4.77 -27.88
N TYR B 79 -79.26 -4.99 -26.57
CA TYR B 79 -78.04 -5.16 -25.82
C TYR B 79 -78.06 -6.50 -25.09
N CYS B 80 -76.91 -7.17 -25.06
CA CYS B 80 -76.77 -8.39 -24.26
C CYS B 80 -76.86 -8.05 -22.78
N ASN B 81 -77.78 -8.72 -22.09
CA ASN B 81 -77.98 -8.44 -20.67
C ASN B 81 -76.75 -8.85 -19.86
N ARG B 82 -76.51 -8.11 -18.78
CA ARG B 82 -75.39 -8.43 -17.90
C ARG B 82 -75.59 -9.80 -17.26
N THR B 83 -74.49 -10.51 -17.05
CA THR B 83 -74.56 -11.85 -16.52
C THR B 83 -73.24 -12.22 -15.86
N TRP B 84 -73.29 -13.21 -14.98
CA TRP B 84 -72.12 -13.77 -14.32
C TRP B 84 -71.95 -15.20 -14.83
N ASP B 85 -70.92 -15.42 -15.65
CA ASP B 85 -70.51 -16.78 -15.92
C ASP B 85 -69.74 -17.32 -14.73
N GLY B 86 -69.49 -18.62 -14.74
CA GLY B 86 -68.89 -19.29 -13.60
C GLY B 86 -67.63 -18.66 -13.01
N TRP B 87 -66.98 -17.76 -13.75
CA TRP B 87 -65.70 -17.21 -13.31
C TRP B 87 -65.61 -15.69 -13.31
N LEU B 88 -66.31 -15.01 -14.22
CA LEU B 88 -66.11 -13.57 -14.39
C LEU B 88 -67.45 -12.84 -14.47
N CYS B 89 -67.38 -11.53 -14.36
CA CYS B 89 -68.54 -10.65 -14.42
C CYS B 89 -68.52 -9.87 -15.73
N TRP B 90 -69.67 -9.80 -16.39
CA TRP B 90 -69.82 -9.06 -17.62
C TRP B 90 -70.97 -8.06 -17.49
N ASP B 91 -70.72 -6.84 -17.98
CA ASP B 91 -71.71 -5.79 -17.92
C ASP B 91 -72.61 -5.82 -19.16
N ASP B 92 -73.54 -4.88 -19.23
CA ASP B 92 -74.39 -4.76 -20.41
C ASP B 92 -73.55 -4.43 -21.63
N THR B 93 -73.66 -5.26 -22.66
CA THR B 93 -72.83 -5.16 -23.84
C THR B 93 -73.68 -4.91 -25.08
N PRO B 94 -73.33 -3.94 -25.91
CA PRO B 94 -74.06 -3.74 -27.17
C PRO B 94 -73.90 -4.93 -28.10
N ALA B 95 -74.82 -5.03 -29.05
CA ALA B 95 -74.81 -6.15 -29.98
C ALA B 95 -73.64 -6.06 -30.94
N GLY B 96 -73.14 -7.22 -31.36
CA GLY B 96 -72.03 -7.29 -32.29
C GLY B 96 -70.72 -6.75 -31.75
N VAL B 97 -70.47 -6.88 -30.46
CA VAL B 97 -69.27 -6.35 -29.83
C VAL B 97 -68.58 -7.48 -29.07
N LEU B 98 -67.26 -7.56 -29.23
CA LEU B 98 -66.45 -8.51 -28.48
C LEU B 98 -65.87 -7.81 -27.25
N SER B 99 -66.23 -8.31 -26.07
CA SER B 99 -65.81 -7.71 -24.81
C SER B 99 -64.51 -8.36 -24.33
N TYR B 100 -63.58 -7.53 -23.88
CA TYR B 100 -62.28 -8.00 -23.38
C TYR B 100 -62.19 -7.79 -21.89
N GLN B 101 -61.47 -8.70 -21.23
CA GLN B 101 -61.32 -8.66 -19.78
C GLN B 101 -60.15 -9.57 -19.41
N PHE B 102 -59.40 -9.17 -18.39
CA PHE B 102 -58.24 -9.93 -17.96
C PHE B 102 -58.66 -11.30 -17.43
N CYS B 103 -57.74 -12.26 -17.55
CA CYS B 103 -58.02 -13.60 -17.04
C CYS B 103 -57.97 -13.60 -15.52
N PRO B 104 -58.81 -14.39 -14.86
CA PRO B 104 -58.80 -14.41 -13.38
C PRO B 104 -57.55 -15.03 -12.82
N ASP B 105 -57.40 -15.00 -11.49
CA ASP B 105 -56.26 -15.57 -10.80
C ASP B 105 -56.65 -16.75 -9.93
N TYR B 106 -57.66 -17.51 -10.35
CA TYR B 106 -58.18 -18.60 -9.52
C TYR B 106 -57.28 -19.83 -9.54
N PHE B 107 -56.63 -20.11 -10.66
CA PHE B 107 -55.88 -21.33 -10.83
C PHE B 107 -54.45 -21.02 -11.24
N PRO B 108 -53.50 -21.92 -10.94
CA PRO B 108 -52.11 -21.66 -11.32
C PRO B 108 -51.87 -21.64 -12.83
N ASP B 109 -52.66 -22.38 -13.60
CA ASP B 109 -52.49 -22.42 -15.04
C ASP B 109 -53.18 -21.27 -15.77
N PHE B 110 -53.75 -20.31 -15.03
CA PHE B 110 -54.37 -19.13 -15.62
C PHE B 110 -53.42 -17.95 -15.49
N ASP B 111 -53.13 -17.30 -16.62
CA ASP B 111 -52.25 -16.15 -16.64
C ASP B 111 -53.07 -14.87 -16.55
N PRO B 112 -52.94 -14.09 -15.48
CA PRO B 112 -53.74 -12.87 -15.35
C PRO B 112 -53.35 -11.76 -16.32
N SER B 113 -52.33 -11.97 -17.16
CA SER B 113 -51.99 -10.98 -18.17
C SER B 113 -52.80 -11.16 -19.45
N GLU B 114 -53.31 -12.37 -19.68
CA GLU B 114 -54.07 -12.67 -20.88
C GLU B 114 -55.49 -12.11 -20.76
N LYS B 115 -56.24 -12.20 -21.86
CA LYS B 115 -57.54 -11.58 -21.97
C LYS B 115 -58.63 -12.64 -22.13
N VAL B 116 -59.77 -12.39 -21.50
CA VAL B 116 -60.98 -13.20 -21.68
C VAL B 116 -61.91 -12.45 -22.61
N THR B 117 -62.45 -13.15 -23.60
CA THR B 117 -63.35 -12.55 -24.58
C THR B 117 -64.72 -13.20 -24.50
N LYS B 118 -65.76 -12.38 -24.61
CA LYS B 118 -67.14 -12.85 -24.69
C LYS B 118 -67.85 -12.07 -25.78
N TYR B 119 -68.38 -12.79 -26.76
CA TYR B 119 -68.98 -12.18 -27.94
C TYR B 119 -70.49 -12.04 -27.75
N CYS B 120 -71.02 -10.87 -28.08
CA CYS B 120 -72.45 -10.62 -28.09
C CYS B 120 -72.92 -10.56 -29.53
N ASP B 121 -73.87 -11.43 -29.88
CA ASP B 121 -74.36 -11.49 -31.25
C ASP B 121 -75.13 -10.22 -31.61
N GLU B 122 -75.24 -9.98 -32.92
CA GLU B 122 -75.95 -8.79 -33.39
C GLU B 122 -77.44 -8.87 -33.08
N LYS B 123 -77.98 -10.08 -32.93
CA LYS B 123 -79.38 -10.23 -32.58
C LYS B 123 -79.67 -9.90 -31.12
N GLY B 124 -78.63 -9.76 -30.29
CA GLY B 124 -78.80 -9.40 -28.90
C GLY B 124 -78.62 -10.51 -27.89
N VAL B 125 -78.13 -11.68 -28.32
CA VAL B 125 -77.94 -12.83 -27.44
C VAL B 125 -76.45 -13.11 -27.33
N TRP B 126 -76.04 -13.61 -26.16
CA TRP B 126 -74.64 -13.97 -25.97
C TRP B 126 -74.25 -15.11 -26.89
N PHE B 127 -72.96 -15.18 -27.21
CA PHE B 127 -72.45 -16.21 -28.10
C PHE B 127 -72.58 -17.59 -27.44
N LYS B 128 -73.04 -18.57 -28.20
CA LYS B 128 -73.16 -19.94 -27.75
C LYS B 128 -72.14 -20.80 -28.48
N HIS B 129 -71.52 -21.72 -27.74
CA HIS B 129 -70.54 -22.62 -28.34
C HIS B 129 -71.24 -23.55 -29.32
N PRO B 130 -70.70 -23.77 -30.51
CA PRO B 130 -71.41 -24.58 -31.51
C PRO B 130 -71.57 -26.05 -31.12
N GLU B 131 -70.70 -26.57 -30.26
CA GLU B 131 -70.75 -27.99 -29.94
C GLU B 131 -71.93 -28.31 -29.03
N ASN B 132 -72.13 -27.54 -27.97
CA ASN B 132 -73.20 -27.79 -27.01
C ASN B 132 -74.34 -26.79 -27.06
N ASN B 133 -74.19 -25.69 -27.80
CA ASN B 133 -75.23 -24.66 -27.91
C ASN B 133 -75.59 -24.08 -26.55
N ARG B 134 -74.58 -23.80 -25.75
CA ARG B 134 -74.75 -23.18 -24.44
C ARG B 134 -73.94 -21.90 -24.37
N THR B 135 -74.39 -20.96 -23.53
CA THR B 135 -73.68 -19.70 -23.36
C THR B 135 -72.26 -19.96 -22.88
N TRP B 136 -71.28 -19.43 -23.62
CA TRP B 136 -69.90 -19.82 -23.44
C TRP B 136 -69.00 -18.59 -23.50
N SER B 137 -68.08 -18.49 -22.55
CA SER B 137 -67.04 -17.48 -22.55
C SER B 137 -65.73 -18.11 -23.01
N ASN B 138 -64.87 -17.29 -23.60
CA ASN B 138 -63.63 -17.75 -24.21
C ASN B 138 -62.49 -17.58 -23.22
N TYR B 139 -62.00 -18.69 -22.66
CA TYR B 139 -60.88 -18.69 -21.73
C TYR B 139 -59.66 -19.44 -22.30
N THR B 140 -59.63 -19.66 -23.62
CA THR B 140 -58.56 -20.46 -24.21
C THR B 140 -57.20 -19.77 -24.11
N MET B 141 -57.18 -18.44 -24.13
CA MET B 141 -55.92 -17.72 -24.08
C MET B 141 -55.35 -17.60 -22.68
N CYS B 142 -56.10 -18.00 -21.64
CA CYS B 142 -55.65 -17.81 -20.28
C CYS B 142 -54.54 -18.76 -19.87
N ASN B 143 -54.29 -19.81 -20.64
CA ASN B 143 -53.31 -20.82 -20.27
C ASN B 143 -51.92 -20.20 -20.11
N ALA B 144 -51.31 -20.40 -18.95
CA ALA B 144 -50.01 -19.84 -18.65
C ALA B 144 -48.85 -20.78 -18.97
N PHE B 145 -49.14 -22.03 -19.32
CA PHE B 145 -48.12 -23.03 -19.59
C PHE B 145 -48.13 -23.46 -21.06
N THR B 146 -48.30 -22.48 -21.96
CA THR B 146 -48.19 -22.74 -23.38
C THR B 146 -46.76 -23.14 -23.72
N PRO B 147 -46.56 -23.81 -24.86
CA PRO B 147 -45.19 -24.17 -25.26
C PRO B 147 -44.25 -22.97 -25.37
N GLU B 148 -44.78 -21.80 -25.72
CA GLU B 148 -43.93 -20.62 -25.84
C GLU B 148 -43.56 -20.07 -24.47
N LYS B 149 -44.53 -20.00 -23.56
CA LYS B 149 -44.25 -19.49 -22.21
C LYS B 149 -43.37 -20.44 -21.42
N LEU B 150 -43.47 -21.75 -21.66
CA LEU B 150 -42.60 -22.70 -20.99
C LEU B 150 -41.17 -22.58 -21.49
N LYS B 151 -40.99 -22.32 -22.79
CA LYS B 151 -39.65 -22.19 -23.34
C LYS B 151 -38.92 -20.99 -22.74
N ASN B 152 -39.64 -19.88 -22.54
CA ASN B 152 -39.01 -18.70 -21.96
C ASN B 152 -38.65 -18.92 -20.49
N ALA B 153 -39.40 -19.76 -19.78
CA ALA B 153 -39.13 -19.99 -18.37
C ALA B 153 -37.93 -20.90 -18.16
N TYR B 154 -37.75 -21.91 -19.02
CA TYR B 154 -36.61 -22.80 -18.87
C TYR B 154 -35.31 -22.11 -19.27
N VAL B 155 -35.39 -21.07 -20.11
CA VAL B 155 -34.21 -20.26 -20.37
C VAL B 155 -33.77 -19.54 -19.10
N LEU B 156 -34.73 -18.93 -18.40
CA LEU B 156 -34.42 -18.33 -17.11
C LEU B 156 -34.00 -19.37 -16.08
N TYR B 157 -34.48 -20.61 -16.23
CA TYR B 157 -34.14 -21.65 -15.29
C TYR B 157 -32.67 -22.02 -15.38
N TYR B 158 -32.19 -22.34 -16.59
CA TYR B 158 -30.79 -22.68 -16.78
C TYR B 158 -29.88 -21.46 -16.66
N LEU B 159 -30.42 -20.25 -16.84
CA LEU B 159 -29.66 -19.04 -16.53
C LEU B 159 -29.36 -18.95 -15.05
N ALA B 160 -30.29 -19.42 -14.20
CA ALA B 160 -30.07 -19.39 -12.76
C ALA B 160 -29.08 -20.46 -12.33
N ILE B 161 -29.22 -21.67 -12.87
CA ILE B 161 -28.32 -22.76 -12.47
C ILE B 161 -26.88 -22.45 -12.88
N VAL B 162 -26.69 -21.90 -14.07
CA VAL B 162 -25.35 -21.56 -14.53
C VAL B 162 -24.80 -20.36 -13.78
N GLY B 163 -25.62 -19.33 -13.58
CA GLY B 163 -25.16 -18.15 -12.88
C GLY B 163 -24.70 -18.45 -11.47
N HIS B 164 -25.47 -19.26 -10.74
CA HIS B 164 -25.08 -19.61 -9.39
C HIS B 164 -23.95 -20.62 -9.36
N SER B 165 -23.86 -21.50 -10.37
CA SER B 165 -22.74 -22.42 -10.46
C SER B 165 -21.43 -21.66 -10.71
N LEU B 166 -21.46 -20.74 -11.68
CA LEU B 166 -20.27 -19.92 -11.95
C LEU B 166 -19.93 -19.04 -10.75
N SER B 167 -20.94 -18.58 -10.02
CA SER B 167 -20.70 -17.77 -8.84
C SER B 167 -19.97 -18.58 -7.77
N ILE B 168 -20.46 -19.79 -7.48
CA ILE B 168 -19.85 -20.63 -6.46
C ILE B 168 -18.38 -20.90 -6.80
N PHE B 169 -18.09 -21.22 -8.06
CA PHE B 169 -16.72 -21.55 -8.45
C PHE B 169 -15.79 -20.37 -8.23
N THR B 170 -16.21 -19.16 -8.64
CA THR B 170 -15.35 -18.00 -8.52
C THR B 170 -15.29 -17.46 -7.10
N LEU B 171 -16.39 -17.57 -6.35
CA LEU B 171 -16.39 -17.04 -4.99
C LEU B 171 -15.65 -17.97 -4.02
N VAL B 172 -15.74 -19.28 -4.23
CA VAL B 172 -14.95 -20.21 -3.41
C VAL B 172 -13.46 -19.97 -3.62
N ILE B 173 -13.05 -19.77 -4.87
CA ILE B 173 -11.65 -19.45 -5.16
C ILE B 173 -11.29 -18.09 -4.58
N SER B 174 -12.18 -17.11 -4.75
CA SER B 174 -11.93 -15.77 -4.21
C SER B 174 -11.85 -15.81 -2.69
N LEU B 175 -12.78 -16.51 -2.04
CA LEU B 175 -12.73 -16.63 -0.60
C LEU B 175 -11.49 -17.38 -0.14
N GLY B 176 -11.02 -18.34 -0.92
CA GLY B 176 -9.79 -19.03 -0.58
C GLY B 176 -8.57 -18.14 -0.72
N ILE B 177 -8.57 -17.25 -1.70
CA ILE B 177 -7.46 -16.32 -1.89
C ILE B 177 -7.37 -15.36 -0.71
N PHE B 178 -8.52 -14.83 -0.27
CA PHE B 178 -8.53 -13.92 0.87
C PHE B 178 -8.28 -14.63 2.19
N VAL B 179 -8.52 -15.94 2.26
CA VAL B 179 -8.27 -16.67 3.50
C VAL B 179 -6.81 -17.07 3.59
N PHE B 180 -6.22 -17.54 2.49
CA PHE B 180 -4.87 -18.08 2.50
C PHE B 180 -3.80 -17.00 2.44
N PHE B 181 -4.04 -15.91 1.72
CA PHE B 181 -3.09 -14.80 1.62
C PHE B 181 -3.39 -13.81 2.73
N ARG B 182 -2.70 -13.97 3.86
CA ARG B 182 -2.97 -13.15 5.03
C ARG B 182 -2.51 -11.71 4.86
N SER B 183 -1.60 -11.44 3.91
CA SER B 183 -1.13 -10.08 3.71
C SER B 183 -2.24 -9.16 3.21
N LEU B 184 -3.23 -9.71 2.51
CA LEU B 184 -4.35 -8.91 2.03
C LEU B 184 -5.32 -8.52 3.13
N GLY B 185 -5.19 -9.10 4.32
CA GLY B 185 -6.14 -8.89 5.40
C GLY B 185 -6.31 -7.45 5.86
N CYS B 186 -7.57 -7.03 5.98
CA CYS B 186 -7.94 -5.71 6.49
C CYS B 186 -9.43 -5.75 6.79
N GLN B 187 -9.97 -4.61 7.26
CA GLN B 187 -11.38 -4.57 7.59
C GLN B 187 -12.24 -4.68 6.33
N ARG B 188 -11.78 -4.13 5.21
CA ARG B 188 -12.52 -4.27 3.96
C ARG B 188 -12.56 -5.73 3.51
N VAL B 189 -11.43 -6.44 3.61
CA VAL B 189 -11.38 -7.83 3.19
C VAL B 189 -12.24 -8.69 4.11
N THR B 190 -12.30 -8.35 5.40
CA THR B 190 -13.11 -9.12 6.34
C THR B 190 -14.59 -9.08 5.94
N LEU B 191 -15.09 -7.89 5.61
CA LEU B 191 -16.48 -7.79 5.16
C LEU B 191 -16.68 -8.49 3.82
N HIS B 192 -15.67 -8.46 2.96
CA HIS B 192 -15.77 -9.16 1.68
C HIS B 192 -15.88 -10.66 1.88
N LYS B 193 -15.15 -11.21 2.86
CA LYS B 193 -15.24 -12.64 3.15
C LYS B 193 -16.66 -13.03 3.53
N ASN B 194 -17.26 -12.28 4.46
CA ASN B 194 -18.64 -12.56 4.85
C ASN B 194 -19.60 -12.34 3.68
N MET B 195 -19.38 -11.28 2.90
CA MET B 195 -20.18 -11.04 1.71
C MET B 195 -20.05 -12.20 0.73
N PHE B 196 -18.84 -12.72 0.56
CA PHE B 196 -18.63 -13.84 -0.34
C PHE B 196 -19.36 -15.09 0.13
N LEU B 197 -19.42 -15.30 1.45
CA LEU B 197 -20.03 -16.52 1.97
C LEU B 197 -21.55 -16.48 1.82
N THR B 198 -22.16 -15.30 1.96
CA THR B 198 -23.59 -15.18 1.69
C THR B 198 -23.91 -15.58 0.26
N TYR B 199 -23.13 -15.08 -0.70
CA TYR B 199 -23.33 -15.44 -2.10
C TYR B 199 -23.15 -16.94 -2.31
N ILE B 200 -22.19 -17.55 -1.62
CA ILE B 200 -21.94 -18.98 -1.79
C ILE B 200 -23.11 -19.79 -1.23
N LEU B 201 -23.52 -19.49 -0.01
CA LEU B 201 -24.58 -20.27 0.62
C LEU B 201 -25.93 -20.03 -0.06
N ASN B 202 -26.19 -18.79 -0.48
CA ASN B 202 -27.43 -18.49 -1.19
C ASN B 202 -27.48 -19.20 -2.53
N SER B 203 -26.33 -19.33 -3.19
CA SER B 203 -26.30 -20.00 -4.49
C SER B 203 -26.47 -21.51 -4.33
N MET B 204 -25.84 -22.11 -3.32
CA MET B 204 -25.99 -23.54 -3.11
C MET B 204 -27.43 -23.90 -2.78
N ILE B 205 -28.09 -23.12 -1.93
CA ILE B 205 -29.46 -23.41 -1.56
C ILE B 205 -30.40 -23.23 -2.76
N ILE B 206 -30.16 -22.20 -3.56
CA ILE B 206 -31.00 -21.96 -4.73
C ILE B 206 -30.89 -23.12 -5.71
N ILE B 207 -29.70 -23.67 -5.89
CA ILE B 207 -29.53 -24.82 -6.76
C ILE B 207 -30.24 -26.05 -6.20
N ILE B 208 -30.19 -26.23 -4.88
CA ILE B 208 -30.89 -27.35 -4.25
C ILE B 208 -32.39 -27.19 -4.43
N HIS B 209 -32.91 -25.97 -4.26
CA HIS B 209 -34.33 -25.74 -4.41
C HIS B 209 -34.79 -25.98 -5.85
N LEU B 210 -33.98 -25.54 -6.82
CA LEU B 210 -34.36 -25.64 -8.22
C LEU B 210 -34.16 -27.04 -8.80
N VAL B 211 -33.37 -27.89 -8.13
CA VAL B 211 -33.06 -29.22 -8.64
C VAL B 211 -33.78 -30.31 -7.86
N GLU B 212 -33.88 -30.16 -6.54
CA GLU B 212 -34.42 -31.20 -5.68
C GLU B 212 -35.87 -30.98 -5.27
N VAL B 213 -36.42 -29.78 -5.48
CA VAL B 213 -37.78 -29.45 -5.07
C VAL B 213 -38.65 -29.06 -6.26
N VAL B 214 -38.15 -28.16 -7.11
CA VAL B 214 -38.96 -27.68 -8.23
C VAL B 214 -39.35 -28.79 -9.20
N PRO B 215 -38.44 -29.68 -9.63
CA PRO B 215 -38.86 -30.72 -10.59
C PRO B 215 -39.75 -31.79 -9.97
N ASN B 216 -39.54 -32.10 -8.69
CA ASN B 216 -40.24 -33.19 -8.03
C ASN B 216 -41.64 -32.75 -7.67
N GLY B 217 -42.61 -33.07 -8.52
CA GLY B 217 -43.99 -32.70 -8.24
C GLY B 217 -44.63 -33.55 -7.15
N GLU B 218 -44.16 -34.79 -7.01
CA GLU B 218 -44.70 -35.67 -5.97
C GLU B 218 -44.38 -35.13 -4.58
N LEU B 219 -43.15 -34.64 -4.38
CA LEU B 219 -42.76 -34.07 -3.10
C LEU B 219 -43.59 -32.82 -2.78
N VAL B 220 -43.81 -31.97 -3.78
CA VAL B 220 -44.54 -30.72 -3.55
C VAL B 220 -45.99 -31.01 -3.21
N ARG B 221 -46.61 -31.99 -3.89
CA ARG B 221 -48.00 -32.30 -3.64
C ARG B 221 -48.21 -32.85 -2.23
N ARG B 222 -47.21 -33.55 -1.69
CA ARG B 222 -47.33 -34.09 -0.34
C ARG B 222 -47.23 -32.99 0.71
N ASP B 223 -46.50 -31.92 0.42
CA ASP B 223 -46.30 -30.78 1.32
C ASP B 223 -45.67 -31.23 2.64
N PRO B 224 -44.45 -31.74 2.63
CA PRO B 224 -43.80 -32.14 3.89
C PRO B 224 -43.19 -30.94 4.59
N VAL B 225 -42.85 -31.14 5.87
CA VAL B 225 -42.20 -30.09 6.63
C VAL B 225 -40.75 -29.90 6.21
N SER B 226 -40.17 -30.88 5.50
CA SER B 226 -38.78 -30.77 5.09
C SER B 226 -38.57 -29.73 4.01
N CYS B 227 -39.57 -29.51 3.15
CA CYS B 227 -39.43 -28.48 2.13
C CYS B 227 -39.76 -27.09 2.68
N LYS B 228 -40.59 -27.02 3.72
CA LYS B 228 -40.76 -25.75 4.43
C LYS B 228 -39.52 -25.39 5.23
N ILE B 229 -38.73 -26.39 5.62
CA ILE B 229 -37.45 -26.12 6.25
C ILE B 229 -36.48 -25.50 5.26
N LEU B 230 -36.39 -26.08 4.05
CA LEU B 230 -35.51 -25.54 3.03
C LEU B 230 -35.94 -24.13 2.62
N HIS B 231 -37.24 -23.83 2.71
CA HIS B 231 -37.70 -22.50 2.39
C HIS B 231 -37.26 -21.48 3.43
N PHE B 232 -37.32 -21.86 4.71
CA PHE B 232 -36.85 -20.96 5.76
C PHE B 232 -35.37 -20.66 5.61
N PHE B 233 -34.57 -21.67 5.25
CA PHE B 233 -33.13 -21.46 5.07
C PHE B 233 -32.86 -20.65 3.80
N HIS B 234 -33.63 -20.91 2.75
CA HIS B 234 -33.47 -20.14 1.49
C HIS B 234 -33.78 -18.66 1.76
N GLN B 235 -34.90 -18.38 2.43
CA GLN B 235 -35.29 -17.00 2.70
C GLN B 235 -34.30 -16.34 3.65
N TYR B 236 -33.78 -17.09 4.62
CA TYR B 236 -32.81 -16.53 5.55
C TYR B 236 -31.52 -16.16 4.84
N MET B 237 -30.99 -17.05 4.01
CA MET B 237 -29.73 -16.77 3.32
C MET B 237 -29.92 -15.74 2.21
N MET B 238 -31.13 -15.66 1.65
CA MET B 238 -31.41 -14.60 0.65
C MET B 238 -31.41 -13.24 1.37
N ALA B 239 -32.08 -13.13 2.53
CA ALA B 239 -32.10 -11.87 3.26
C ALA B 239 -30.72 -11.53 3.81
N CYS B 240 -29.98 -12.53 4.28
CA CYS B 240 -28.61 -12.29 4.72
C CYS B 240 -27.76 -11.75 3.57
N ASN B 241 -27.99 -12.25 2.36
CA ASN B 241 -27.24 -11.77 1.21
C ASN B 241 -27.53 -10.30 0.93
N TYR B 242 -28.81 -9.91 0.99
CA TYR B 242 -29.17 -8.53 0.70
C TYR B 242 -28.67 -7.57 1.78
N PHE B 243 -28.75 -7.99 3.04
CA PHE B 243 -28.33 -7.11 4.12
C PHE B 243 -26.82 -7.00 4.25
N TRP B 244 -26.07 -7.97 3.71
CA TRP B 244 -24.62 -7.82 3.65
C TRP B 244 -24.22 -6.86 2.53
N MET B 245 -25.05 -6.72 1.50
CA MET B 245 -24.86 -5.64 0.54
C MET B 245 -25.02 -4.29 1.23
N LEU B 246 -25.96 -4.19 2.16
CA LEU B 246 -26.13 -2.96 2.93
C LEU B 246 -24.96 -2.75 3.89
N CYS B 247 -24.43 -3.83 4.47
CA CYS B 247 -23.25 -3.71 5.31
C CYS B 247 -22.06 -3.16 4.54
N GLU B 248 -21.87 -3.62 3.30
CA GLU B 248 -20.80 -3.09 2.47
C GLU B 248 -21.02 -1.61 2.18
N GLY B 249 -22.26 -1.21 1.92
CA GLY B 249 -22.53 0.19 1.62
C GLY B 249 -22.33 1.11 2.82
N ILE B 250 -22.75 0.67 4.00
CA ILE B 250 -22.57 1.47 5.21
C ILE B 250 -21.09 1.67 5.49
N TYR B 251 -20.28 0.62 5.33
CA TYR B 251 -18.86 0.72 5.62
C TYR B 251 -18.16 1.64 4.62
N LEU B 252 -18.47 1.48 3.32
CA LEU B 252 -17.85 2.33 2.31
C LEU B 252 -18.29 3.78 2.47
N HIS B 253 -19.56 4.02 2.82
CA HIS B 253 -20.03 5.41 3.01
C HIS B 253 -19.45 5.98 4.31
N THR B 254 -19.04 5.14 5.26
CA THR B 254 -18.37 5.64 6.45
C THR B 254 -16.89 5.89 6.20
N LEU B 255 -16.36 5.36 5.12
CA LEU B 255 -14.94 5.65 4.78
C LEU B 255 -14.89 6.94 3.97
N ILE B 256 -15.56 6.97 2.82
CA ILE B 256 -15.49 8.14 1.89
C ILE B 256 -16.22 9.40 2.36
N VAL B 257 -17.43 9.28 2.92
CA VAL B 257 -18.23 10.52 3.18
C VAL B 257 -18.21 11.02 4.64
N VAL B 258 -18.48 10.17 5.63
CA VAL B 258 -18.60 10.68 7.03
C VAL B 258 -17.57 9.97 7.92
N ALA B 259 -17.04 10.67 8.94
CA ALA B 259 -16.03 10.05 9.83
C ALA B 259 -14.89 9.50 8.98
N VAL B 260 -14.34 10.31 8.08
CA VAL B 260 -13.30 9.79 7.14
C VAL B 260 -12.07 9.27 7.91
N PHE B 261 -11.65 9.92 9.00
CA PHE B 261 -10.44 9.42 9.69
C PHE B 261 -10.71 8.03 10.25
N THR B 262 -11.83 7.85 10.95
CA THR B 262 -12.27 6.51 11.44
C THR B 262 -11.12 5.71 12.06
N GLU B 263 -10.90 4.46 11.60
CA GLU B 263 -9.83 3.55 12.13
C GLU B 263 -10.32 2.89 13.42
N LYS B 264 -11.56 3.18 13.83
CA LYS B 264 -12.12 2.63 15.09
C LYS B 264 -13.40 1.84 14.79
N GLN B 265 -13.61 1.42 13.54
CA GLN B 265 -14.88 0.74 13.18
C GLN B 265 -15.02 -0.57 13.96
N ARG B 266 -16.22 -0.88 14.44
CA ARG B 266 -16.45 -2.17 15.15
C ARG B 266 -17.25 -3.09 14.23
N LEU B 267 -16.68 -4.25 13.89
CA LEU B 267 -17.35 -5.23 12.98
C LEU B 267 -18.59 -5.83 13.65
N ARG B 268 -18.61 -5.88 14.99
CA ARG B 268 -19.76 -6.49 15.73
C ARG B 268 -21.11 -6.05 15.15
N TRP B 269 -21.31 -4.75 14.89
CA TRP B 269 -22.59 -4.27 14.41
C TRP B 269 -22.84 -4.72 12.97
N TYR B 270 -21.79 -4.88 12.17
CA TYR B 270 -21.96 -5.40 10.82
C TYR B 270 -22.31 -6.88 10.84
N TYR B 271 -21.71 -7.65 11.76
CA TYR B 271 -22.06 -9.06 11.89
C TYR B 271 -23.52 -9.22 12.31
N LEU B 272 -24.00 -8.35 13.18
CA LEU B 272 -25.40 -8.44 13.63
C LEU B 272 -26.36 -8.02 12.54
N LEU B 273 -25.95 -7.08 11.68
CA LEU B 273 -26.84 -6.62 10.62
C LEU B 273 -26.92 -7.63 9.48
N GLY B 274 -25.78 -8.22 9.12
CA GLY B 274 -25.74 -9.12 7.99
C GLY B 274 -26.22 -10.52 8.30
N TRP B 275 -25.85 -11.04 9.46
CA TRP B 275 -26.21 -12.40 9.85
C TRP B 275 -27.35 -12.47 10.86
N GLY B 276 -27.51 -11.47 11.71
CA GLY B 276 -28.45 -11.55 12.80
C GLY B 276 -29.84 -11.03 12.50
N PHE B 277 -29.93 -9.79 12.01
CA PHE B 277 -31.23 -9.18 11.75
C PHE B 277 -32.06 -9.94 10.72
N PRO B 278 -31.50 -10.50 9.62
CA PRO B 278 -32.35 -11.24 8.67
C PRO B 278 -33.16 -12.37 9.29
N LEU B 279 -32.81 -12.77 10.51
CA LEU B 279 -33.60 -13.77 11.22
C LEU B 279 -34.92 -13.20 11.74
N VAL B 280 -35.03 -11.89 11.88
CA VAL B 280 -36.26 -11.28 12.42
C VAL B 280 -37.38 -11.36 11.39
N PRO B 281 -37.23 -10.83 10.16
CA PRO B 281 -38.34 -10.94 9.21
C PRO B 281 -38.57 -12.36 8.72
N THR B 282 -37.54 -13.19 8.67
CA THR B 282 -37.72 -14.57 8.22
C THR B 282 -38.52 -15.38 9.23
N THR B 283 -38.35 -15.11 10.52
CA THR B 283 -39.13 -15.83 11.53
C THR B 283 -40.56 -15.32 11.59
N ILE B 284 -40.75 -14.00 11.53
CA ILE B 284 -42.10 -13.45 11.52
C ILE B 284 -42.87 -13.93 10.30
N HIS B 285 -42.20 -14.00 9.15
CA HIS B 285 -42.86 -14.46 7.94
C HIS B 285 -43.26 -15.93 8.05
N ALA B 286 -42.36 -16.76 8.56
CA ALA B 286 -42.65 -18.19 8.66
C ALA B 286 -43.82 -18.47 9.59
N ILE B 287 -43.94 -17.69 10.67
CA ILE B 287 -45.05 -17.88 11.60
C ILE B 287 -46.38 -17.57 10.91
N THR B 288 -46.47 -16.39 10.28
CA THR B 288 -47.70 -16.02 9.59
C THR B 288 -47.96 -16.93 8.40
N ARG B 289 -46.89 -17.43 7.76
CA ARG B 289 -47.06 -18.35 6.64
C ARG B 289 -47.59 -19.70 7.11
N ALA B 290 -47.06 -20.22 8.22
CA ALA B 290 -47.56 -21.49 8.75
C ALA B 290 -48.97 -21.36 9.29
N VAL B 291 -49.41 -20.14 9.59
CA VAL B 291 -50.74 -19.94 10.17
C VAL B 291 -51.76 -19.53 9.11
N TYR B 292 -51.44 -18.53 8.29
CA TYR B 292 -52.44 -17.90 7.42
C TYR B 292 -52.38 -18.38 5.98
N PHE B 293 -51.18 -18.55 5.40
CA PHE B 293 -51.05 -18.99 4.01
C PHE B 293 -50.08 -20.18 3.99
N ASN B 294 -50.61 -21.36 4.29
CA ASN B 294 -49.81 -22.58 4.36
C ASN B 294 -49.97 -23.39 3.07
N ASP B 295 -49.38 -22.86 2.00
CA ASP B 295 -49.42 -23.53 0.72
C ASP B 295 -48.31 -24.58 0.63
N ASN B 296 -48.32 -25.33 -0.48
CA ASN B 296 -47.37 -26.41 -0.67
C ASN B 296 -45.93 -25.89 -0.70
N CYS B 297 -45.17 -26.20 0.34
CA CYS B 297 -43.76 -25.84 0.47
C CYS B 297 -43.55 -24.32 0.48
N TRP B 298 -44.59 -23.56 0.79
CA TRP B 298 -44.52 -22.10 0.86
C TRP B 298 -43.96 -21.51 -0.44
N LEU B 299 -44.39 -22.08 -1.57
CA LEU B 299 -43.90 -21.67 -2.88
C LEU B 299 -44.67 -20.51 -3.48
N SER B 300 -45.90 -20.28 -3.06
CA SER B 300 -46.74 -19.27 -3.69
C SER B 300 -46.17 -17.87 -3.44
N VAL B 301 -46.28 -17.02 -4.47
CA VAL B 301 -45.83 -15.60 -4.37
C VAL B 301 -47.09 -14.72 -4.38
N GLU B 302 -48.28 -15.32 -4.36
CA GLU B 302 -49.50 -14.52 -4.46
C GLU B 302 -49.82 -13.79 -3.17
N THR B 303 -49.46 -14.35 -2.03
CA THR B 303 -49.76 -13.73 -0.75
C THR B 303 -48.89 -12.50 -0.52
N HIS B 304 -49.46 -11.51 0.16
CA HIS B 304 -48.72 -10.31 0.55
C HIS B 304 -47.85 -10.52 1.78
N LEU B 305 -47.86 -11.72 2.36
CA LEU B 305 -47.00 -12.01 3.50
C LEU B 305 -45.53 -11.97 3.11
N LEU B 306 -45.24 -12.11 1.81
CA LEU B 306 -43.85 -12.09 1.37
C LEU B 306 -43.20 -10.74 1.59
N TYR B 307 -43.99 -9.67 1.63
CA TYR B 307 -43.44 -8.34 1.88
C TYR B 307 -42.93 -8.18 3.31
N ILE B 308 -43.15 -9.17 4.17
CA ILE B 308 -42.53 -9.16 5.49
C ILE B 308 -41.01 -9.26 5.37
N ILE B 309 -40.54 -10.00 4.38
CA ILE B 309 -39.11 -10.12 4.12
C ILE B 309 -38.66 -9.16 3.04
N HIS B 310 -39.38 -9.14 1.91
CA HIS B 310 -38.96 -8.32 0.74
C HIS B 310 -39.13 -6.82 1.01
N GLY B 311 -40.07 -6.46 1.87
CA GLY B 311 -40.23 -5.08 2.26
C GLY B 311 -38.97 -4.50 2.87
N PRO B 312 -38.47 -5.13 3.94
CA PRO B 312 -37.21 -4.64 4.54
C PRO B 312 -36.02 -4.67 3.61
N VAL B 313 -35.87 -5.71 2.78
CA VAL B 313 -34.69 -5.77 1.91
C VAL B 313 -34.79 -4.73 0.81
N MET B 314 -36.00 -4.35 0.39
CA MET B 314 -36.12 -3.28 -0.59
C MET B 314 -35.77 -1.93 0.04
N ALA B 315 -36.12 -1.74 1.32
CA ALA B 315 -35.74 -0.52 2.01
C ALA B 315 -34.25 -0.45 2.27
N ALA B 316 -33.60 -1.61 2.49
CA ALA B 316 -32.17 -1.61 2.72
C ALA B 316 -31.39 -1.28 1.45
N LEU B 317 -31.89 -1.75 0.30
CA LEU B 317 -31.21 -1.47 -0.96
C LEU B 317 -31.46 -0.04 -1.43
N VAL B 318 -32.60 0.54 -1.05
CA VAL B 318 -32.85 1.95 -1.36
C VAL B 318 -31.88 2.85 -0.60
N VAL B 319 -31.60 2.50 0.66
CA VAL B 319 -30.57 3.21 1.42
C VAL B 319 -29.22 3.08 0.71
N ASN B 320 -28.92 1.89 0.18
CA ASN B 320 -27.69 1.71 -0.57
C ASN B 320 -27.65 2.59 -1.81
N PHE B 321 -28.82 2.92 -2.37
CA PHE B 321 -28.86 3.81 -3.52
C PHE B 321 -28.46 5.23 -3.14
N PHE B 322 -28.91 5.69 -1.98
CA PHE B 322 -28.52 7.02 -1.52
C PHE B 322 -27.06 7.07 -1.08
N PHE B 323 -26.52 5.96 -0.58
CA PHE B 323 -25.09 5.89 -0.32
C PHE B 323 -24.30 6.01 -1.61
N LEU B 324 -24.77 5.37 -2.68
CA LEU B 324 -24.08 5.43 -3.96
C LEU B 324 -24.01 6.86 -4.49
N LEU B 325 -25.14 7.58 -4.43
CA LEU B 325 -25.17 8.96 -4.94
C LEU B 325 -24.21 9.85 -4.15
N ASN B 326 -24.16 9.67 -2.82
CA ASN B 326 -23.24 10.48 -1.97
C ASN B 326 -21.77 10.15 -2.25
N ILE B 327 -21.47 8.92 -2.69
CA ILE B 327 -20.06 8.50 -2.84
C ILE B 327 -19.60 8.96 -4.23
N VAL B 328 -20.51 8.87 -5.20
CA VAL B 328 -20.16 9.38 -6.52
C VAL B 328 -20.04 10.90 -6.49
N ARG B 329 -20.95 11.56 -5.77
CA ARG B 329 -20.83 13.05 -5.66
C ARG B 329 -19.50 13.42 -5.01
N VAL B 330 -19.18 12.84 -3.85
CA VAL B 330 -17.87 13.13 -3.17
C VAL B 330 -16.73 12.86 -4.17
N LEU B 331 -16.81 11.76 -4.93
CA LEU B 331 -15.74 11.44 -5.86
C LEU B 331 -15.62 12.51 -6.95
N VAL B 332 -16.75 13.05 -7.41
CA VAL B 332 -16.72 14.04 -8.49
C VAL B 332 -16.03 15.32 -8.01
N THR B 333 -16.30 15.72 -6.76
CA THR B 333 -15.67 16.93 -6.23
C THR B 333 -14.16 16.80 -6.15
N LYS B 334 -13.66 15.57 -5.95
CA LYS B 334 -12.22 15.37 -5.88
C LYS B 334 -11.57 15.39 -7.27
N MET B 335 -12.30 14.95 -8.31
CA MET B 335 -11.79 15.08 -9.66
C MET B 335 -11.79 16.53 -10.12
N ARG B 336 -12.73 17.35 -9.61
CA ARG B 336 -12.73 18.76 -9.95
C ARG B 336 -11.63 19.52 -9.23
N GLU B 337 -11.28 19.09 -8.01
CA GLU B 337 -10.23 19.76 -7.26
C GLU B 337 -8.87 19.56 -7.91
N THR B 338 -8.65 18.42 -8.54
CA THR B 338 -7.41 18.15 -9.27
C THR B 338 -7.49 18.62 -10.72
N HIS B 339 -8.57 19.30 -11.10
CA HIS B 339 -8.73 19.85 -12.45
C HIS B 339 -8.65 18.76 -13.52
N GLU B 340 -9.33 17.65 -13.28
CA GLU B 340 -9.38 16.57 -14.26
C GLU B 340 -10.23 16.99 -15.45
N ALA B 341 -9.83 16.54 -16.64
CA ALA B 341 -10.56 16.86 -17.86
C ALA B 341 -12.00 16.36 -17.77
N GLU B 342 -12.91 17.10 -18.40
CA GLU B 342 -14.32 16.73 -18.37
C GLU B 342 -14.57 15.39 -19.03
N SER B 343 -13.74 15.01 -20.00
CA SER B 343 -13.88 13.69 -20.61
C SER B 343 -13.40 12.59 -19.67
N HIS B 344 -12.26 12.80 -19.02
CA HIS B 344 -11.75 11.82 -18.06
C HIS B 344 -12.55 11.79 -16.77
N MET B 345 -13.29 12.86 -16.46
CA MET B 345 -14.14 12.86 -15.29
C MET B 345 -15.33 11.92 -15.47
N TYR B 346 -15.89 11.88 -16.68
CA TYR B 346 -17.10 11.09 -16.91
C TYR B 346 -16.78 9.60 -17.00
N LEU B 347 -15.68 9.24 -17.66
CA LEU B 347 -15.37 7.82 -17.84
C LEU B 347 -14.93 7.17 -16.54
N LYS B 348 -14.46 7.96 -15.58
CA LYS B 348 -14.07 7.42 -14.28
C LYS B 348 -15.19 7.49 -13.25
N ALA B 349 -16.13 8.42 -13.42
CA ALA B 349 -17.31 8.44 -12.56
C ALA B 349 -18.28 7.33 -12.93
N VAL B 350 -18.46 7.08 -14.23
CA VAL B 350 -19.30 5.96 -14.67
C VAL B 350 -18.67 4.64 -14.26
N LYS B 351 -17.34 4.53 -14.37
CA LYS B 351 -16.66 3.31 -13.97
C LYS B 351 -16.83 3.04 -12.48
N ALA B 352 -16.69 4.08 -11.65
CA ALA B 352 -16.87 3.91 -10.22
C ALA B 352 -18.32 3.56 -9.88
N THR B 353 -19.27 4.14 -10.61
CA THR B 353 -20.67 3.76 -10.43
C THR B 353 -20.90 2.32 -10.86
N MET B 354 -20.29 1.91 -11.97
CA MET B 354 -20.55 0.58 -12.52
C MET B 354 -19.99 -0.52 -11.62
N ILE B 355 -18.85 -0.29 -10.96
CA ILE B 355 -18.29 -1.32 -10.09
C ILE B 355 -18.96 -1.36 -8.73
N LEU B 356 -19.72 -0.31 -8.37
CA LEU B 356 -20.43 -0.31 -7.10
C LEU B 356 -21.83 -0.91 -7.22
N VAL B 357 -22.35 -1.03 -8.44
CA VAL B 357 -23.70 -1.57 -8.62
C VAL B 357 -23.80 -3.02 -8.16
N PRO B 358 -22.93 -3.94 -8.58
CA PRO B 358 -23.06 -5.33 -8.09
C PRO B 358 -22.80 -5.47 -6.61
N LEU B 359 -21.94 -4.62 -6.04
CA LEU B 359 -21.64 -4.72 -4.62
C LEU B 359 -22.82 -4.25 -3.76
N LEU B 360 -23.51 -3.20 -4.19
CA LEU B 360 -24.57 -2.61 -3.40
C LEU B 360 -25.97 -3.07 -3.83
N GLY B 361 -26.07 -3.89 -4.86
CA GLY B 361 -27.38 -4.32 -5.33
C GLY B 361 -28.23 -3.20 -5.89
N ILE B 362 -27.63 -2.29 -6.65
CA ILE B 362 -28.36 -1.13 -7.17
C ILE B 362 -29.35 -1.56 -8.24
N GLN B 363 -29.11 -2.70 -8.91
CA GLN B 363 -30.01 -3.15 -9.96
C GLN B 363 -31.40 -3.45 -9.43
N PHE B 364 -31.50 -3.82 -8.15
CA PHE B 364 -32.81 -4.06 -7.55
C PHE B 364 -33.59 -2.77 -7.32
N VAL B 365 -32.90 -1.63 -7.26
CA VAL B 365 -33.56 -0.36 -6.96
C VAL B 365 -33.98 0.36 -8.24
N VAL B 366 -33.15 0.31 -9.29
CA VAL B 366 -33.48 0.99 -10.53
C VAL B 366 -34.50 0.22 -11.36
N PHE B 367 -34.59 -1.10 -11.18
CA PHE B 367 -35.59 -1.93 -11.85
C PHE B 367 -36.36 -2.75 -10.83
N PRO B 368 -37.13 -2.10 -9.95
CA PRO B 368 -37.79 -2.82 -8.86
C PRO B 368 -39.19 -3.31 -9.17
N TRP B 369 -39.68 -3.16 -10.41
CA TRP B 369 -41.05 -3.49 -10.74
C TRP B 369 -41.09 -4.05 -12.15
N ARG B 370 -41.58 -5.27 -12.31
CA ARG B 370 -41.69 -5.87 -13.62
C ARG B 370 -42.82 -5.22 -14.41
N PRO B 371 -42.58 -4.81 -15.65
CA PRO B 371 -43.64 -4.14 -16.42
C PRO B 371 -44.78 -5.08 -16.77
N SER B 372 -45.94 -4.47 -17.04
CA SER B 372 -47.12 -5.25 -17.40
C SER B 372 -47.06 -5.71 -18.85
N ASN B 373 -46.44 -4.92 -19.73
CA ASN B 373 -46.38 -5.25 -21.14
C ASN B 373 -45.63 -6.56 -21.36
N LYS B 374 -46.06 -7.30 -22.38
CA LYS B 374 -45.47 -8.61 -22.65
C LYS B 374 -44.05 -8.49 -23.18
N MET B 375 -43.84 -7.60 -24.15
CA MET B 375 -42.49 -7.44 -24.72
C MET B 375 -41.52 -6.83 -23.71
N LEU B 376 -42.00 -5.86 -22.92
CA LEU B 376 -41.13 -5.26 -21.91
C LEU B 376 -40.86 -6.23 -20.76
N GLY B 377 -41.88 -7.02 -20.38
CA GLY B 377 -41.67 -8.01 -19.33
C GLY B 377 -40.66 -9.07 -19.71
N LYS B 378 -40.64 -9.46 -20.99
CA LYS B 378 -39.65 -10.44 -21.45
C LYS B 378 -38.24 -9.88 -21.34
N ILE B 379 -38.05 -8.63 -21.74
CA ILE B 379 -36.73 -8.01 -21.65
C ILE B 379 -36.33 -7.81 -20.19
N TYR B 380 -37.30 -7.44 -19.35
CA TYR B 380 -37.02 -7.29 -17.92
C TYR B 380 -36.54 -8.60 -17.31
N ASP B 381 -37.16 -9.72 -17.71
CA ASP B 381 -36.76 -11.01 -17.18
C ASP B 381 -35.34 -11.37 -17.60
N TYR B 382 -35.03 -11.21 -18.88
CA TYR B 382 -33.69 -11.52 -19.38
C TYR B 382 -32.63 -10.66 -18.71
N VAL B 383 -32.96 -9.40 -18.43
CA VAL B 383 -31.97 -8.49 -17.86
C VAL B 383 -31.82 -8.73 -16.36
N MET B 384 -32.94 -8.79 -15.63
CA MET B 384 -32.87 -8.88 -14.19
C MET B 384 -32.37 -10.23 -13.71
N HIS B 385 -32.77 -11.33 -14.38
CA HIS B 385 -32.30 -12.64 -13.97
C HIS B 385 -30.80 -12.80 -14.20
N SER B 386 -30.28 -12.20 -15.27
CA SER B 386 -28.83 -12.22 -15.49
C SER B 386 -28.11 -11.46 -14.39
N LEU B 387 -28.63 -10.28 -14.02
CA LEU B 387 -27.99 -9.47 -12.99
C LEU B 387 -28.10 -10.11 -11.62
N ILE B 388 -29.17 -10.87 -11.36
CA ILE B 388 -29.39 -11.43 -10.04
C ILE B 388 -28.54 -12.67 -9.83
N HIS B 389 -28.55 -13.59 -10.80
CA HIS B 389 -27.89 -14.87 -10.63
C HIS B 389 -26.39 -14.81 -10.86
N PHE B 390 -25.91 -13.79 -11.57
CA PHE B 390 -24.48 -13.62 -11.80
C PHE B 390 -23.86 -12.56 -10.91
N GLN B 391 -24.62 -12.03 -9.93
CA GLN B 391 -24.11 -10.97 -9.07
C GLN B 391 -22.91 -11.45 -8.26
N GLY B 392 -23.00 -12.66 -7.69
CA GLY B 392 -21.88 -13.20 -6.95
C GLY B 392 -20.64 -13.35 -7.81
N PHE B 393 -20.83 -13.77 -9.07
CA PHE B 393 -19.70 -13.85 -10.00
C PHE B 393 -19.12 -12.47 -10.30
N PHE B 394 -19.99 -11.46 -10.46
CA PHE B 394 -19.52 -10.11 -10.71
C PHE B 394 -18.71 -9.58 -9.54
N VAL B 395 -19.16 -9.83 -8.31
CA VAL B 395 -18.47 -9.32 -7.14
C VAL B 395 -17.11 -9.98 -6.99
N ALA B 396 -17.05 -11.30 -7.21
CA ALA B 396 -15.77 -12.00 -7.08
C ALA B 396 -14.78 -11.57 -8.15
N THR B 397 -15.27 -11.31 -9.36
CA THR B 397 -14.38 -10.91 -10.45
C THR B 397 -13.85 -9.48 -10.22
N ILE B 398 -14.72 -8.59 -9.76
CA ILE B 398 -14.33 -7.19 -9.60
C ILE B 398 -13.44 -7.01 -8.38
N TYR B 399 -13.89 -7.48 -7.22
CA TYR B 399 -13.25 -7.15 -5.95
C TYR B 399 -12.15 -8.13 -5.56
N CYS B 400 -12.03 -9.27 -6.22
CA CYS B 400 -10.92 -10.19 -5.96
C CYS B 400 -10.03 -10.39 -7.18
N PHE B 401 -10.59 -10.80 -8.32
CA PHE B 401 -9.76 -11.16 -9.46
C PHE B 401 -9.11 -9.94 -10.10
N CYS B 402 -9.88 -8.87 -10.30
CA CYS B 402 -9.39 -7.66 -10.92
C CYS B 402 -8.84 -6.66 -9.91
N ASN B 403 -8.71 -7.04 -8.65
CA ASN B 403 -8.16 -6.16 -7.63
C ASN B 403 -6.64 -6.10 -7.77
N ASN B 404 -6.10 -4.89 -7.88
CA ASN B 404 -4.66 -4.73 -8.09
C ASN B 404 -3.86 -5.25 -6.90
N GLU B 405 -4.36 -5.04 -5.68
CA GLU B 405 -3.67 -5.53 -4.51
C GLU B 405 -3.63 -7.06 -4.48
N VAL B 406 -4.71 -7.70 -4.94
CA VAL B 406 -4.74 -9.16 -4.97
C VAL B 406 -3.80 -9.69 -6.05
N GLN B 407 -3.79 -9.06 -7.22
CA GLN B 407 -3.02 -9.57 -8.34
C GLN B 407 -1.53 -9.57 -8.03
N THR B 408 -1.00 -8.44 -7.55
CA THR B 408 0.43 -8.36 -7.25
C THR B 408 0.83 -9.28 -6.11
N THR B 409 -0.12 -9.63 -5.24
CA THR B 409 0.19 -10.53 -4.13
C THR B 409 0.32 -11.97 -4.61
N VAL B 410 -0.63 -12.43 -5.43
CA VAL B 410 -0.58 -13.80 -5.92
C VAL B 410 0.45 -13.96 -7.04
N LYS B 411 0.73 -12.87 -7.77
CA LYS B 411 1.73 -12.95 -8.84
C LYS B 411 3.14 -13.03 -8.28
N ARG B 412 3.38 -12.45 -7.11
CA ARG B 412 4.68 -12.54 -6.48
C ARG B 412 4.93 -13.95 -5.95
N GLN B 413 3.89 -14.59 -5.40
CA GLN B 413 4.05 -15.95 -4.90
C GLN B 413 4.29 -16.94 -6.03
N TRP B 414 3.67 -16.70 -7.19
CA TRP B 414 3.92 -17.56 -8.35
C TRP B 414 5.38 -17.47 -8.79
N ALA B 415 5.93 -16.25 -8.80
CA ALA B 415 7.34 -16.09 -9.14
C ALA B 415 8.25 -16.59 -8.03
N GLN B 416 7.77 -16.59 -6.79
CA GLN B 416 8.58 -17.10 -5.68
C GLN B 416 8.88 -18.58 -5.84
N ASP C 11 10.18 -31.38 34.11
CA ASP C 11 9.37 -30.17 34.16
C ASP C 11 9.33 -29.48 32.79
N GLN C 12 8.99 -30.26 31.76
CA GLN C 12 8.93 -29.73 30.41
C GLN C 12 7.64 -28.96 30.16
N ARG C 13 6.52 -29.43 30.69
CA ARG C 13 5.24 -28.77 30.46
C ARG C 13 5.17 -27.43 31.20
N ASN C 14 5.67 -27.39 32.44
CA ASN C 14 5.61 -26.16 33.22
C ASN C 14 6.52 -25.08 32.62
N GLU C 15 7.59 -25.47 31.94
CA GLU C 15 8.47 -24.49 31.32
C GLU C 15 7.79 -23.81 30.14
N GLU C 16 7.18 -24.60 29.25
CA GLU C 16 6.49 -24.03 28.10
C GLU C 16 5.16 -23.38 28.49
N LYS C 17 4.60 -23.74 29.65
CA LYS C 17 3.34 -23.14 30.09
C LYS C 17 3.54 -21.67 30.46
N ALA C 18 4.62 -21.37 31.20
CA ALA C 18 4.88 -19.99 31.58
C ALA C 18 5.19 -19.12 30.36
N GLN C 19 5.78 -19.71 29.32
CA GLN C 19 6.07 -18.95 28.11
C GLN C 19 4.78 -18.54 27.40
N ARG C 20 3.83 -19.47 27.28
CA ARG C 20 2.55 -19.14 26.66
C ARG C 20 1.77 -18.12 27.48
N GLU C 21 1.90 -18.17 28.80
CA GLU C 21 1.24 -17.17 29.64
C GLU C 21 1.90 -15.81 29.52
N ALA C 22 3.24 -15.79 29.40
CA ALA C 22 3.94 -14.53 29.22
C ALA C 22 3.68 -13.95 27.84
N ASN C 23 3.58 -14.80 26.82
CA ASN C 23 3.24 -14.34 25.48
C ASN C 23 1.80 -13.82 25.42
N LYS C 24 0.92 -14.36 26.26
CA LYS C 24 -0.47 -13.91 26.27
C LYS C 24 -0.57 -12.49 26.81
N LYS C 25 0.17 -12.19 27.88
CA LYS C 25 0.16 -10.85 28.45
C LYS C 25 0.74 -9.82 27.48
N ILE C 26 1.73 -10.24 26.69
CA ILE C 26 2.34 -9.33 25.73
C ILE C 26 1.38 -9.04 24.58
N GLU C 27 0.75 -10.09 24.02
CA GLU C 27 -0.17 -9.89 22.91
C GLU C 27 -1.37 -9.05 23.33
N LYS C 28 -1.81 -9.14 24.58
CA LYS C 28 -2.89 -8.30 25.06
C LYS C 28 -2.47 -6.84 25.08
N GLN C 29 -1.23 -6.56 25.48
CA GLN C 29 -0.74 -5.18 25.48
C GLN C 29 -0.56 -4.66 24.07
N LEU C 30 -0.12 -5.52 23.15
CA LEU C 30 0.08 -5.08 21.76
C LEU C 30 -1.22 -4.73 21.06
N GLN C 31 -2.36 -5.25 21.52
CA GLN C 31 -3.63 -4.86 20.93
C GLN C 31 -4.03 -3.45 21.34
N LYS C 32 -3.72 -3.06 22.58
CA LYS C 32 -4.01 -1.70 23.01
C LYS C 32 -3.11 -0.69 22.31
N ASP C 33 -1.84 -1.04 22.11
CA ASP C 33 -0.92 -0.15 21.40
C ASP C 33 -1.27 -0.07 19.92
N LYS C 34 -1.81 -1.15 19.36
CA LYS C 34 -2.19 -1.14 17.95
C LYS C 34 -3.31 -0.13 17.68
N GLN C 35 -4.30 -0.08 18.57
CA GLN C 35 -5.40 0.88 18.39
C GLN C 35 -4.89 2.31 18.50
N VAL C 36 -3.95 2.57 19.41
CA VAL C 36 -3.42 3.91 19.57
C VAL C 36 -2.54 4.29 18.38
N TYR C 37 -1.72 3.35 17.90
CA TYR C 37 -0.81 3.65 16.79
C TYR C 37 -1.59 3.95 15.51
N ARG C 38 -2.64 3.18 15.24
CA ARG C 38 -3.44 3.40 14.04
C ARG C 38 -4.36 4.60 14.15
N ALA C 39 -4.64 5.07 15.37
CA ALA C 39 -5.47 6.24 15.56
C ALA C 39 -4.70 7.55 15.36
N THR C 40 -3.39 7.53 15.57
CA THR C 40 -2.57 8.72 15.48
C THR C 40 -2.05 8.91 14.07
N HIS C 41 -2.08 10.15 13.59
CA HIS C 41 -1.55 10.51 12.29
C HIS C 41 -0.21 11.23 12.48
N ARG C 42 0.85 10.66 11.91
CA ARG C 42 2.19 11.17 12.09
C ARG C 42 2.56 12.10 10.94
N LEU C 43 3.23 13.20 11.27
CA LEU C 43 3.60 14.23 10.31
C LEU C 43 5.08 14.57 10.44
N LEU C 44 5.74 14.80 9.32
CA LEU C 44 7.12 15.24 9.28
C LEU C 44 7.16 16.71 8.86
N LEU C 45 7.74 17.55 9.71
CA LEU C 45 7.85 18.98 9.46
C LEU C 45 9.27 19.28 8.97
N LEU C 46 9.38 19.68 7.71
CA LEU C 46 10.66 20.03 7.10
C LEU C 46 10.66 21.50 6.69
N GLY C 47 11.80 22.14 6.83
CA GLY C 47 11.92 23.53 6.43
C GLY C 47 13.35 24.01 6.63
N ALA C 48 13.67 25.10 5.95
CA ALA C 48 14.99 25.71 6.07
C ALA C 48 15.15 26.35 7.44
N GLY C 49 16.37 26.83 7.71
CA GLY C 49 16.64 27.49 8.98
C GLY C 49 15.87 28.77 9.16
N GLU C 50 15.56 29.47 8.06
CA GLU C 50 14.83 30.73 8.09
C GLU C 50 13.56 30.65 7.25
N SER C 51 12.93 29.49 7.24
CA SER C 51 11.68 29.31 6.50
C SER C 51 10.46 29.72 7.31
N GLY C 52 10.58 29.81 8.62
CA GLY C 52 9.46 30.14 9.48
C GLY C 52 8.77 28.96 10.13
N LYS C 53 9.32 27.74 9.99
CA LYS C 53 8.68 26.58 10.59
C LYS C 53 8.78 26.60 12.11
N ASN C 54 9.81 27.24 12.66
CA ASN C 54 9.97 27.29 14.11
C ASN C 54 8.81 28.06 14.76
N THR C 55 8.34 29.12 14.10
CA THR C 55 7.22 29.88 14.64
C THR C 55 5.92 29.09 14.57
N ILE C 56 5.78 28.24 13.54
CA ILE C 56 4.58 27.42 13.41
C ILE C 56 4.51 26.39 14.54
N VAL C 57 5.66 25.84 14.93
CA VAL C 57 5.68 24.93 16.08
C VAL C 57 5.26 25.67 17.35
N LYS C 58 5.64 26.94 17.46
CA LYS C 58 5.24 27.73 18.63
C LYS C 58 3.74 27.95 18.66
N GLN C 59 3.09 27.99 17.48
CA GLN C 59 1.65 28.16 17.45
C GLN C 59 0.92 26.89 17.84
N MET C 60 1.50 25.73 17.54
CA MET C 60 0.88 24.43 17.81
C MET C 60 -0.51 24.33 17.20
N SER C 205 18.91 17.30 21.33
CA SER C 205 18.03 16.20 20.91
C SER C 205 17.99 16.10 19.39
N GLY C 206 17.94 14.86 18.88
CA GLY C 206 17.97 14.64 17.45
C GLY C 206 16.65 14.90 16.76
N ILE C 207 15.54 14.84 17.50
CA ILE C 207 14.22 15.03 16.91
C ILE C 207 13.28 15.57 18.00
N PHE C 208 12.41 16.47 17.60
CA PHE C 208 11.40 17.06 18.49
C PHE C 208 10.02 16.55 18.13
N GLU C 209 9.16 16.47 19.14
CA GLU C 209 7.79 15.98 18.97
C GLU C 209 6.81 17.05 19.39
N THR C 210 5.71 17.14 18.64
CA THR C 210 4.63 18.08 18.92
C THR C 210 3.30 17.36 18.74
N LYS C 211 2.43 17.47 19.73
CA LYS C 211 1.12 16.83 19.71
C LYS C 211 0.02 17.88 19.69
N PHE C 212 -0.99 17.66 18.85
CA PHE C 212 -2.15 18.55 18.80
C PHE C 212 -3.34 17.75 18.30
N GLN C 213 -4.53 18.11 18.80
CA GLN C 213 -5.76 17.42 18.48
C GLN C 213 -6.72 18.37 17.77
N VAL C 214 -7.31 17.89 16.67
CA VAL C 214 -8.28 18.66 15.89
C VAL C 214 -9.48 17.75 15.64
N ASP C 215 -10.63 18.14 16.19
CA ASP C 215 -11.89 17.41 16.00
C ASP C 215 -11.74 15.95 16.43
N LYS C 216 -11.23 15.76 17.64
CA LYS C 216 -11.04 14.43 18.26
C LYS C 216 -10.07 13.55 17.48
N VAL C 217 -9.21 14.16 16.66
CA VAL C 217 -8.21 13.43 15.88
C VAL C 217 -6.83 13.82 16.39
N ASN C 218 -6.02 12.81 16.75
CA ASN C 218 -4.70 13.05 17.30
C ASN C 218 -3.67 13.11 16.18
N PHE C 219 -2.78 14.10 16.26
CA PHE C 219 -1.71 14.29 15.29
C PHE C 219 -0.38 14.34 16.03
N HIS C 220 0.62 13.65 15.49
CA HIS C 220 1.95 13.61 16.07
C HIS C 220 2.93 14.17 15.03
N MET C 221 3.38 15.41 15.25
CA MET C 221 4.26 16.09 14.32
C MET C 221 5.69 16.03 14.84
N PHE C 222 6.63 15.75 13.93
CA PHE C 222 8.03 15.59 14.28
C PHE C 222 8.88 16.57 13.49
N ASP C 223 9.83 17.21 14.17
CA ASP C 223 10.75 18.15 13.55
C ASP C 223 12.17 17.72 13.85
N VAL C 224 13.03 17.76 12.83
CA VAL C 224 14.41 17.33 12.99
C VAL C 224 15.19 18.36 13.79
N GLY C 225 15.94 17.89 14.77
CA GLY C 225 16.75 18.75 15.60
C GLY C 225 18.22 18.72 15.23
N ALA C 226 19.01 17.97 16.00
CA ALA C 226 20.46 17.90 15.78
C ALA C 226 20.75 16.80 14.76
N GLN C 227 20.58 17.16 13.49
CA GLN C 227 20.92 16.29 12.38
C GLN C 227 21.61 17.11 11.30
N ARG C 228 22.62 16.52 10.66
CA ARG C 228 23.36 17.22 9.61
C ARG C 228 22.45 17.48 8.42
N ASP C 229 22.90 18.39 7.55
CA ASP C 229 22.12 18.77 6.38
C ASP C 229 22.07 17.67 5.32
N GLU C 230 22.80 16.57 5.48
CA GLU C 230 22.73 15.43 4.57
C GLU C 230 21.57 14.55 4.99
N ARG C 231 20.49 14.58 4.20
CA ARG C 231 19.22 13.98 4.60
C ARG C 231 18.92 12.66 3.89
N ARG C 232 19.73 12.23 2.93
CA ARG C 232 19.36 11.10 2.09
C ARG C 232 19.20 9.80 2.86
N LYS C 233 19.72 9.72 4.09
CA LYS C 233 19.60 8.49 4.87
C LYS C 233 18.45 8.55 5.88
N TRP C 234 18.44 9.57 6.74
CA TRP C 234 17.43 9.61 7.81
C TRP C 234 16.05 9.98 7.30
N ILE C 235 15.94 10.55 6.10
CA ILE C 235 14.62 10.91 5.58
C ILE C 235 13.82 9.68 5.18
N GLN C 236 14.48 8.53 5.04
CA GLN C 236 13.77 7.30 4.70
C GLN C 236 12.90 6.81 5.85
N CYS C 237 13.16 7.24 7.08
CA CYS C 237 12.37 6.81 8.22
C CYS C 237 10.94 7.33 8.15
N PHE C 238 10.67 8.34 7.34
CA PHE C 238 9.37 8.98 7.28
C PHE C 238 8.62 8.62 5.99
N ASN C 239 8.78 7.38 5.52
CA ASN C 239 8.06 6.94 4.34
C ASN C 239 6.61 6.59 4.64
N ASP C 240 6.27 6.37 5.91
CA ASP C 240 4.93 5.94 6.31
C ASP C 240 4.13 7.05 6.98
N VAL C 241 4.65 8.27 7.01
CA VAL C 241 3.91 9.37 7.64
C VAL C 241 2.70 9.73 6.78
N THR C 242 1.71 10.34 7.43
CA THR C 242 0.51 10.77 6.72
C THR C 242 0.84 11.83 5.68
N ALA C 243 1.69 12.79 6.02
CA ALA C 243 2.07 13.85 5.10
C ALA C 243 3.37 14.49 5.59
N ILE C 244 4.08 15.08 4.65
CA ILE C 244 5.28 15.87 4.94
C ILE C 244 4.90 17.34 4.83
N ILE C 245 5.08 18.09 5.90
CA ILE C 245 4.79 19.52 5.92
C ILE C 245 6.06 20.26 5.51
N PHE C 246 6.07 20.80 4.30
CA PHE C 246 7.23 21.47 3.74
C PHE C 246 7.00 22.98 3.79
N VAL C 247 7.78 23.67 4.62
CA VAL C 247 7.66 25.11 4.81
C VAL C 247 8.72 25.81 3.98
N VAL C 248 8.30 26.81 3.21
CA VAL C 248 9.19 27.53 2.31
C VAL C 248 9.00 29.03 2.53
N ALA C 249 10.10 29.75 2.71
CA ALA C 249 10.06 31.19 2.84
C ALA C 249 9.94 31.81 1.46
N SER C 250 8.81 32.47 1.20
CA SER C 250 8.55 33.10 -0.10
C SER C 250 9.50 34.26 -0.35
N ASN C 264 20.24 32.36 -3.76
CA ASN C 264 18.88 31.97 -4.15
C ASN C 264 18.36 30.88 -3.22
N ARG C 265 17.78 31.30 -2.09
CA ARG C 265 17.25 30.34 -1.13
C ARG C 265 15.98 29.67 -1.64
N LEU C 266 15.22 30.35 -2.49
CA LEU C 266 14.01 29.74 -3.03
C LEU C 266 14.32 28.61 -4.00
N GLN C 267 15.39 28.74 -4.78
CA GLN C 267 15.79 27.68 -5.68
C GLN C 267 16.26 26.45 -4.93
N ALA C 268 16.91 26.65 -3.78
CA ALA C 268 17.33 25.52 -2.96
C ALA C 268 16.13 24.76 -2.41
N ALA C 269 15.04 25.46 -2.09
CA ALA C 269 13.83 24.78 -1.63
C ALA C 269 13.17 24.01 -2.77
N LEU C 270 13.24 24.52 -3.99
CA LEU C 270 12.71 23.81 -5.14
C LEU C 270 13.48 22.52 -5.40
N LYS C 271 14.80 22.57 -5.26
CA LYS C 271 15.61 21.36 -5.46
C LYS C 271 15.34 20.33 -4.37
N LEU C 272 15.24 20.77 -3.12
CA LEU C 272 14.92 19.84 -2.04
C LEU C 272 13.53 19.23 -2.22
N PHE C 273 12.56 20.04 -2.65
CA PHE C 273 11.22 19.51 -2.90
C PHE C 273 11.23 18.50 -4.02
N ASP C 274 12.05 18.73 -5.05
CA ASP C 274 12.13 17.79 -6.16
C ASP C 274 12.72 16.45 -5.70
N SER C 275 13.73 16.49 -4.84
CA SER C 275 14.32 15.26 -4.33
C SER C 275 13.33 14.50 -3.45
N ILE C 276 12.59 15.22 -2.60
CA ILE C 276 11.59 14.57 -1.75
C ILE C 276 10.48 13.98 -2.59
N TRP C 277 10.00 14.74 -3.58
CA TRP C 277 8.88 14.28 -4.40
C TRP C 277 9.25 13.08 -5.25
N ASN C 278 10.53 12.96 -5.63
CA ASN C 278 10.97 11.91 -6.54
C ASN C 278 11.77 10.81 -5.85
N ASN C 279 11.90 10.84 -4.53
CA ASN C 279 12.59 9.77 -3.82
C ASN C 279 11.74 8.50 -3.83
N LYS C 280 12.39 7.36 -4.13
CA LYS C 280 11.65 6.13 -4.36
C LYS C 280 10.90 5.68 -3.11
N TRP C 281 11.41 5.99 -1.92
CA TRP C 281 10.73 5.60 -0.68
C TRP C 281 9.68 6.61 -0.26
N LEU C 282 9.74 7.83 -0.79
CA LEU C 282 8.74 8.86 -0.49
C LEU C 282 7.75 9.06 -1.63
N ARG C 283 7.66 8.10 -2.56
CA ARG C 283 6.77 8.24 -3.71
C ARG C 283 5.31 8.22 -3.30
N ASP C 284 4.98 7.52 -2.22
CA ASP C 284 3.60 7.41 -1.76
C ASP C 284 3.27 8.36 -0.62
N THR C 285 4.09 9.39 -0.43
CA THR C 285 3.93 10.35 0.66
C THR C 285 3.51 11.69 0.09
N SER C 286 2.30 12.15 0.47
CA SER C 286 1.84 13.47 0.06
C SER C 286 2.60 14.55 0.84
N VAL C 287 2.62 15.75 0.26
CA VAL C 287 3.36 16.87 0.82
C VAL C 287 2.41 18.05 1.01
N ILE C 288 2.36 18.59 2.21
CA ILE C 288 1.61 19.80 2.51
C ILE C 288 2.61 20.97 2.43
N LEU C 289 2.45 21.81 1.42
CA LEU C 289 3.41 22.87 1.13
C LEU C 289 2.91 24.17 1.75
N PHE C 290 3.71 24.75 2.64
CA PHE C 290 3.39 26.01 3.30
C PHE C 290 4.29 27.10 2.72
N LEU C 291 3.73 27.87 1.78
CA LEU C 291 4.44 29.01 1.21
C LEU C 291 4.37 30.15 2.23
N ASN C 292 5.31 30.12 3.18
CA ASN C 292 5.29 31.03 4.31
C ASN C 292 5.82 32.39 3.91
N LYS C 293 5.90 33.30 4.89
CA LYS C 293 6.43 34.65 4.70
C LYS C 293 5.67 35.40 3.61
N GLN C 294 4.35 35.25 3.59
CA GLN C 294 3.54 35.94 2.60
C GLN C 294 3.51 37.45 2.83
N ASP C 295 3.55 37.88 4.09
CA ASP C 295 3.59 39.30 4.37
C ASP C 295 4.97 39.89 4.07
N LEU C 296 6.03 39.11 4.31
CA LEU C 296 7.36 39.56 3.89
C LEU C 296 7.46 39.62 2.37
N LEU C 297 6.85 38.66 1.67
CA LEU C 297 6.89 38.67 0.22
C LEU C 297 6.15 39.87 -0.36
N ALA C 298 5.04 40.27 0.28
CA ALA C 298 4.25 41.38 -0.24
C ALA C 298 5.02 42.69 -0.18
N GLU C 299 5.75 42.92 0.92
CA GLU C 299 6.44 44.20 1.09
C GLU C 299 7.53 44.38 0.03
N LYS C 300 8.22 43.29 -0.32
CA LYS C 300 9.30 43.40 -1.30
C LYS C 300 8.75 43.67 -2.70
N VAL C 301 7.57 43.15 -3.02
CA VAL C 301 6.99 43.37 -4.35
C VAL C 301 6.49 44.80 -4.48
N LEU C 302 5.85 45.32 -3.42
CA LEU C 302 5.36 46.70 -3.47
C LEU C 302 6.52 47.69 -3.62
N ALA C 303 7.67 47.39 -3.01
CA ALA C 303 8.82 48.26 -3.12
C ALA C 303 9.39 48.24 -4.55
N GLY C 304 9.59 47.03 -5.09
CA GLY C 304 10.09 46.88 -6.44
C GLY C 304 11.59 46.97 -6.59
N LYS C 305 12.34 47.03 -5.49
CA LYS C 305 13.80 47.13 -5.59
C LYS C 305 14.39 45.83 -6.13
N SER C 306 14.00 44.69 -5.55
CA SER C 306 14.48 43.39 -5.98
C SER C 306 13.41 42.73 -6.85
N LYS C 307 13.78 42.41 -8.08
CA LYS C 307 12.86 41.83 -9.05
C LYS C 307 13.05 40.31 -9.10
N ILE C 308 11.93 39.58 -9.11
CA ILE C 308 12.00 38.12 -9.20
C ILE C 308 12.55 37.69 -10.56
N GLU C 309 12.40 38.54 -11.58
CA GLU C 309 12.84 38.18 -12.93
C GLU C 309 14.34 37.93 -12.98
N ASP C 310 15.11 38.52 -12.06
CA ASP C 310 16.55 38.31 -12.07
C ASP C 310 16.90 36.88 -11.69
N TYR C 311 16.20 36.32 -10.71
CA TYR C 311 16.43 34.94 -10.28
C TYR C 311 15.53 33.94 -10.99
N PHE C 312 14.44 34.40 -11.60
CA PHE C 312 13.51 33.55 -12.34
C PHE C 312 13.13 34.28 -13.62
N PRO C 313 13.86 34.05 -14.71
CA PRO C 313 13.59 34.82 -15.94
C PRO C 313 12.23 34.56 -16.54
N GLU C 314 11.64 33.38 -16.31
CA GLU C 314 10.33 33.08 -16.87
C GLU C 314 9.21 33.81 -16.17
N PHE C 315 9.49 34.55 -15.10
CA PHE C 315 8.44 35.28 -14.40
C PHE C 315 7.99 36.50 -15.19
N ALA C 316 8.89 37.09 -15.97
CA ALA C 316 8.54 38.27 -16.77
C ALA C 316 7.47 37.98 -17.81
N ARG C 317 7.32 36.72 -18.20
CA ARG C 317 6.26 36.31 -19.12
C ARG C 317 5.13 35.57 -18.43
N TYR C 318 5.14 35.51 -17.10
CA TYR C 318 4.12 34.77 -16.37
C TYR C 318 2.84 35.58 -16.26
N THR C 319 1.71 34.88 -16.31
CA THR C 319 0.39 35.48 -16.20
C THR C 319 -0.35 34.83 -15.04
N THR C 320 -1.02 35.65 -14.23
CA THR C 320 -1.79 35.13 -13.11
C THR C 320 -2.87 34.18 -13.63
N PRO C 321 -3.01 32.97 -13.07
CA PRO C 321 -4.01 32.03 -13.57
C PRO C 321 -5.42 32.54 -13.35
N GLU C 322 -6.34 32.00 -14.15
CA GLU C 322 -7.74 32.38 -14.03
C GLU C 322 -8.37 31.82 -12.77
N ASP C 323 -7.97 30.61 -12.37
CA ASP C 323 -8.50 29.98 -11.17
C ASP C 323 -7.96 30.59 -9.89
N ALA C 324 -7.12 31.62 -9.97
CA ALA C 324 -6.59 32.24 -8.77
C ALA C 324 -7.69 32.89 -7.96
N THR C 325 -7.49 32.94 -6.64
CA THR C 325 -8.45 33.53 -5.71
C THR C 325 -7.71 34.41 -4.72
N PRO C 326 -7.32 35.61 -5.14
CA PRO C 326 -6.57 36.50 -4.26
C PRO C 326 -7.49 37.28 -3.32
N GLU C 327 -6.87 37.88 -2.31
CA GLU C 327 -7.61 38.68 -1.35
C GLU C 327 -8.12 39.96 -2.01
N PRO C 328 -9.22 40.52 -1.49
CA PRO C 328 -9.72 41.79 -2.06
C PRO C 328 -8.71 42.93 -1.95
N GLY C 329 -8.03 43.04 -0.82
CA GLY C 329 -7.01 44.06 -0.65
C GLY C 329 -5.64 43.60 -1.08
N GLU C 330 -5.47 43.33 -2.37
CA GLU C 330 -4.19 42.86 -2.89
C GLU C 330 -4.03 43.34 -4.33
N ASP C 331 -2.87 43.92 -4.64
CA ASP C 331 -2.58 44.39 -5.97
C ASP C 331 -2.15 43.23 -6.86
N PRO C 332 -2.30 43.37 -8.18
CA PRO C 332 -1.90 42.29 -9.09
C PRO C 332 -0.41 41.98 -9.05
N ARG C 333 0.43 42.89 -8.56
CA ARG C 333 1.86 42.60 -8.49
C ARG C 333 2.18 41.56 -7.42
N VAL C 334 1.45 41.59 -6.31
CA VAL C 334 1.68 40.60 -5.26
C VAL C 334 0.96 39.29 -5.58
N THR C 335 -0.22 39.38 -6.21
CA THR C 335 -0.93 38.17 -6.59
C THR C 335 -0.15 37.37 -7.62
N ARG C 336 0.44 38.04 -8.61
CA ARG C 336 1.20 37.33 -9.64
C ARG C 336 2.50 36.78 -9.08
N ALA C 337 3.07 37.45 -8.08
CA ALA C 337 4.35 37.01 -7.53
C ALA C 337 4.18 35.74 -6.70
N LYS C 338 3.17 35.69 -5.84
CA LYS C 338 2.98 34.53 -4.97
C LYS C 338 2.47 33.33 -5.76
N TYR C 339 1.66 33.57 -6.79
CA TYR C 339 1.16 32.46 -7.59
C TYR C 339 2.22 31.90 -8.53
N PHE C 340 3.21 32.72 -8.90
CA PHE C 340 4.32 32.20 -9.68
C PHE C 340 5.18 31.24 -8.87
N ILE C 341 5.42 31.57 -7.60
CA ILE C 341 6.18 30.68 -6.72
C ILE C 341 5.41 29.37 -6.51
N ARG C 342 4.08 29.46 -6.40
CA ARG C 342 3.27 28.26 -6.26
C ARG C 342 3.39 27.36 -7.49
N ASP C 343 3.37 27.97 -8.68
CA ASP C 343 3.50 27.18 -9.91
C ASP C 343 4.89 26.59 -10.06
N GLU C 344 5.90 27.20 -9.43
CA GLU C 344 7.23 26.62 -9.44
C GLU C 344 7.25 25.26 -8.78
N PHE C 345 6.55 25.12 -7.66
CA PHE C 345 6.47 23.83 -6.99
C PHE C 345 5.46 22.90 -7.67
N LEU C 346 4.36 23.45 -8.16
CA LEU C 346 3.34 22.61 -8.79
C LEU C 346 3.86 21.95 -10.06
N ARG C 347 4.78 22.61 -10.79
CA ARG C 347 5.36 21.98 -11.97
C ARG C 347 6.13 20.72 -11.60
N ILE C 348 6.77 20.71 -10.43
CA ILE C 348 7.48 19.52 -9.98
C ILE C 348 6.50 18.43 -9.54
N SER C 349 5.44 18.84 -8.83
CA SER C 349 4.52 17.85 -8.26
C SER C 349 3.67 17.18 -9.33
N THR C 350 3.24 17.92 -10.35
CA THR C 350 2.42 17.35 -11.41
C THR C 350 3.23 16.67 -12.50
N ALA C 351 4.57 16.80 -12.46
CA ALA C 351 5.39 16.14 -13.48
C ALA C 351 5.45 14.63 -13.26
N SER C 352 5.27 14.18 -12.02
CA SER C 352 5.34 12.75 -11.70
C SER C 352 4.34 12.44 -10.60
N GLY C 353 4.28 11.16 -10.23
CA GLY C 353 3.41 10.71 -9.18
C GLY C 353 2.35 9.72 -9.66
N ASP C 354 1.76 9.99 -10.81
CA ASP C 354 0.75 9.13 -11.43
C ASP C 354 -0.40 8.85 -10.45
N GLY C 355 -0.68 9.82 -9.58
CA GLY C 355 -1.83 9.73 -8.70
C GLY C 355 -1.64 8.97 -7.41
N ARG C 356 -0.40 8.69 -7.00
CA ARG C 356 -0.18 8.01 -5.73
C ARG C 356 0.01 8.98 -4.56
N HIS C 357 0.50 10.18 -4.83
CA HIS C 357 0.61 11.23 -3.82
C HIS C 357 0.29 12.57 -4.46
N TYR C 358 -0.06 13.54 -3.61
CA TYR C 358 -0.51 14.84 -4.08
C TYR C 358 0.18 15.93 -3.26
N CYS C 359 0.15 17.14 -3.80
CA CYS C 359 0.74 18.31 -3.15
C CYS C 359 -0.36 19.32 -2.85
N TYR C 360 -0.37 19.82 -1.61
CA TYR C 360 -1.40 20.76 -1.13
C TYR C 360 -0.73 22.07 -0.78
N PRO C 361 -0.61 22.99 -1.73
CA PRO C 361 0.03 24.28 -1.43
C PRO C 361 -0.92 25.25 -0.75
N HIS C 362 -0.38 26.01 0.20
CA HIS C 362 -1.16 27.00 0.93
C HIS C 362 -0.31 28.24 1.14
N PHE C 363 -0.90 29.40 0.87
CA PHE C 363 -0.26 30.68 1.20
C PHE C 363 -0.47 30.94 2.69
N THR C 364 0.58 30.77 3.48
CA THR C 364 0.46 30.81 4.93
C THR C 364 1.34 31.91 5.52
N CYS C 365 1.04 32.23 6.77
CA CYS C 365 1.87 33.11 7.58
C CYS C 365 2.17 32.40 8.90
N ALA C 366 3.28 32.79 9.53
CA ALA C 366 3.70 32.13 10.76
C ALA C 366 2.68 32.31 11.88
N VAL C 367 1.91 33.40 11.85
CA VAL C 367 0.94 33.68 12.91
C VAL C 367 -0.48 33.24 12.54
N ASP C 368 -0.70 32.78 11.31
CA ASP C 368 -2.04 32.39 10.88
C ASP C 368 -2.57 31.24 11.72
N THR C 369 -3.82 31.38 12.18
CA THR C 369 -4.46 30.35 13.00
C THR C 369 -5.04 29.22 12.16
N GLU C 370 -5.24 29.42 10.86
CA GLU C 370 -5.79 28.38 10.00
C GLU C 370 -4.75 27.33 9.61
N ASN C 371 -3.50 27.49 10.04
CA ASN C 371 -2.46 26.53 9.65
C ASN C 371 -2.78 25.13 10.16
N ILE C 372 -3.13 25.02 11.44
CA ILE C 372 -3.47 23.71 12.00
C ILE C 372 -4.72 23.14 11.34
N ARG C 373 -5.69 24.01 11.03
CA ARG C 373 -6.89 23.56 10.33
C ARG C 373 -6.57 23.14 8.91
N ARG C 374 -5.61 23.81 8.26
CA ARG C 374 -5.23 23.41 6.90
C ARG C 374 -4.60 22.02 6.89
N VAL C 375 -3.78 21.71 7.89
CA VAL C 375 -3.18 20.37 7.97
C VAL C 375 -4.26 19.32 8.20
N PHE C 376 -5.26 19.65 9.02
CA PHE C 376 -6.36 18.72 9.28
C PHE C 376 -7.16 18.45 8.02
N ASN C 377 -7.45 19.50 7.24
CA ASN C 377 -8.24 19.32 6.02
C ASN C 377 -7.47 18.55 4.97
N ASP C 378 -6.18 18.83 4.81
CA ASP C 378 -5.37 18.08 3.83
C ASP C 378 -5.23 16.63 4.24
N CYS C 379 -5.06 16.36 5.54
CA CYS C 379 -4.95 14.98 6.01
C CYS C 379 -6.25 14.22 5.77
N ARG C 380 -7.38 14.92 5.97
CA ARG C 380 -8.70 14.29 5.69
C ARG C 380 -8.76 13.96 4.19
N ASP C 381 -8.34 14.90 3.35
CA ASP C 381 -8.32 14.66 1.91
C ASP C 381 -7.36 13.54 1.54
N ILE C 382 -6.23 13.45 2.24
CA ILE C 382 -5.26 12.39 1.98
C ILE C 382 -5.85 11.04 2.34
N ILE C 383 -6.48 10.94 3.51
CA ILE C 383 -7.07 9.68 3.94
C ILE C 383 -8.25 9.30 3.06
N GLN C 384 -9.04 10.29 2.66
CA GLN C 384 -10.22 10.05 1.79
C GLN C 384 -9.77 9.47 0.44
N ARG C 385 -8.70 10.01 -0.15
CA ARG C 385 -8.19 9.49 -1.41
C ARG C 385 -7.52 8.13 -1.23
N MET C 386 -6.96 7.87 -0.05
CA MET C 386 -6.39 6.55 0.23
C MET C 386 -7.49 5.49 0.29
N HIS C 387 -8.62 5.82 0.91
CA HIS C 387 -9.76 4.90 0.93
C HIS C 387 -10.31 4.68 -0.47
N LEU C 388 -10.44 5.77 -1.25
CA LEU C 388 -10.93 5.63 -2.61
C LEU C 388 -9.99 4.78 -3.46
N ARG C 389 -8.69 4.82 -3.18
CA ARG C 389 -7.74 4.00 -3.92
C ARG C 389 -7.87 2.53 -3.55
N GLN C 390 -8.17 2.23 -2.29
CA GLN C 390 -8.29 0.85 -1.86
C GLN C 390 -9.49 0.15 -2.50
N TYR C 391 -10.51 0.92 -2.88
CA TYR C 391 -11.69 0.39 -3.54
C TYR C 391 -11.63 0.55 -5.06
N GLU C 392 -10.49 0.98 -5.59
CA GLU C 392 -10.31 1.19 -7.04
C GLU C 392 -11.32 2.19 -7.59
N LEU C 393 -11.75 3.14 -6.77
CA LEU C 393 -12.72 4.15 -7.19
C LEU C 393 -12.06 5.40 -7.74
N LEU C 394 -10.82 5.70 -7.35
CA LEU C 394 -10.14 6.89 -7.83
C LEU C 394 -8.66 6.62 -8.05
N SER D 12 49.45 27.66 -3.48
CA SER D 12 49.42 28.20 -2.12
C SER D 12 49.70 27.11 -1.09
N GLU D 13 49.45 27.42 0.18
CA GLU D 13 49.64 26.43 1.24
C GLU D 13 48.65 25.28 1.13
N LEU D 14 47.44 25.56 0.63
CA LEU D 14 46.46 24.50 0.45
C LEU D 14 46.85 23.55 -0.67
N ASP D 15 47.43 24.08 -1.75
CA ASP D 15 47.84 23.24 -2.86
C ASP D 15 48.97 22.30 -2.46
N GLN D 16 49.87 22.76 -1.60
CA GLN D 16 50.98 21.91 -1.17
C GLN D 16 50.49 20.71 -0.39
N LEU D 17 49.60 20.93 0.59
CA LEU D 17 49.08 19.83 1.39
C LEU D 17 48.14 18.94 0.58
N ARG D 18 47.38 19.51 -0.35
CA ARG D 18 46.49 18.71 -1.17
C ARG D 18 47.27 17.84 -2.15
N GLN D 19 48.37 18.37 -2.69
CA GLN D 19 49.25 17.56 -3.52
C GLN D 19 50.05 16.56 -2.68
N GLU D 20 50.44 16.95 -1.46
CA GLU D 20 51.14 16.02 -0.58
C GLU D 20 50.29 14.81 -0.26
N ALA D 21 48.98 15.02 -0.07
CA ALA D 21 48.08 13.89 0.12
C ALA D 21 47.92 13.09 -1.16
N GLU D 22 48.02 13.77 -2.32
CA GLU D 22 47.88 13.07 -3.59
C GLU D 22 49.05 12.14 -3.86
N GLN D 23 50.26 12.50 -3.42
CA GLN D 23 51.41 11.62 -3.62
C GLN D 23 51.29 10.36 -2.78
N LEU D 24 50.70 10.45 -1.60
CA LEU D 24 50.55 9.28 -0.74
C LEU D 24 49.54 8.30 -1.31
N LYS D 25 48.44 8.82 -1.89
CA LYS D 25 47.44 7.95 -2.48
C LYS D 25 47.99 7.15 -3.66
N ASN D 26 48.95 7.72 -4.39
CA ASN D 26 49.61 6.96 -5.45
C ASN D 26 50.54 5.90 -4.87
N GLN D 27 51.21 6.21 -3.76
CA GLN D 27 52.08 5.23 -3.12
C GLN D 27 51.28 4.07 -2.55
N ILE D 28 50.12 4.36 -1.96
CA ILE D 28 49.27 3.30 -1.43
C ILE D 28 48.69 2.47 -2.56
N ARG D 29 48.24 3.12 -3.63
CA ARG D 29 47.68 2.40 -4.77
C ARG D 29 48.75 1.54 -5.44
N ASP D 30 49.98 2.04 -5.51
CA ASP D 30 51.05 1.26 -6.12
C ASP D 30 51.45 0.08 -5.25
N ALA D 31 51.48 0.28 -3.92
CA ALA D 31 51.82 -0.81 -3.02
C ALA D 31 50.75 -1.90 -3.04
N ARG D 32 49.48 -1.51 -3.12
CA ARG D 32 48.41 -2.50 -3.21
C ARG D 32 48.47 -3.25 -4.53
N LYS D 33 48.85 -2.57 -5.61
CA LYS D 33 48.97 -3.23 -6.91
C LYS D 33 50.08 -4.26 -6.91
N ALA D 34 51.16 -4.01 -6.16
CA ALA D 34 52.27 -4.97 -6.12
C ALA D 34 51.85 -6.28 -5.48
N CYS D 35 51.00 -6.22 -4.46
CA CYS D 35 50.53 -7.43 -3.79
C CYS D 35 49.46 -8.16 -4.58
N ALA D 36 48.85 -7.54 -5.58
CA ALA D 36 47.80 -8.16 -6.37
C ALA D 36 48.42 -8.97 -7.51
N ASP D 37 49.07 -10.06 -7.12
CA ASP D 37 49.68 -10.96 -8.10
C ASP D 37 48.64 -11.86 -8.75
N ALA D 38 47.67 -12.33 -7.98
CA ALA D 38 46.60 -13.17 -8.49
C ALA D 38 45.34 -12.88 -7.71
N THR D 39 44.19 -13.00 -8.38
CA THR D 39 42.90 -12.67 -7.79
C THR D 39 42.28 -13.88 -7.13
N LEU D 40 41.31 -13.61 -6.25
CA LEU D 40 40.63 -14.69 -5.54
C LEU D 40 39.85 -15.58 -6.50
N SER D 41 39.30 -15.00 -7.57
CA SER D 41 38.53 -15.78 -8.52
C SER D 41 39.37 -16.84 -9.22
N GLN D 42 40.68 -16.60 -9.34
CA GLN D 42 41.56 -17.57 -9.98
C GLN D 42 42.00 -18.66 -9.01
N ILE D 43 42.16 -18.32 -7.73
CA ILE D 43 42.59 -19.30 -6.75
C ILE D 43 41.48 -20.30 -6.46
N THR D 44 40.22 -19.87 -6.53
CA THR D 44 39.08 -20.72 -6.26
C THR D 44 38.45 -21.29 -7.52
N ASN D 45 39.17 -21.26 -8.65
CA ASN D 45 38.61 -21.75 -9.90
C ASN D 45 38.46 -23.27 -9.91
N ASN D 46 39.23 -23.99 -9.10
CA ASN D 46 39.26 -25.43 -9.14
C ASN D 46 38.46 -26.08 -8.02
N ILE D 47 37.83 -25.30 -7.15
CA ILE D 47 37.05 -25.89 -6.05
C ILE D 47 35.62 -26.17 -6.52
N ASP D 48 34.99 -27.12 -5.86
CA ASP D 48 33.64 -27.51 -6.23
C ASP D 48 32.64 -26.41 -5.84
N PRO D 49 31.65 -26.14 -6.68
CA PRO D 49 30.63 -25.14 -6.31
C PRO D 49 29.69 -25.68 -5.24
N VAL D 50 29.07 -24.74 -4.52
CA VAL D 50 28.12 -25.13 -3.48
C VAL D 50 26.80 -25.59 -4.07
N GLY D 51 26.55 -25.35 -5.36
CA GLY D 51 25.32 -25.80 -5.98
C GLY D 51 24.16 -24.87 -5.70
N ARG D 52 22.97 -25.45 -5.63
CA ARG D 52 21.75 -24.70 -5.37
C ARG D 52 21.45 -24.73 -3.88
N ILE D 53 21.39 -23.55 -3.27
CA ILE D 53 21.07 -23.40 -1.86
C ILE D 53 19.59 -23.10 -1.74
N GLN D 54 18.82 -24.05 -1.24
CA GLN D 54 17.37 -23.94 -1.11
C GLN D 54 17.01 -23.88 0.36
N MET D 55 16.81 -22.66 0.88
CA MET D 55 16.36 -22.46 2.24
C MET D 55 14.87 -22.16 2.27
N ARG D 56 14.21 -22.62 3.33
CA ARG D 56 12.77 -22.46 3.48
C ARG D 56 12.46 -21.67 4.75
N THR D 57 11.37 -20.91 4.69
CA THR D 57 10.90 -20.17 5.86
C THR D 57 10.36 -21.15 6.89
N ARG D 58 11.00 -21.19 8.06
CA ARG D 58 10.59 -22.09 9.13
C ARG D 58 9.73 -21.41 10.19
N ARG D 59 9.95 -20.12 10.43
CA ARG D 59 9.17 -19.37 11.41
C ARG D 59 8.85 -18.00 10.84
N THR D 60 7.65 -17.50 11.15
CA THR D 60 7.23 -16.16 10.77
C THR D 60 6.84 -15.43 12.05
N LEU D 61 7.65 -14.45 12.45
CA LEU D 61 7.44 -13.71 13.68
C LEU D 61 6.58 -12.49 13.40
N ARG D 62 5.37 -12.48 13.94
CA ARG D 62 4.42 -11.40 13.74
C ARG D 62 4.17 -10.68 15.07
N GLY D 63 3.81 -9.40 14.97
CA GLY D 63 3.54 -8.60 16.15
C GLY D 63 4.00 -7.17 16.05
N HIS D 64 4.99 -6.90 15.21
CA HIS D 64 5.44 -5.52 15.00
C HIS D 64 4.40 -4.75 14.21
N LEU D 65 4.17 -3.49 14.61
CA LEU D 65 3.14 -2.68 13.98
C LEU D 65 3.66 -1.99 12.72
N ALA D 66 4.88 -1.48 12.76
CA ALA D 66 5.45 -0.71 11.67
C ALA D 66 6.68 -1.43 11.10
N LYS D 67 7.38 -0.75 10.20
CA LYS D 67 8.53 -1.34 9.54
C LYS D 67 9.63 -1.67 10.55
N ILE D 68 10.30 -2.79 10.32
CA ILE D 68 11.42 -3.21 11.16
C ILE D 68 12.72 -2.66 10.57
N TYR D 69 13.55 -2.07 11.43
CA TYR D 69 14.80 -1.47 10.98
C TYR D 69 16.03 -2.30 11.31
N ALA D 70 16.01 -3.09 12.38
CA ALA D 70 17.19 -3.84 12.77
C ALA D 70 16.78 -5.05 13.59
N MET D 71 17.70 -6.01 13.67
CA MET D 71 17.54 -7.19 14.51
C MET D 71 18.92 -7.69 14.90
N HIS D 72 18.96 -8.51 15.94
CA HIS D 72 20.23 -9.07 16.41
C HIS D 72 19.97 -10.38 17.14
N TRP D 73 20.72 -11.42 16.78
CA TRP D 73 20.59 -12.71 17.45
C TRP D 73 21.28 -12.68 18.81
N GLY D 74 20.74 -13.46 19.74
CA GLY D 74 21.45 -13.70 20.98
C GLY D 74 22.52 -14.76 20.81
N THR D 75 23.47 -14.78 21.76
CA THR D 75 24.56 -15.74 21.69
C THR D 75 24.09 -17.18 21.89
N ASP D 76 22.89 -17.37 22.43
CA ASP D 76 22.33 -18.72 22.59
C ASP D 76 21.73 -19.25 21.30
N SER D 77 21.74 -18.46 20.22
CA SER D 77 21.21 -18.86 18.91
C SER D 77 19.72 -19.17 18.96
N ARG D 78 19.03 -18.80 20.04
CA ARG D 78 17.60 -19.03 20.17
C ARG D 78 16.82 -17.74 20.33
N LEU D 79 17.24 -16.85 21.21
CA LEU D 79 16.57 -15.58 21.41
C LEU D 79 17.11 -14.52 20.45
N LEU D 80 16.24 -13.60 20.07
CA LEU D 80 16.61 -12.51 19.18
C LEU D 80 15.75 -11.30 19.51
N VAL D 81 16.32 -10.12 19.27
CA VAL D 81 15.63 -8.85 19.50
C VAL D 81 15.45 -8.15 18.16
N SER D 82 14.30 -7.50 17.99
CA SER D 82 14.00 -6.75 16.77
C SER D 82 13.50 -5.37 17.14
N ALA D 83 13.79 -4.40 16.28
CA ALA D 83 13.43 -3.01 16.49
C ALA D 83 12.55 -2.53 15.35
N SER D 84 11.38 -1.99 15.68
CA SER D 84 10.45 -1.45 14.70
C SER D 84 10.17 0.02 15.01
N GLN D 85 9.87 0.78 13.96
CA GLN D 85 9.66 2.21 14.12
C GLN D 85 8.29 2.54 14.71
N ASP D 86 7.56 1.55 15.19
CA ASP D 86 6.38 1.78 16.01
C ASP D 86 6.72 2.04 17.47
N GLY D 87 8.00 1.96 17.83
CA GLY D 87 8.44 2.27 19.18
C GLY D 87 8.46 1.06 20.11
N LYS D 88 8.89 -0.09 19.60
CA LYS D 88 8.88 -1.32 20.37
C LYS D 88 10.11 -2.15 20.09
N LEU D 89 10.74 -2.64 21.16
CA LEU D 89 11.72 -3.71 21.08
C LEU D 89 11.05 -5.01 21.52
N ILE D 90 11.09 -6.03 20.66
CA ILE D 90 10.48 -7.31 20.95
C ILE D 90 11.56 -8.38 20.96
N ILE D 91 11.62 -9.15 22.04
CA ILE D 91 12.55 -10.27 22.16
C ILE D 91 11.76 -11.55 21.90
N TRP D 92 12.19 -12.31 20.89
CA TRP D 92 11.46 -13.49 20.43
C TRP D 92 12.20 -14.75 20.83
N ASP D 93 11.43 -15.80 21.14
CA ASP D 93 11.96 -17.16 21.23
C ASP D 93 11.74 -17.80 19.87
N SER D 94 12.80 -17.84 19.05
CA SER D 94 12.66 -18.29 17.67
C SER D 94 12.20 -19.74 17.56
N TYR D 95 12.40 -20.55 18.61
CA TYR D 95 11.97 -21.93 18.57
C TYR D 95 10.45 -22.05 18.62
N THR D 96 9.82 -21.34 19.56
CA THR D 96 8.38 -21.44 19.78
C THR D 96 7.61 -20.24 19.26
N THR D 97 8.30 -19.23 18.70
CA THR D 97 7.75 -17.98 18.20
C THR D 97 7.11 -17.12 19.29
N ASN D 98 7.20 -17.53 20.57
CA ASN D 98 6.62 -16.75 21.64
C ASN D 98 7.45 -15.50 21.92
N LYS D 99 6.76 -14.43 22.31
CA LYS D 99 7.41 -13.17 22.66
C LYS D 99 7.81 -13.21 24.12
N VAL D 100 9.09 -12.96 24.39
CA VAL D 100 9.59 -12.96 25.76
C VAL D 100 9.43 -11.59 26.40
N HIS D 101 9.73 -10.52 25.66
CA HIS D 101 9.60 -9.16 26.19
C HIS D 101 9.11 -8.24 25.08
N ALA D 102 8.36 -7.22 25.49
CA ALA D 102 7.92 -6.15 24.60
C ALA D 102 8.24 -4.82 25.28
N ILE D 103 9.27 -4.14 24.82
CA ILE D 103 9.81 -2.96 25.48
C ILE D 103 9.32 -1.72 24.73
N PRO D 104 8.50 -0.87 25.34
CA PRO D 104 8.14 0.39 24.67
C PRO D 104 9.30 1.37 24.72
N LEU D 105 9.55 2.02 23.58
CA LEU D 105 10.66 2.96 23.45
C LEU D 105 10.16 4.39 23.62
N ARG D 106 11.03 5.24 24.20
CA ARG D 106 10.68 6.64 24.36
C ARG D 106 10.61 7.35 23.00
N SER D 107 11.53 7.03 22.10
CA SER D 107 11.53 7.56 20.75
C SER D 107 11.24 6.43 19.78
N SER D 108 10.21 6.59 18.95
CA SER D 108 9.80 5.53 18.04
C SER D 108 10.71 5.39 16.83
N TRP D 109 11.54 6.40 16.54
CA TRP D 109 12.38 6.39 15.35
C TRP D 109 13.70 5.65 15.63
N VAL D 110 13.56 4.38 16.01
CA VAL D 110 14.71 3.55 16.29
C VAL D 110 15.26 3.00 14.98
N MET D 111 16.58 3.01 14.85
CA MET D 111 17.26 2.56 13.64
C MET D 111 18.22 1.40 13.87
N THR D 112 18.47 1.00 15.11
CA THR D 112 19.40 -0.07 15.39
C THR D 112 19.05 -0.70 16.73
N CYS D 113 19.44 -1.96 16.89
CA CYS D 113 19.28 -2.67 18.15
C CYS D 113 20.39 -3.68 18.29
N ALA D 114 20.71 -4.03 19.55
CA ALA D 114 21.81 -4.94 19.83
C ALA D 114 21.46 -5.80 21.03
N TYR D 115 21.96 -7.03 21.01
CA TYR D 115 21.79 -7.99 22.08
C TYR D 115 23.15 -8.21 22.74
N ALA D 116 23.21 -7.99 24.06
CA ALA D 116 24.47 -8.18 24.76
C ALA D 116 24.87 -9.65 24.73
N PRO D 117 26.18 -9.95 24.66
CA PRO D 117 26.59 -11.37 24.61
C PRO D 117 26.20 -12.16 25.83
N SER D 118 26.13 -11.51 27.01
CA SER D 118 25.71 -12.21 28.21
C SER D 118 24.22 -12.51 28.20
N GLY D 119 23.45 -11.77 27.39
CA GLY D 119 22.01 -11.91 27.35
C GLY D 119 21.26 -11.14 28.41
N ASN D 120 21.96 -10.31 29.19
CA ASN D 120 21.33 -9.56 30.27
C ASN D 120 20.89 -8.17 29.87
N TYR D 121 21.30 -7.68 28.69
CA TYR D 121 20.98 -6.32 28.27
C TYR D 121 20.71 -6.30 26.78
N VAL D 122 19.91 -5.30 26.37
CA VAL D 122 19.73 -4.96 24.97
C VAL D 122 19.89 -3.45 24.83
N ALA D 123 20.28 -3.03 23.63
CA ALA D 123 20.47 -1.62 23.33
C ALA D 123 19.72 -1.26 22.06
N CYS D 124 19.43 0.02 21.91
CA CYS D 124 18.76 0.52 20.71
C CYS D 124 18.96 2.02 20.62
N GLY D 125 18.68 2.57 19.44
CA GLY D 125 18.82 3.99 19.22
C GLY D 125 18.37 4.34 17.82
N GLY D 126 18.34 5.64 17.56
CA GLY D 126 17.88 6.13 16.27
C GLY D 126 17.96 7.63 16.13
N LEU D 127 16.91 8.24 15.60
CA LEU D 127 16.89 9.68 15.35
C LEU D 127 16.98 10.52 16.61
N ASP D 128 16.88 9.90 17.79
CA ASP D 128 17.03 10.63 19.05
C ASP D 128 18.50 10.85 19.42
N ASN D 129 19.44 10.32 18.64
CA ASN D 129 20.88 10.50 18.87
C ASN D 129 21.32 9.93 20.22
N ILE D 130 20.59 8.94 20.74
CA ILE D 130 20.86 8.37 22.05
C ILE D 130 20.86 6.85 21.93
N CYS D 131 21.84 6.21 22.56
CA CYS D 131 21.88 4.75 22.69
C CYS D 131 21.36 4.39 24.08
N SER D 132 20.20 3.75 24.13
CA SER D 132 19.54 3.41 25.38
C SER D 132 19.83 1.95 25.72
N ILE D 133 20.20 1.70 26.97
CA ILE D 133 20.51 0.36 27.46
C ILE D 133 19.34 -0.11 28.32
N TYR D 134 18.87 -1.34 28.07
CA TYR D 134 17.74 -1.92 28.78
C TYR D 134 18.20 -3.15 29.53
N ASN D 135 17.86 -3.22 30.82
CA ASN D 135 18.21 -4.35 31.67
C ASN D 135 17.12 -5.41 31.58
N LEU D 136 17.48 -6.59 31.07
CA LEU D 136 16.52 -7.68 30.94
C LEU D 136 16.39 -8.51 32.22
N LYS D 137 17.38 -8.45 33.10
CA LYS D 137 17.42 -9.26 34.32
C LYS D 137 17.06 -8.45 35.55
N THR D 138 16.09 -7.55 35.45
CA THR D 138 15.65 -6.78 36.60
C THR D 138 15.04 -7.71 37.65
N ARG D 139 15.22 -7.36 38.92
CA ARG D 139 14.75 -8.21 40.01
C ARG D 139 13.23 -8.31 40.02
N GLU D 140 12.54 -7.20 39.80
CA GLU D 140 11.08 -7.23 39.81
C GLU D 140 10.51 -8.00 38.63
N GLY D 141 11.24 -8.05 37.52
CA GLY D 141 10.78 -8.76 36.34
C GLY D 141 10.25 -7.89 35.23
N ASN D 142 10.48 -6.58 35.28
CA ASN D 142 10.02 -5.66 34.25
C ASN D 142 11.23 -4.93 33.68
N VAL D 143 11.38 -4.97 32.35
CA VAL D 143 12.52 -4.33 31.71
C VAL D 143 12.41 -2.82 31.86
N ARG D 144 13.51 -2.20 32.26
CA ARG D 144 13.55 -0.74 32.44
C ARG D 144 14.87 -0.21 31.89
N VAL D 145 14.88 1.08 31.57
CA VAL D 145 16.08 1.73 31.06
C VAL D 145 17.16 1.69 32.14
N SER D 146 18.35 1.23 31.75
CA SER D 146 19.49 1.19 32.67
C SER D 146 20.46 2.35 32.45
N ARG D 147 20.59 2.84 31.23
CA ARG D 147 21.51 3.92 30.93
C ARG D 147 21.15 4.53 29.58
N GLU D 148 21.21 5.85 29.50
CA GLU D 148 21.03 6.58 28.25
C GLU D 148 22.35 7.23 27.87
N LEU D 149 22.89 6.83 26.72
CA LEU D 149 24.21 7.27 26.28
C LEU D 149 24.02 8.42 25.29
N ALA D 150 24.20 9.65 25.77
CA ALA D 150 24.09 10.84 24.94
C ALA D 150 25.47 11.42 24.65
N GLY D 151 25.54 12.22 23.58
CA GLY D 151 26.79 12.80 23.16
C GLY D 151 26.96 12.84 21.66
N HIS D 152 26.34 11.90 20.95
CA HIS D 152 26.35 11.95 19.49
C HIS D 152 25.51 13.13 19.01
N THR D 153 26.00 13.80 17.96
CA THR D 153 25.29 14.91 17.35
C THR D 153 24.55 14.49 16.08
N GLY D 154 24.24 13.21 15.95
CA GLY D 154 23.52 12.68 14.80
C GLY D 154 22.84 11.38 15.17
N TYR D 155 21.99 10.92 14.27
CA TYR D 155 21.19 9.73 14.54
C TYR D 155 22.08 8.51 14.75
N LEU D 156 21.62 7.59 15.60
CA LEU D 156 22.32 6.35 15.87
C LEU D 156 22.01 5.33 14.79
N SER D 157 23.04 4.86 14.09
CA SER D 157 22.86 3.92 12.99
C SER D 157 23.16 2.48 13.36
N CYS D 158 24.06 2.24 14.31
CA CYS D 158 24.42 0.89 14.69
C CYS D 158 25.06 0.90 16.07
N CYS D 159 24.93 -0.22 16.77
CA CYS D 159 25.54 -0.39 18.08
C CYS D 159 25.80 -1.86 18.32
N ARG D 160 26.91 -2.15 18.99
CA ARG D 160 27.31 -3.54 19.25
C ARG D 160 28.02 -3.61 20.59
N PHE D 161 27.55 -4.51 21.45
CA PHE D 161 28.16 -4.69 22.77
C PHE D 161 29.52 -5.35 22.63
N LEU D 162 30.52 -4.80 23.32
CA LEU D 162 31.76 -5.54 23.55
C LEU D 162 31.61 -6.46 24.75
N ASP D 163 30.95 -5.97 25.80
CA ASP D 163 30.65 -6.74 27.00
C ASP D 163 29.52 -6.01 27.72
N ASP D 164 29.24 -6.40 28.97
CA ASP D 164 28.17 -5.78 29.72
C ASP D 164 28.47 -4.34 30.07
N ASN D 165 29.74 -3.91 30.00
CA ASN D 165 30.12 -2.56 30.37
C ASN D 165 30.54 -1.68 29.20
N GLN D 166 30.80 -2.27 28.03
CA GLN D 166 31.29 -1.51 26.88
C GLN D 166 30.41 -1.77 25.68
N ILE D 167 30.20 -0.73 24.87
CA ILE D 167 29.44 -0.83 23.63
C ILE D 167 29.97 0.21 22.66
N VAL D 168 30.07 -0.18 21.39
CA VAL D 168 30.54 0.69 20.32
C VAL D 168 29.34 1.11 19.48
N THR D 169 29.27 2.40 19.16
CA THR D 169 28.16 2.95 18.40
C THR D 169 28.67 3.67 17.17
N SER D 170 27.80 3.76 16.15
CA SER D 170 28.07 4.54 14.95
C SER D 170 26.91 5.49 14.74
N SER D 171 27.21 6.67 14.18
CA SER D 171 26.21 7.73 14.12
C SER D 171 26.32 8.49 12.80
N GLY D 172 25.23 9.19 12.48
CA GLY D 172 25.21 10.06 11.31
C GLY D 172 26.10 11.29 11.43
N ASP D 173 26.69 11.52 12.61
CA ASP D 173 27.64 12.62 12.78
C ASP D 173 29.03 12.28 12.27
N THR D 174 29.15 11.22 11.46
CA THR D 174 30.38 10.76 10.79
C THR D 174 31.39 10.17 11.76
N THR D 175 31.02 9.91 13.01
CA THR D 175 31.96 9.37 13.99
C THR D 175 31.41 8.10 14.62
N CYS D 176 32.33 7.30 15.17
CA CYS D 176 32.01 6.17 16.02
C CYS D 176 32.58 6.43 17.40
N ALA D 177 31.98 5.79 18.41
CA ALA D 177 32.37 6.05 19.79
C ALA D 177 32.33 4.77 20.60
N LEU D 178 33.21 4.69 21.59
CA LEU D 178 33.23 3.62 22.58
C LEU D 178 32.74 4.18 23.90
N TRP D 179 31.78 3.50 24.52
CA TRP D 179 31.11 4.00 25.70
C TRP D 179 31.42 3.13 26.91
N ASP D 180 31.45 3.76 28.09
CA ASP D 180 31.51 3.08 29.37
C ASP D 180 30.11 3.15 29.96
N ILE D 181 29.42 2.00 29.99
CA ILE D 181 28.01 1.99 30.36
C ILE D 181 27.81 2.42 31.80
N GLU D 182 28.73 2.03 32.70
CA GLU D 182 28.59 2.39 34.11
C GLU D 182 28.68 3.90 34.29
N THR D 183 29.61 4.56 33.59
CA THR D 183 29.78 6.00 33.73
C THR D 183 28.96 6.79 32.72
N GLY D 184 28.63 6.20 31.58
CA GLY D 184 27.87 6.90 30.56
C GLY D 184 28.66 7.91 29.76
N GLN D 185 29.98 7.81 29.77
CA GLN D 185 30.85 8.74 29.05
C GLN D 185 31.50 8.05 27.87
N GLN D 186 31.84 8.84 26.86
CA GLN D 186 32.55 8.34 25.68
C GLN D 186 34.01 8.13 26.04
N THR D 187 34.41 6.86 26.17
CA THR D 187 35.81 6.55 26.46
C THR D 187 36.71 6.92 25.29
N THR D 188 36.26 6.63 24.07
CA THR D 188 37.03 6.90 22.86
C THR D 188 36.08 7.31 21.74
N THR D 189 36.53 8.26 20.93
CA THR D 189 35.78 8.72 19.77
C THR D 189 36.59 8.44 18.52
N PHE D 190 35.96 7.77 17.55
CA PHE D 190 36.63 7.37 16.31
C PHE D 190 36.19 8.31 15.20
N THR D 191 37.13 9.13 14.73
CA THR D 191 36.85 10.11 13.68
C THR D 191 37.68 9.81 12.44
N GLY D 192 37.26 10.36 11.32
CA GLY D 192 37.93 10.13 10.05
C GLY D 192 36.99 9.98 8.87
N HIS D 193 35.78 9.47 9.11
CA HIS D 193 34.80 9.38 8.05
C HIS D 193 34.29 10.77 7.68
N THR D 194 33.94 10.93 6.39
CA THR D 194 33.41 12.19 5.89
C THR D 194 31.92 12.10 5.57
N GLY D 195 31.28 10.98 5.88
CA GLY D 195 29.85 10.81 5.69
C GLY D 195 29.25 10.05 6.84
N ASP D 196 27.93 9.93 6.80
CA ASP D 196 27.20 9.20 7.85
C ASP D 196 27.67 7.76 7.92
N VAL D 197 28.11 7.36 9.11
CA VAL D 197 28.49 5.97 9.36
C VAL D 197 27.23 5.14 9.53
N MET D 198 27.05 4.13 8.68
CA MET D 198 25.79 3.40 8.62
C MET D 198 25.82 2.06 9.32
N SER D 199 26.99 1.48 9.54
CA SER D 199 27.06 0.14 10.11
C SER D 199 28.45 -0.11 10.67
N LEU D 200 28.54 -1.03 11.61
CA LEU D 200 29.81 -1.46 12.18
C LEU D 200 29.75 -2.96 12.47
N SER D 201 30.92 -3.58 12.55
CA SER D 201 31.02 -5.01 12.81
C SER D 201 32.27 -5.27 13.63
N LEU D 202 32.09 -5.93 14.77
CA LEU D 202 33.20 -6.22 15.66
C LEU D 202 33.96 -7.45 15.21
N ALA D 203 35.29 -7.40 15.35
CA ALA D 203 36.11 -8.57 15.11
C ALA D 203 35.77 -9.66 16.12
N PRO D 204 36.05 -10.92 15.78
CA PRO D 204 35.76 -12.01 16.74
C PRO D 204 36.39 -11.82 18.11
N ASP D 205 37.64 -11.39 18.17
CA ASP D 205 38.33 -11.18 19.43
C ASP D 205 38.06 -9.81 20.05
N THR D 206 37.14 -9.04 19.46
CA THR D 206 36.75 -7.70 19.94
C THR D 206 37.94 -6.75 20.05
N ARG D 207 39.04 -7.04 19.37
CA ARG D 207 40.19 -6.15 19.38
C ARG D 207 40.05 -5.03 18.35
N LEU D 208 39.41 -5.31 17.22
CA LEU D 208 39.21 -4.33 16.17
C LEU D 208 37.76 -4.33 15.74
N PHE D 209 37.39 -3.32 14.95
CA PHE D 209 36.07 -3.29 14.34
C PHE D 209 36.13 -2.45 13.08
N VAL D 210 35.26 -2.77 12.13
CA VAL D 210 35.19 -2.08 10.85
C VAL D 210 33.87 -1.34 10.78
N SER D 211 33.87 -0.23 10.03
CA SER D 211 32.69 0.59 9.88
C SER D 211 32.54 1.02 8.42
N GLY D 212 31.31 1.06 7.94
CA GLY D 212 30.99 1.55 6.61
C GLY D 212 30.23 2.86 6.71
N ALA D 213 30.47 3.76 5.77
CA ALA D 213 29.89 5.09 5.83
C ALA D 213 29.41 5.53 4.45
N CYS D 214 28.77 6.68 4.42
CA CYS D 214 28.24 7.27 3.18
C CYS D 214 29.31 7.97 2.35
N ASP D 215 30.58 7.79 2.68
CA ASP D 215 31.68 8.28 1.86
C ASP D 215 32.24 7.20 0.94
N ALA D 216 31.50 6.11 0.74
CA ALA D 216 31.91 4.99 -0.10
C ALA D 216 33.23 4.36 0.38
N SER D 217 33.48 4.44 1.69
CA SER D 217 34.72 3.91 2.26
C SER D 217 34.42 3.13 3.53
N ALA D 218 35.28 2.16 3.80
CA ALA D 218 35.25 1.40 5.04
C ALA D 218 36.59 1.55 5.76
N LYS D 219 36.54 1.62 7.08
CA LYS D 219 37.73 1.87 7.88
C LYS D 219 37.85 0.82 8.98
N LEU D 220 39.08 0.36 9.20
CA LEU D 220 39.40 -0.55 10.29
C LEU D 220 39.94 0.24 11.47
N TRP D 221 39.31 0.05 12.63
CA TRP D 221 39.63 0.83 13.83
C TRP D 221 40.24 -0.07 14.90
N ASP D 222 41.14 0.50 15.69
CA ASP D 222 41.68 -0.18 16.85
C ASP D 222 40.92 0.29 18.09
N VAL D 223 40.32 -0.65 18.82
CA VAL D 223 39.50 -0.30 19.97
C VAL D 223 40.36 0.26 21.10
N ARG D 224 41.52 -0.36 21.36
CA ARG D 224 42.34 0.05 22.49
C ARG D 224 43.00 1.41 22.24
N GLU D 225 43.51 1.63 21.03
CA GLU D 225 44.22 2.86 20.74
C GLU D 225 43.32 3.97 20.22
N GLY D 226 42.23 3.63 19.54
CA GLY D 226 41.30 4.62 19.05
C GLY D 226 41.64 5.24 17.71
N MET D 227 42.64 4.71 17.00
CA MET D 227 43.04 5.23 15.71
C MET D 227 42.54 4.33 14.58
N CYS D 228 42.50 4.90 13.38
CA CYS D 228 42.12 4.16 12.19
C CYS D 228 43.34 3.47 11.60
N ARG D 229 43.30 2.14 11.56
CA ARG D 229 44.43 1.38 11.05
C ARG D 229 44.49 1.40 9.52
N GLN D 230 43.38 1.09 8.87
CA GLN D 230 43.33 1.01 7.41
C GLN D 230 42.03 1.60 6.91
N THR D 231 42.06 2.10 5.67
CA THR D 231 40.88 2.62 4.99
C THR D 231 40.72 1.89 3.67
N PHE D 232 39.52 1.37 3.43
CA PHE D 232 39.23 0.55 2.26
C PHE D 232 38.27 1.30 1.33
N THR D 233 38.61 1.32 0.04
CA THR D 233 37.78 1.95 -0.97
C THR D 233 37.50 0.96 -2.09
N GLY D 234 36.64 1.37 -3.01
CA GLY D 234 36.25 0.50 -4.11
C GLY D 234 34.77 0.60 -4.44
N HIS D 235 33.95 0.89 -3.44
CA HIS D 235 32.53 1.10 -3.67
C HIS D 235 32.30 2.43 -4.36
N GLU D 236 31.19 2.54 -5.08
CA GLU D 236 30.84 3.74 -5.81
C GLU D 236 29.85 4.64 -5.08
N SER D 237 29.17 4.13 -4.05
CA SER D 237 28.15 4.89 -3.36
C SER D 237 28.20 4.54 -1.87
N ASP D 238 27.18 4.98 -1.13
CA ASP D 238 27.15 4.82 0.31
C ASP D 238 27.16 3.34 0.70
N ILE D 239 27.94 3.01 1.73
CA ILE D 239 28.01 1.66 2.26
C ILE D 239 26.96 1.53 3.36
N ASN D 240 25.99 0.64 3.15
CA ASN D 240 24.88 0.48 4.09
C ASN D 240 25.09 -0.63 5.10
N ALA D 241 26.01 -1.56 4.83
CA ALA D 241 26.17 -2.72 5.70
C ALA D 241 27.61 -3.21 5.64
N ILE D 242 28.02 -3.88 6.72
CA ILE D 242 29.37 -4.41 6.84
C ILE D 242 29.34 -5.59 7.80
N CYS D 243 30.20 -6.58 7.54
CA CYS D 243 30.24 -7.79 8.36
C CYS D 243 31.61 -8.44 8.25
N PHE D 244 32.16 -8.85 9.39
CA PHE D 244 33.47 -9.49 9.43
C PHE D 244 33.38 -10.93 8.94
N PHE D 245 34.42 -11.37 8.24
CA PHE D 245 34.56 -12.79 7.95
C PHE D 245 34.83 -13.53 9.25
N PRO D 246 34.35 -14.78 9.39
CA PRO D 246 34.46 -15.47 10.68
C PRO D 246 35.88 -15.57 11.22
N ASN D 247 36.91 -15.55 10.38
CA ASN D 247 38.27 -15.63 10.89
C ASN D 247 38.82 -14.28 11.34
N GLY D 248 38.12 -13.19 11.07
CA GLY D 248 38.58 -11.87 11.43
C GLY D 248 39.62 -11.26 10.53
N ASN D 249 39.96 -11.93 9.42
CA ASN D 249 40.98 -11.44 8.49
C ASN D 249 40.37 -10.80 7.24
N ALA D 250 39.05 -10.77 7.13
CA ALA D 250 38.38 -10.18 5.99
C ALA D 250 37.01 -9.68 6.42
N PHE D 251 36.38 -8.89 5.55
CA PHE D 251 35.04 -8.39 5.82
C PHE D 251 34.36 -8.08 4.50
N ALA D 252 33.02 -8.09 4.54
CA ALA D 252 32.20 -7.81 3.38
C ALA D 252 31.37 -6.55 3.62
N THR D 253 31.05 -5.86 2.52
CA THR D 253 30.30 -4.61 2.58
C THR D 253 29.20 -4.63 1.53
N GLY D 254 28.08 -3.99 1.86
CA GLY D 254 26.98 -3.79 0.93
C GLY D 254 26.71 -2.32 0.75
N SER D 255 26.53 -1.90 -0.50
CA SER D 255 26.43 -0.49 -0.84
C SER D 255 25.22 -0.24 -1.73
N ASP D 256 24.90 1.06 -1.88
CA ASP D 256 23.82 1.47 -2.77
C ASP D 256 24.17 1.33 -4.24
N ASP D 257 25.42 0.99 -4.55
CA ASP D 257 25.82 0.74 -5.94
C ASP D 257 25.40 -0.64 -6.44
N ALA D 258 24.52 -1.32 -5.70
CA ALA D 258 23.98 -2.64 -6.05
C ALA D 258 25.04 -3.73 -6.08
N THR D 259 26.14 -3.56 -5.33
CA THR D 259 27.20 -4.55 -5.28
C THR D 259 27.58 -4.85 -3.84
N CYS D 260 28.05 -6.07 -3.63
CA CYS D 260 28.75 -6.46 -2.40
C CYS D 260 30.21 -6.72 -2.72
N ARG D 261 31.08 -6.37 -1.78
CA ARG D 261 32.52 -6.50 -2.00
C ARG D 261 33.17 -7.13 -0.76
N LEU D 262 34.20 -7.91 -1.01
CA LEU D 262 34.98 -8.55 0.04
C LEU D 262 36.37 -7.92 0.10
N PHE D 263 36.76 -7.48 1.29
CA PHE D 263 38.05 -6.84 1.50
C PHE D 263 38.89 -7.66 2.47
N ASP D 264 40.19 -7.73 2.23
CA ASP D 264 41.12 -8.44 3.09
C ASP D 264 41.96 -7.45 3.87
N LEU D 265 42.07 -7.66 5.19
CA LEU D 265 42.83 -6.75 6.03
C LEU D 265 44.33 -6.85 5.73
N ARG D 266 44.87 -8.07 5.69
CA ARG D 266 46.31 -8.23 5.49
C ARG D 266 46.73 -7.85 4.08
N ALA D 267 45.84 -8.00 3.10
CA ALA D 267 46.12 -7.57 1.74
C ALA D 267 45.78 -6.10 1.51
N ASP D 268 44.89 -5.53 2.33
CA ASP D 268 44.56 -4.11 2.31
C ASP D 268 44.01 -3.70 0.94
N GLN D 269 43.11 -4.52 0.39
CA GLN D 269 42.47 -4.23 -0.89
C GLN D 269 41.29 -5.16 -1.07
N GLU D 270 40.44 -4.82 -2.03
CA GLU D 270 39.28 -5.62 -2.35
C GLU D 270 39.71 -6.93 -3.04
N LEU D 271 39.02 -8.02 -2.69
CA LEU D 271 39.30 -9.32 -3.29
C LEU D 271 38.25 -9.80 -4.27
N MET D 272 36.99 -9.41 -4.08
CA MET D 272 35.91 -9.97 -4.89
C MET D 272 34.73 -9.02 -4.87
N THR D 273 34.00 -8.98 -5.99
CA THR D 273 32.80 -8.18 -6.14
C THR D 273 31.62 -9.11 -6.44
N TYR D 274 30.53 -8.94 -5.71
CA TYR D 274 29.33 -9.75 -5.86
C TYR D 274 28.24 -8.86 -6.46
N SER D 275 28.05 -8.98 -7.77
CA SER D 275 27.07 -8.15 -8.48
C SER D 275 26.48 -8.94 -9.64
N HIS D 276 25.39 -8.41 -10.18
CA HIS D 276 24.74 -9.00 -11.34
C HIS D 276 24.00 -7.91 -12.10
N ASP D 277 23.81 -8.12 -13.40
CA ASP D 277 23.17 -7.12 -14.24
C ASP D 277 21.74 -6.85 -13.81
N ASN D 278 21.02 -7.87 -13.37
CA ASN D 278 19.62 -7.68 -12.96
C ASN D 278 19.52 -6.84 -11.69
N ILE D 279 20.51 -6.93 -10.81
CA ILE D 279 20.46 -6.21 -9.54
C ILE D 279 20.86 -4.76 -9.79
N ILE D 280 19.94 -3.83 -9.51
CA ILE D 280 20.19 -2.41 -9.66
C ILE D 280 19.79 -1.68 -8.38
N CYS D 281 19.41 -2.43 -7.37
CA CYS D 281 18.98 -1.88 -6.09
C CYS D 281 20.07 -2.07 -5.04
N GLY D 282 20.07 -1.19 -4.04
CA GLY D 282 21.10 -1.20 -3.03
C GLY D 282 20.96 -2.37 -2.07
N ILE D 283 22.07 -2.66 -1.38
CA ILE D 283 22.12 -3.71 -0.38
C ILE D 283 21.94 -3.06 1.00
N THR D 284 21.07 -3.66 1.82
CA THR D 284 20.78 -3.12 3.14
C THR D 284 21.45 -3.88 4.28
N SER D 285 21.87 -5.12 4.06
CA SER D 285 22.42 -5.95 5.13
C SER D 285 23.25 -7.06 4.54
N VAL D 286 24.29 -7.46 5.27
CA VAL D 286 25.17 -8.55 4.87
C VAL D 286 25.51 -9.39 6.09
N SER D 287 25.73 -10.68 5.86
CA SER D 287 26.17 -11.58 6.91
C SER D 287 26.74 -12.84 6.28
N PHE D 288 27.70 -13.44 6.96
CA PHE D 288 28.35 -14.66 6.50
C PHE D 288 27.74 -15.88 7.18
N SER D 289 27.83 -17.01 6.50
CA SER D 289 27.51 -18.28 7.13
C SER D 289 28.58 -18.62 8.18
N LYS D 290 28.35 -19.72 8.90
CA LYS D 290 29.27 -20.08 9.98
C LYS D 290 30.67 -20.33 9.46
N SER D 291 30.79 -21.04 8.33
CA SER D 291 32.10 -21.30 7.73
C SER D 291 32.59 -20.16 6.86
N GLY D 292 31.77 -19.15 6.62
CA GLY D 292 32.13 -18.05 5.74
C GLY D 292 32.00 -18.34 4.26
N ARG D 293 31.59 -19.56 3.89
CA ARG D 293 31.47 -19.90 2.48
C ARG D 293 30.31 -19.16 1.81
N LEU D 294 29.24 -18.89 2.55
CA LEU D 294 28.06 -18.23 2.03
C LEU D 294 28.01 -16.79 2.52
N LEU D 295 27.75 -15.87 1.60
CA LEU D 295 27.57 -14.45 1.91
C LEU D 295 26.12 -14.08 1.61
N LEU D 296 25.34 -13.84 2.66
CA LEU D 296 23.94 -13.49 2.54
C LEU D 296 23.79 -11.97 2.53
N ALA D 297 22.88 -11.47 1.70
CA ALA D 297 22.74 -10.03 1.53
C ALA D 297 21.27 -9.68 1.29
N GLY D 298 20.78 -8.67 2.00
CA GLY D 298 19.44 -8.16 1.79
C GLY D 298 19.43 -7.00 0.82
N TYR D 299 18.36 -6.89 0.05
CA TYR D 299 18.29 -5.94 -1.05
C TYR D 299 17.02 -5.10 -0.95
N ASP D 300 17.04 -3.96 -1.62
CA ASP D 300 15.86 -3.09 -1.68
C ASP D 300 14.73 -3.72 -2.49
N ASP D 301 15.02 -4.72 -3.32
CA ASP D 301 14.02 -5.36 -4.15
C ASP D 301 13.24 -6.44 -3.42
N PHE D 302 13.25 -6.43 -2.10
CA PHE D 302 12.49 -7.28 -1.18
C PHE D 302 13.10 -8.68 -1.06
N ASN D 303 14.23 -8.95 -1.72
CA ASN D 303 14.78 -10.29 -1.79
C ASN D 303 16.16 -10.33 -1.13
N CYS D 304 16.53 -11.52 -0.67
CA CYS D 304 17.86 -11.78 -0.12
C CYS D 304 18.58 -12.76 -1.03
N ASN D 305 19.82 -12.44 -1.40
CA ASN D 305 20.62 -13.28 -2.27
C ASN D 305 21.70 -14.00 -1.47
N VAL D 306 21.88 -15.28 -1.76
CA VAL D 306 22.92 -16.09 -1.14
C VAL D 306 24.05 -16.22 -2.16
N TRP D 307 25.20 -15.61 -1.85
CA TRP D 307 26.34 -15.61 -2.76
C TRP D 307 27.37 -16.64 -2.32
N ASP D 308 28.02 -17.27 -3.29
CA ASP D 308 29.21 -18.07 -3.02
C ASP D 308 30.37 -17.11 -2.79
N ALA D 309 30.79 -16.98 -1.53
CA ALA D 309 31.79 -15.98 -1.17
C ALA D 309 33.11 -16.22 -1.87
N LEU D 310 33.42 -17.48 -2.20
CA LEU D 310 34.70 -17.79 -2.82
C LEU D 310 34.66 -17.67 -4.34
N LYS D 311 33.51 -17.93 -4.96
CA LYS D 311 33.39 -17.96 -6.40
C LYS D 311 32.56 -16.83 -6.99
N ALA D 312 32.00 -15.95 -6.16
CA ALA D 312 31.20 -14.81 -6.59
C ALA D 312 29.96 -15.20 -7.39
N ASP D 313 29.50 -16.44 -7.23
CA ASP D 313 28.30 -16.93 -7.92
C ASP D 313 27.12 -16.93 -6.96
N ARG D 314 25.95 -16.54 -7.46
CA ARG D 314 24.74 -16.59 -6.65
C ARG D 314 24.30 -18.04 -6.48
N ALA D 315 24.00 -18.43 -5.24
CA ALA D 315 23.65 -19.81 -4.94
C ALA D 315 22.19 -19.99 -4.56
N GLY D 316 21.50 -18.95 -4.13
CA GLY D 316 20.11 -19.08 -3.73
C GLY D 316 19.52 -17.72 -3.45
N VAL D 317 18.19 -17.71 -3.36
CA VAL D 317 17.44 -16.47 -3.12
C VAL D 317 16.42 -16.73 -2.02
N LEU D 318 16.32 -15.79 -1.08
CA LEU D 318 15.28 -15.79 -0.05
C LEU D 318 14.30 -14.69 -0.43
N ALA D 319 13.17 -15.09 -1.03
CA ALA D 319 12.22 -14.14 -1.61
C ALA D 319 10.88 -14.13 -0.90
N GLY D 320 10.86 -14.41 0.41
CA GLY D 320 9.61 -14.47 1.13
C GLY D 320 9.24 -13.20 1.88
N HIS D 321 9.55 -12.04 1.32
CA HIS D 321 9.22 -10.77 1.94
C HIS D 321 8.46 -9.88 0.96
N ASP D 322 7.55 -9.08 1.49
CA ASP D 322 6.68 -8.22 0.70
C ASP D 322 7.12 -6.76 0.72
N ASN D 323 8.25 -6.45 1.35
CA ASN D 323 8.74 -5.08 1.40
C ASN D 323 10.25 -5.12 1.54
N ARG D 324 10.86 -3.94 1.64
CA ARG D 324 12.31 -3.81 1.68
C ARG D 324 12.89 -4.59 2.85
N VAL D 325 13.85 -5.45 2.55
CA VAL D 325 14.59 -6.18 3.59
C VAL D 325 15.57 -5.22 4.24
N SER D 326 15.40 -4.97 5.53
CA SER D 326 16.20 -3.96 6.22
C SER D 326 17.33 -4.54 7.06
N CYS D 327 17.29 -5.83 7.37
CA CYS D 327 18.29 -6.42 8.25
C CYS D 327 18.24 -7.92 8.12
N LEU D 328 19.37 -8.57 8.40
CA LEU D 328 19.44 -10.02 8.45
C LEU D 328 20.58 -10.44 9.36
N GLY D 329 20.45 -11.62 9.94
CA GLY D 329 21.45 -12.12 10.86
C GLY D 329 21.53 -13.62 10.90
N VAL D 330 22.74 -14.15 11.07
CA VAL D 330 22.97 -15.59 11.17
C VAL D 330 23.29 -15.92 12.62
N THR D 331 22.71 -17.02 13.11
CA THR D 331 22.93 -17.43 14.49
C THR D 331 24.40 -17.79 14.72
N ASP D 332 24.80 -17.76 16.00
CA ASP D 332 26.17 -18.10 16.35
C ASP D 332 26.50 -19.54 15.98
N ASP D 333 25.55 -20.46 16.15
CA ASP D 333 25.77 -21.85 15.77
C ASP D 333 25.58 -22.09 14.29
N GLY D 334 25.16 -21.07 13.53
CA GLY D 334 25.00 -21.19 12.09
C GLY D 334 23.81 -22.00 11.65
N MET D 335 22.85 -22.29 12.54
CA MET D 335 21.74 -23.15 12.19
C MET D 335 20.68 -22.44 11.35
N ALA D 336 20.46 -21.15 11.59
CA ALA D 336 19.36 -20.45 10.93
C ALA D 336 19.76 -19.02 10.61
N VAL D 337 19.00 -18.40 9.72
CA VAL D 337 19.15 -17.01 9.34
C VAL D 337 17.83 -16.30 9.56
N ALA D 338 17.88 -15.14 10.20
CA ALA D 338 16.70 -14.30 10.41
C ALA D 338 16.74 -13.11 9.47
N THR D 339 15.59 -12.76 8.91
CA THR D 339 15.47 -11.62 8.02
C THR D 339 14.36 -10.70 8.51
N GLY D 340 14.67 -9.41 8.61
CA GLY D 340 13.70 -8.39 8.95
C GLY D 340 13.42 -7.52 7.74
N SER D 341 12.21 -6.98 7.66
CA SER D 341 11.81 -6.22 6.50
C SER D 341 10.82 -5.13 6.89
N TRP D 342 10.60 -4.20 5.96
CA TRP D 342 9.64 -3.12 6.16
C TRP D 342 8.20 -3.61 6.16
N ASP D 343 7.95 -4.90 5.93
CA ASP D 343 6.60 -5.46 6.00
C ASP D 343 6.18 -5.81 7.41
N SER D 344 6.99 -5.46 8.42
CA SER D 344 6.73 -5.65 9.85
C SER D 344 6.83 -7.11 10.29
N PHE D 345 7.43 -7.99 9.48
CA PHE D 345 7.58 -9.38 9.84
C PHE D 345 9.05 -9.78 9.87
N LEU D 346 9.39 -10.72 10.75
CA LEU D 346 10.68 -11.37 10.77
C LEU D 346 10.50 -12.83 10.42
N LYS D 347 11.37 -13.35 9.56
CA LYS D 347 11.29 -14.73 9.10
C LYS D 347 12.60 -15.45 9.40
N ILE D 348 12.49 -16.69 9.84
CA ILE D 348 13.64 -17.54 10.12
C ILE D 348 13.78 -18.54 8.98
N TRP D 349 14.97 -18.58 8.39
CA TRP D 349 15.24 -19.43 7.23
C TRP D 349 16.22 -20.54 7.61
N ASN D 350 16.02 -21.71 7.03
CA ASN D 350 16.88 -22.86 7.27
C ASN D 350 17.00 -23.73 6.03
N SER E 8 40.41 24.84 5.96
CA SER E 8 40.77 23.72 5.09
C SER E 8 42.24 23.36 5.28
N ILE E 9 42.95 24.17 6.05
CA ILE E 9 44.38 23.91 6.30
C ILE E 9 44.56 22.90 7.42
N ALA E 10 43.79 23.03 8.50
CA ALA E 10 43.95 22.13 9.65
C ALA E 10 43.40 20.75 9.34
N GLN E 11 42.33 20.67 8.55
CA GLN E 11 41.79 19.37 8.16
C GLN E 11 42.75 18.63 7.23
N ALA E 12 43.57 19.35 6.47
CA ALA E 12 44.47 18.72 5.53
C ALA E 12 45.70 18.13 6.23
N ARG E 13 46.16 18.74 7.32
CA ARG E 13 47.31 18.21 8.04
C ARG E 13 47.00 16.83 8.62
N LYS E 14 45.78 16.63 9.09
CA LYS E 14 45.39 15.33 9.63
C LYS E 14 45.16 14.30 8.53
N LEU E 15 44.72 14.74 7.35
CA LEU E 15 44.52 13.80 6.25
C LEU E 15 45.84 13.26 5.73
N VAL E 16 46.86 14.12 5.61
CA VAL E 16 48.17 13.67 5.17
C VAL E 16 48.83 12.81 6.24
N GLU E 17 48.70 13.21 7.52
CA GLU E 17 49.30 12.45 8.60
C GLU E 17 48.66 11.07 8.72
N GLN E 18 47.34 10.98 8.50
CA GLN E 18 46.67 9.69 8.53
C GLN E 18 47.11 8.82 7.37
N LEU E 19 47.28 9.41 6.19
CA LEU E 19 47.72 8.64 5.03
C LEU E 19 49.10 8.03 5.23
N LYS E 20 49.96 8.70 6.00
CA LYS E 20 51.28 8.15 6.27
C LYS E 20 51.19 6.90 7.15
N MET E 21 50.25 6.89 8.11
CA MET E 21 50.10 5.72 8.97
C MET E 21 49.57 4.53 8.18
N GLU E 22 48.62 4.75 7.27
CA GLU E 22 48.09 3.65 6.48
C GLU E 22 49.02 3.22 5.37
N ALA E 23 49.98 4.06 4.99
CA ALA E 23 50.89 3.71 3.90
C ALA E 23 51.94 2.72 4.37
N ASN E 24 52.52 2.94 5.55
CA ASN E 24 53.62 2.11 6.05
C ASN E 24 53.06 0.96 6.87
N ILE E 25 52.45 0.00 6.16
CA ILE E 25 51.93 -1.21 6.76
C ILE E 25 52.45 -2.41 5.96
N ASP E 26 52.48 -3.56 6.61
CA ASP E 26 52.92 -4.80 5.97
C ASP E 26 51.74 -5.44 5.25
N ARG E 27 51.89 -5.65 3.94
CA ARG E 27 50.84 -6.24 3.12
C ARG E 27 51.34 -7.56 2.53
N ILE E 28 50.57 -8.62 2.73
CA ILE E 28 50.89 -9.93 2.17
C ILE E 28 50.32 -10.02 0.77
N LYS E 29 50.76 -11.03 0.01
CA LYS E 29 50.26 -11.21 -1.35
C LYS E 29 48.79 -11.61 -1.33
N VAL E 30 48.06 -11.18 -2.36
CA VAL E 30 46.64 -11.50 -2.46
C VAL E 30 46.45 -13.00 -2.64
N SER E 31 47.32 -13.65 -3.41
CA SER E 31 47.24 -15.09 -3.56
C SER E 31 47.39 -15.80 -2.22
N LYS E 32 48.27 -15.29 -1.36
CA LYS E 32 48.39 -15.84 -0.02
C LYS E 32 47.13 -15.54 0.80
N ALA E 33 46.62 -14.31 0.71
CA ALA E 33 45.40 -13.96 1.44
C ALA E 33 44.21 -14.76 0.94
N ALA E 34 44.13 -14.98 -0.37
CA ALA E 34 43.06 -15.81 -0.92
C ALA E 34 43.22 -17.26 -0.50
N ALA E 35 44.44 -17.72 -0.22
CA ALA E 35 44.65 -19.09 0.20
C ALA E 35 44.18 -19.34 1.62
N ASP E 36 44.33 -18.36 2.51
CA ASP E 36 43.88 -18.55 3.89
C ASP E 36 42.36 -18.52 3.99
N LEU E 37 41.70 -17.68 3.19
CA LEU E 37 40.25 -17.68 3.17
C LEU E 37 39.70 -18.99 2.63
N MET E 38 40.33 -19.51 1.57
CA MET E 38 39.89 -20.78 1.01
C MET E 38 40.14 -21.94 1.98
N ALA E 39 41.27 -21.91 2.69
CA ALA E 39 41.57 -22.97 3.65
C ALA E 39 40.64 -22.92 4.85
N TYR E 40 40.17 -21.72 5.23
CA TYR E 40 39.27 -21.61 6.36
C TYR E 40 37.90 -22.21 6.05
N CYS E 41 37.40 -21.97 4.83
CA CYS E 41 36.08 -22.48 4.45
C CYS E 41 36.06 -23.99 4.42
N GLU E 42 37.09 -24.60 3.82
CA GLU E 42 37.15 -26.06 3.75
C GLU E 42 37.36 -26.68 5.12
N ALA E 43 38.03 -25.98 6.03
CA ALA E 43 38.26 -26.53 7.37
C ALA E 43 36.98 -26.54 8.20
N HIS E 44 36.06 -25.62 7.93
CA HIS E 44 34.81 -25.52 8.68
C HIS E 44 33.59 -25.85 7.83
N ALA E 45 33.79 -26.49 6.68
CA ALA E 45 32.67 -26.79 5.80
C ALA E 45 31.68 -27.76 6.45
N LYS E 46 32.19 -28.77 7.16
CA LYS E 46 31.32 -29.73 7.80
C LYS E 46 30.57 -29.14 9.00
N GLU E 47 31.07 -28.06 9.58
CA GLU E 47 30.45 -27.42 10.72
C GLU E 47 29.43 -26.36 10.33
N ASP E 48 29.15 -26.20 9.04
CA ASP E 48 28.23 -25.17 8.57
C ASP E 48 26.89 -25.79 8.21
N PRO E 49 25.85 -25.62 9.03
CA PRO E 49 24.55 -26.22 8.68
C PRO E 49 23.90 -25.61 7.46
N LEU E 50 24.20 -24.34 7.15
CA LEU E 50 23.60 -23.72 5.98
C LEU E 50 24.21 -24.24 4.69
N LEU E 51 25.48 -24.66 4.73
CA LEU E 51 26.12 -25.24 3.55
C LEU E 51 25.61 -26.64 3.27
N THR E 52 25.39 -27.44 4.32
CA THR E 52 24.86 -28.78 4.20
C THR E 52 23.70 -28.94 5.18
N PRO E 53 22.46 -28.93 4.70
CA PRO E 53 21.31 -29.01 5.62
C PRO E 53 21.30 -30.33 6.38
N VAL E 54 21.05 -30.22 7.68
CA VAL E 54 20.99 -31.38 8.56
C VAL E 54 19.57 -31.93 8.56
N PRO E 55 19.35 -33.19 8.93
CA PRO E 55 17.99 -33.72 9.02
C PRO E 55 17.18 -33.00 10.11
N ALA E 56 15.89 -33.29 10.13
CA ALA E 56 14.98 -32.64 11.07
C ALA E 56 15.26 -33.02 12.51
N SER E 57 15.95 -34.13 12.74
CA SER E 57 16.27 -34.52 14.11
C SER E 57 17.24 -33.54 14.76
N GLU E 58 18.20 -33.03 14.00
CA GLU E 58 19.15 -32.05 14.51
C GLU E 58 18.71 -30.61 14.29
N ASN E 59 17.75 -30.38 13.40
CA ASN E 59 17.25 -29.04 13.13
C ASN E 59 16.23 -28.64 14.20
N PRO E 60 16.54 -27.66 15.05
CA PRO E 60 15.58 -27.25 16.08
C PRO E 60 14.33 -26.60 15.53
N PHE E 61 14.38 -26.05 14.31
CA PHE E 61 13.22 -25.40 13.72
C PHE E 61 12.34 -26.34 12.92
N ARG E 62 12.93 -27.35 12.27
CA ARG E 62 12.18 -28.34 11.49
C ARG E 62 11.29 -27.68 10.44
N GLN F 1 38.67 4.59 -5.59
CA GLN F 1 37.82 5.56 -4.91
C GLN F 1 37.20 6.54 -5.90
N VAL F 2 36.06 7.11 -5.52
CA VAL F 2 35.39 8.10 -6.36
C VAL F 2 36.19 9.40 -6.34
N GLN F 3 36.58 9.87 -7.51
CA GLN F 3 37.39 11.07 -7.63
C GLN F 3 36.79 11.97 -8.71
N LEU F 4 36.60 13.24 -8.36
CA LEU F 4 36.14 14.27 -9.29
C LEU F 4 37.17 15.39 -9.28
N GLN F 5 37.69 15.73 -10.46
CA GLN F 5 38.75 16.73 -10.60
C GLN F 5 38.34 17.75 -11.64
N GLU F 6 38.03 18.97 -11.19
CA GLU F 6 37.65 20.05 -12.09
C GLU F 6 38.88 20.75 -12.63
N SER F 7 38.73 21.33 -13.82
CA SER F 7 39.80 22.08 -14.46
C SER F 7 39.21 23.33 -15.09
N GLY F 8 40.09 24.17 -15.63
CA GLY F 8 39.65 25.42 -16.22
C GLY F 8 39.52 26.53 -15.19
N GLY F 9 38.85 27.60 -15.62
CA GLY F 9 38.67 28.75 -14.76
C GLY F 9 39.84 29.70 -14.80
N GLY F 10 39.78 30.70 -13.91
CA GLY F 10 40.81 31.70 -13.79
C GLY F 10 40.22 33.09 -13.89
N LEU F 11 41.05 34.03 -14.33
CA LEU F 11 40.65 35.42 -14.47
C LEU F 11 40.16 35.68 -15.90
N VAL F 12 38.99 36.29 -16.01
CA VAL F 12 38.39 36.62 -17.30
C VAL F 12 37.70 37.97 -17.18
N GLN F 13 37.79 38.76 -18.26
CA GLN F 13 37.13 40.05 -18.28
C GLN F 13 35.61 39.88 -18.28
N PRO F 14 34.88 40.86 -17.75
CA PRO F 14 33.42 40.75 -17.75
C PRO F 14 32.86 40.71 -19.18
N GLY F 15 32.03 39.71 -19.43
CA GLY F 15 31.45 39.49 -20.74
C GLY F 15 32.14 38.40 -21.55
N GLY F 16 33.28 37.89 -21.09
CA GLY F 16 34.00 36.86 -21.81
C GLY F 16 33.37 35.49 -21.65
N SER F 17 34.10 34.49 -22.13
CA SER F 17 33.65 33.10 -22.11
C SER F 17 34.62 32.25 -21.32
N LEU F 18 34.13 31.12 -20.82
CA LEU F 18 34.93 30.20 -20.04
C LEU F 18 34.32 28.81 -20.14
N ARG F 19 35.17 27.79 -20.23
CA ARG F 19 34.74 26.40 -20.34
C ARG F 19 35.38 25.60 -19.21
N LEU F 20 34.55 24.93 -18.43
CA LEU F 20 35.00 24.09 -17.33
C LEU F 20 34.88 22.62 -17.70
N SER F 21 35.79 21.81 -17.16
CA SER F 21 35.81 20.38 -17.40
C SER F 21 35.87 19.63 -16.08
N CYS F 22 35.23 18.47 -16.04
CA CYS F 22 35.19 17.63 -14.84
C CYS F 22 35.50 16.19 -15.25
N ALA F 23 36.72 15.74 -14.94
CA ALA F 23 37.13 14.37 -15.24
C ALA F 23 36.76 13.49 -14.05
N ALA F 24 35.93 12.47 -14.32
CA ALA F 24 35.44 11.59 -13.28
C ALA F 24 36.14 10.23 -13.35
N SER F 25 36.22 9.57 -12.20
CA SER F 25 36.81 8.24 -12.13
C SER F 25 36.31 7.56 -10.85
N GLY F 26 36.48 6.25 -10.82
CA GLY F 26 36.09 5.46 -9.65
C GLY F 26 34.64 5.06 -9.60
N PHE F 27 33.87 5.31 -10.66
CA PHE F 27 32.47 4.91 -10.69
C PHE F 27 32.00 4.89 -12.14
N THR F 28 30.86 4.24 -12.35
CA THR F 28 30.25 4.18 -13.68
C THR F 28 29.60 5.53 -13.97
N PHE F 29 30.29 6.34 -14.79
CA PHE F 29 29.85 7.71 -15.04
C PHE F 29 28.45 7.76 -15.64
N SER F 30 28.13 6.85 -16.56
CA SER F 30 26.86 6.89 -17.27
C SER F 30 25.66 6.56 -16.40
N ASN F 31 25.88 6.02 -15.19
CA ASN F 31 24.78 5.64 -14.32
C ASN F 31 24.37 6.74 -13.34
N TYR F 32 25.02 7.90 -13.38
CA TYR F 32 24.81 8.92 -12.38
C TYR F 32 24.42 10.25 -13.03
N LYS F 33 23.48 10.93 -12.40
CA LYS F 33 23.16 12.31 -12.77
C LYS F 33 24.22 13.24 -12.19
N MET F 34 24.68 14.19 -13.01
CA MET F 34 25.77 15.09 -12.64
C MET F 34 25.23 16.48 -12.37
N ASN F 35 25.98 17.23 -11.55
CA ASN F 35 25.59 18.57 -11.14
C ASN F 35 26.79 19.49 -11.19
N TRP F 36 26.51 20.78 -11.35
CA TRP F 36 27.49 21.85 -11.14
C TRP F 36 26.98 22.72 -10.00
N VAL F 37 27.85 22.97 -9.02
CA VAL F 37 27.52 23.84 -7.90
C VAL F 37 28.68 24.80 -7.69
N ARG F 38 28.39 25.94 -7.07
CA ARG F 38 29.38 26.98 -6.85
C ARG F 38 29.17 27.60 -5.47
N GLN F 39 30.24 28.20 -4.97
CA GLN F 39 30.24 28.88 -3.67
C GLN F 39 30.86 30.25 -3.84
N ALA F 40 30.03 31.29 -3.79
CA ALA F 40 30.51 32.65 -3.90
C ALA F 40 31.29 33.06 -2.65
N PRO F 41 32.18 34.04 -2.76
CA PRO F 41 32.91 34.51 -1.58
C PRO F 41 31.96 35.01 -0.51
N GLY F 42 32.05 34.42 0.69
CA GLY F 42 31.21 34.79 1.80
C GLY F 42 29.82 34.18 1.78
N LYS F 43 29.43 33.50 0.71
CA LYS F 43 28.11 32.90 0.58
C LYS F 43 28.23 31.38 0.65
N GLY F 44 27.08 30.72 0.78
CA GLY F 44 27.04 29.28 0.85
C GLY F 44 26.99 28.62 -0.51
N LEU F 45 27.02 27.29 -0.50
CA LEU F 45 26.95 26.53 -1.73
C LEU F 45 25.57 26.66 -2.37
N GLU F 46 25.55 26.80 -3.69
CA GLU F 46 24.30 26.91 -4.43
C GLU F 46 24.37 26.07 -5.69
N TRP F 47 23.23 25.50 -6.06
CA TRP F 47 23.15 24.66 -7.25
C TRP F 47 23.09 25.52 -8.50
N VAL F 48 23.84 25.12 -9.52
CA VAL F 48 23.93 25.84 -10.78
C VAL F 48 23.17 25.13 -11.89
N SER F 49 23.55 23.89 -12.19
CA SER F 49 22.93 23.15 -13.29
C SER F 49 23.16 21.66 -13.07
N ASP F 50 22.31 20.86 -13.72
CA ASP F 50 22.44 19.41 -13.70
C ASP F 50 22.11 18.84 -15.07
N ILE F 51 22.48 17.58 -15.27
CA ILE F 51 22.23 16.88 -16.52
C ILE F 51 21.96 15.42 -16.21
N SER F 52 21.00 14.83 -16.91
CA SER F 52 20.58 13.46 -16.66
C SER F 52 21.68 12.49 -17.11
N GLN F 53 21.43 11.20 -16.88
CA GLN F 53 22.41 10.18 -17.21
C GLN F 53 22.74 10.18 -18.70
N SER F 54 21.73 10.14 -19.55
CA SER F 54 21.92 10.14 -20.99
C SER F 54 22.07 11.53 -21.57
N GLY F 55 21.91 12.57 -20.77
CA GLY F 55 22.00 13.93 -21.26
C GLY F 55 20.72 14.49 -21.84
N ALA F 56 19.58 13.84 -21.60
CA ALA F 56 18.32 14.32 -22.16
C ALA F 56 17.71 15.42 -21.30
N SER F 57 17.62 15.18 -19.99
CA SER F 57 17.04 16.16 -19.06
C SER F 57 18.15 17.09 -18.59
N ILE F 58 17.95 18.40 -18.81
CA ILE F 58 18.93 19.42 -18.46
C ILE F 58 18.20 20.58 -17.79
N SER F 59 18.69 21.02 -16.64
CA SER F 59 18.12 22.13 -15.92
C SER F 59 19.20 23.13 -15.56
N TYR F 60 18.78 24.37 -15.32
CA TYR F 60 19.68 25.45 -14.93
C TYR F 60 19.03 26.27 -13.83
N THR F 61 19.87 26.92 -13.03
CA THR F 61 19.37 27.94 -12.12
C THR F 61 19.01 29.19 -12.91
N GLY F 62 18.10 29.99 -12.36
CA GLY F 62 17.53 31.10 -13.11
C GLY F 62 18.56 32.13 -13.53
N SER F 63 19.58 32.35 -12.70
CA SER F 63 20.55 33.40 -12.97
C SER F 63 21.47 33.09 -14.14
N VAL F 64 21.56 31.82 -14.55
CA VAL F 64 22.48 31.42 -15.61
C VAL F 64 21.77 30.90 -16.85
N LYS F 65 20.44 30.89 -16.86
CA LYS F 65 19.71 30.43 -18.04
C LYS F 65 20.00 31.34 -19.22
N GLY F 66 20.38 30.73 -20.35
CA GLY F 66 20.76 31.46 -21.54
C GLY F 66 22.21 31.84 -21.60
N ARG F 67 22.98 31.66 -20.53
CA ARG F 67 24.40 31.98 -20.51
C ARG F 67 25.29 30.79 -20.24
N PHE F 68 24.83 29.78 -19.51
CA PHE F 68 25.61 28.59 -19.20
C PHE F 68 25.06 27.41 -19.99
N THR F 69 25.96 26.54 -20.44
CA THR F 69 25.60 25.33 -21.18
C THR F 69 26.31 24.15 -20.55
N ILE F 70 25.54 23.18 -20.04
CA ILE F 70 26.09 21.98 -19.44
C ILE F 70 26.04 20.86 -20.45
N SER F 71 27.04 19.97 -20.41
CA SER F 71 27.10 18.84 -21.31
C SER F 71 27.98 17.78 -20.69
N ARG F 72 27.79 16.54 -21.13
CA ARG F 72 28.55 15.41 -20.62
C ARG F 72 28.93 14.48 -21.77
N ASP F 73 30.04 13.75 -21.58
CA ASP F 73 30.49 12.75 -22.53
C ASP F 73 30.74 11.46 -21.74
N ASN F 74 29.80 10.52 -21.84
CA ASN F 74 29.91 9.30 -21.05
C ASN F 74 31.06 8.41 -21.52
N ALA F 75 31.45 8.54 -22.79
CA ALA F 75 32.58 7.75 -23.30
C ALA F 75 33.89 8.20 -22.67
N LYS F 76 34.10 9.50 -22.56
CA LYS F 76 35.32 10.05 -21.96
C LYS F 76 35.21 10.28 -20.47
N ASN F 77 34.04 10.02 -19.88
CA ASN F 77 33.80 10.22 -18.45
C ASN F 77 34.12 11.65 -18.03
N THR F 78 33.48 12.60 -18.73
CA THR F 78 33.77 14.01 -18.54
C THR F 78 32.47 14.79 -18.45
N LEU F 79 32.49 15.86 -17.66
CA LEU F 79 31.37 16.79 -17.53
C LEU F 79 31.86 18.19 -17.88
N TYR F 80 31.06 18.91 -18.66
CA TYR F 80 31.44 20.21 -19.16
C TYR F 80 30.44 21.28 -18.72
N LEU F 81 30.93 22.52 -18.64
CA LEU F 81 30.09 23.68 -18.36
C LEU F 81 30.62 24.84 -19.19
N GLN F 82 29.87 25.21 -20.24
CA GLN F 82 30.25 26.32 -21.11
C GLN F 82 29.65 27.61 -20.56
N MET F 83 30.51 28.47 -20.01
CA MET F 83 30.08 29.73 -19.41
C MET F 83 30.31 30.87 -20.38
N ASN F 84 29.22 31.49 -20.83
CA ASN F 84 29.28 32.61 -21.75
C ASN F 84 28.65 33.84 -21.12
N SER F 85 29.11 35.01 -21.54
CA SER F 85 28.63 36.30 -21.03
C SER F 85 28.74 36.36 -19.51
N LEU F 86 29.96 36.20 -19.02
CA LEU F 86 30.18 36.13 -17.59
C LEU F 86 30.03 37.51 -16.93
N LYS F 87 29.44 37.51 -15.74
CA LYS F 87 29.22 38.70 -14.94
C LYS F 87 30.00 38.62 -13.64
N PRO F 88 30.26 39.76 -13.00
CA PRO F 88 31.01 39.73 -11.73
C PRO F 88 30.36 38.88 -10.64
N GLU F 89 29.03 38.73 -10.65
CA GLU F 89 28.37 37.88 -9.67
C GLU F 89 28.65 36.40 -9.91
N ASP F 90 29.15 36.03 -11.08
CA ASP F 90 29.52 34.64 -11.36
C ASP F 90 30.83 34.24 -10.72
N THR F 91 31.53 35.15 -10.05
CA THR F 91 32.79 34.82 -9.41
C THR F 91 32.54 33.89 -8.23
N ALA F 92 33.01 32.65 -8.34
CA ALA F 92 32.81 31.64 -7.30
C ALA F 92 33.71 30.45 -7.61
N VAL F 93 33.84 29.58 -6.63
CA VAL F 93 34.52 28.29 -6.80
C VAL F 93 33.50 27.28 -7.27
N TYR F 94 33.66 26.80 -8.49
CA TYR F 94 32.70 25.90 -9.12
C TYR F 94 33.10 24.45 -8.84
N TYR F 95 32.15 23.66 -8.36
CA TYR F 95 32.38 22.28 -7.98
C TYR F 95 31.62 21.33 -8.90
N CYS F 96 32.23 20.18 -9.18
CA CYS F 96 31.58 19.09 -9.89
C CYS F 96 30.98 18.15 -8.86
N ALA F 97 29.65 18.01 -8.88
CA ALA F 97 28.94 17.24 -7.86
C ALA F 97 28.17 16.11 -8.52
N ARG F 98 28.39 14.89 -8.05
CA ARG F 98 27.68 13.71 -8.53
C ARG F 98 26.56 13.35 -7.57
N CYS F 99 25.42 12.94 -8.13
CA CYS F 99 24.33 12.47 -7.30
C CYS F 99 24.77 11.23 -6.52
N PRO F 100 24.24 11.03 -5.31
CA PRO F 100 24.79 9.98 -4.44
C PRO F 100 24.52 8.57 -4.95
N ALA F 101 23.34 8.31 -5.49
CA ALA F 101 22.98 6.95 -5.87
C ALA F 101 22.71 6.85 -7.36
N PRO F 102 23.06 5.72 -8.00
CA PRO F 102 22.77 5.55 -9.42
C PRO F 102 21.32 5.12 -9.65
N PHE F 103 20.86 5.36 -10.87
CA PHE F 103 19.51 5.03 -11.30
C PHE F 103 18.46 5.62 -10.36
N THR F 104 18.61 6.91 -10.07
CA THR F 104 17.71 7.62 -9.17
C THR F 104 17.25 8.92 -9.79
N ARG F 105 15.97 9.25 -9.60
CA ARG F 105 15.45 10.54 -10.03
C ARG F 105 15.84 11.64 -9.07
N ASP F 106 15.75 11.37 -7.76
CA ASP F 106 16.13 12.35 -6.76
C ASP F 106 17.64 12.49 -6.70
N CYS F 107 18.08 13.65 -6.19
CA CYS F 107 19.50 13.96 -6.05
C CYS F 107 19.66 14.77 -4.76
N PHE F 108 19.96 14.07 -3.66
CA PHE F 108 20.03 14.68 -2.35
C PHE F 108 21.44 15.15 -2.03
N ASP F 109 21.52 16.21 -1.21
CA ASP F 109 22.70 16.62 -0.46
C ASP F 109 23.87 17.09 -1.31
N VAL F 110 23.66 17.37 -2.59
CA VAL F 110 24.78 17.80 -3.44
C VAL F 110 25.29 19.17 -3.04
N THR F 111 24.49 19.98 -2.35
CA THR F 111 24.93 21.29 -1.89
C THR F 111 25.35 21.30 -0.42
N SER F 112 25.42 20.13 0.21
CA SER F 112 25.86 20.05 1.60
C SER F 112 27.32 20.47 1.70
N THR F 113 27.68 21.00 2.88
CA THR F 113 29.03 21.52 3.06
C THR F 113 30.08 20.41 3.13
N THR F 114 29.67 19.19 3.48
CA THR F 114 30.58 18.06 3.62
C THR F 114 30.19 16.90 2.72
N TYR F 115 29.61 17.20 1.56
CA TYR F 115 29.24 16.15 0.62
C TYR F 115 30.47 15.46 0.06
N ALA F 116 30.45 14.13 0.05
CA ALA F 116 31.64 13.37 -0.30
C ALA F 116 31.86 13.31 -1.82
N TYR F 117 30.78 13.10 -2.58
CA TYR F 117 30.90 12.91 -4.02
C TYR F 117 30.92 14.24 -4.76
N ARG F 118 31.92 15.06 -4.41
CA ARG F 118 32.09 16.37 -5.02
C ARG F 118 33.57 16.68 -5.10
N GLY F 119 33.98 17.28 -6.22
CA GLY F 119 35.37 17.62 -6.43
C GLY F 119 35.85 18.73 -5.51
N GLN F 120 37.12 19.09 -5.68
CA GLN F 120 37.74 20.12 -4.87
C GLN F 120 37.49 21.52 -5.39
N GLY F 121 36.94 21.66 -6.59
CA GLY F 121 36.53 22.95 -7.11
C GLY F 121 37.61 23.62 -7.94
N THR F 122 37.17 24.62 -8.71
CA THR F 122 38.06 25.44 -9.52
C THR F 122 37.61 26.89 -9.41
N GLN F 123 38.55 27.79 -9.18
CA GLN F 123 38.24 29.19 -8.95
C GLN F 123 37.97 29.89 -10.27
N VAL F 124 36.81 30.56 -10.36
CA VAL F 124 36.45 31.39 -11.50
C VAL F 124 36.29 32.82 -11.00
N THR F 125 37.09 33.72 -11.53
CA THR F 125 37.08 35.13 -11.12
C THR F 125 36.77 36.00 -12.33
N VAL F 126 35.65 36.71 -12.27
CA VAL F 126 35.22 37.62 -13.33
C VAL F 126 35.43 39.03 -12.83
N SER F 127 36.46 39.70 -13.34
CA SER F 127 36.78 41.06 -12.92
C SER F 127 37.55 41.76 -14.02
N SER F 128 37.46 43.08 -14.03
CA SER F 128 38.16 43.89 -15.02
C SER F 128 39.61 44.10 -14.62
O01 D6M G . -30.66 -30.58 -15.94
C02 D6M G . -31.28 -30.49 -14.94
N03 D6M G . -32.69 -30.83 -14.93
C04 D6M G . -33.44 -30.70 -13.68
C05 D6M G . -34.74 -29.93 -13.90
C06 D6M G . -35.25 -29.89 -15.34
C07 D6M G . -36.75 -29.61 -15.35
O08 D6M G . -37.42 -30.03 -16.22
C09 D6M G . -33.75 -32.07 -13.08
O10 D6M G . -33.06 -32.51 -12.12
O11 D6M G . -34.69 -32.77 -13.53
C12 D6M G . -30.61 -30.01 -13.66
C13 D6M G . -29.22 -29.42 -13.89
C14 D6M G . -28.21 -29.99 -12.89
C15 D6M G . -27.63 -28.91 -11.98
C16 D6M G . -26.17 -29.17 -11.62
C17 D6M G . -25.50 -27.94 -11.01
C18 D6M G . -24.47 -28.32 -9.96
C19 D6M G . -23.18 -27.49 -10.05
C20 D6M G . -22.80 -26.92 -8.69
C21 D6M G . -21.32 -26.57 -8.56
C22 D6M G . -20.69 -26.21 -9.90
C23 D6M G . -19.38 -25.46 -9.71
C24 D6M G . -18.89 -25.52 -8.28
C25 D6M G . -17.40 -25.86 -8.17
C26 D6M G . -16.93 -25.96 -6.72
C1 NAG H . -82.89 -8.53 -20.71
C2 NAG H . -84.01 -9.55 -20.83
C3 NAG H . -85.35 -8.85 -21.10
C4 NAG H . -85.61 -7.79 -20.04
C5 NAG H . -84.42 -6.83 -19.93
C6 NAG H . -84.56 -5.84 -18.82
C7 NAG H . -83.16 -11.71 -21.64
C8 NAG H . -82.93 -12.57 -22.84
N2 NAG H . -83.72 -10.52 -21.89
O3 NAG H . -86.40 -9.81 -21.11
O4 NAG H . -86.78 -7.05 -20.37
O5 NAG H . -83.22 -7.58 -19.68
O6 NAG H . -84.79 -4.52 -19.32
O7 NAG H . -82.84 -12.06 -20.51
C1 NAG I . -61.73 -18.11 -28.70
C2 NAG I . -62.39 -18.02 -30.09
C3 NAG I . -61.43 -18.52 -31.17
C4 NAG I . -60.09 -17.80 -31.08
C5 NAG I . -59.53 -17.92 -29.67
C6 NAG I . -58.25 -17.12 -29.47
C7 NAG I . -63.78 -20.06 -29.94
C8 NAG I . -65.18 -20.60 -30.05
N2 NAG I . -63.65 -18.74 -30.13
O3 NAG I . -62.01 -18.31 -32.45
O4 NAG I . -59.17 -18.35 -32.00
O5 NAG I . -60.48 -17.42 -28.72
O6 NAG I . -58.52 -15.73 -29.50
O7 NAG I . -62.82 -20.79 -29.71
C1 PTY J . -20.77 21.97 -9.73
C2 PTY J . -18.72 22.37 -17.39
C3 PTY J . -19.34 22.86 -16.11
O4 PTY J . -21.33 20.73 -9.26
C5 PTY J . -19.83 23.12 -11.77
C6 PTY J . -20.41 21.84 -11.21
O7 PTY J . -21.61 21.49 -11.96
C8 PTY J . -21.47 20.83 -13.12
O10 PTY J . -20.40 20.42 -13.50
C11 PTY J . -22.77 20.68 -13.87
C12 PTY J . -23.84 20.02 -13.06
C13 PTY J . -23.61 18.53 -12.85
C14 PTY J . -23.65 17.72 -14.11
C15 PTY J . -23.75 16.23 -13.89
C16 PTY J . -22.56 15.60 -13.20
C17 PTY J . -21.30 15.61 -14.02
C18 PTY J . -20.16 14.83 -13.41
C19 PTY J . -20.48 13.38 -13.14
C20 PTY J . -20.91 12.60 -14.37
C21 PTY J . -21.25 11.16 -14.10
C22 PTY J . -22.27 10.94 -13.01
C23 PTY J . -23.40 10.02 -13.39
C24 PTY J . -22.99 8.63 -13.78
C25 PTY J . -24.12 7.74 -14.21
C26 PTY J . -23.72 6.36 -14.64
C27 PTY J . -24.86 5.50 -15.13
C28 PTY J . -24.46 4.13 -15.64
C29 PTY J . -23.81 3.26 -14.59
C30 PTY J . -22.66 20.61 -9.34
C31 PTY J . -23.14 19.37 -8.66
O30 PTY J . -23.36 21.43 -9.88
C32 PTY J . -22.65 18.10 -9.29
C33 PTY J . -23.24 16.86 -8.63
C34 PTY J . -22.89 15.56 -9.30
C35 PTY J . -23.65 14.38 -8.75
C36 PTY J . -23.42 13.09 -9.49
C37 PTY J . -24.33 11.96 -9.08
C38 PTY J . -24.18 10.71 -9.92
C39 PTY J . -25.21 9.64 -9.63
C40 PTY J . -25.12 8.44 -10.55
C41 PTY J . -26.21 7.43 -10.35
C42 PTY J . -26.17 6.26 -11.31
C43 PTY J . -27.28 5.27 -11.17
C44 PTY J . -27.20 4.13 -12.15
P1 PTY J . -18.73 24.20 -13.92
O11 PTY J . -18.33 23.58 -15.33
O12 PTY J . -19.83 25.20 -14.14
O13 PTY J . -17.48 24.61 -13.19
O14 PTY J . -19.37 22.94 -13.14
N1 PTY J . -19.69 21.64 -18.21
C1 PTY K . -42.49 0.53 -13.41
C2 PTY K . -45.98 -1.26 -18.91
C3 PTY K . -46.72 -1.01 -17.62
O4 PTY K . -41.24 1.08 -12.94
C5 PTY K . -44.62 1.31 -14.57
C6 PTY K . -43.14 1.53 -14.34
O7 PTY K . -42.38 1.76 -15.56
C8 PTY K . -42.12 0.74 -16.40
O10 PTY K . -42.87 -0.17 -16.62
C11 PTY K . -40.77 0.86 -17.04
C12 PTY K . -39.64 0.73 -16.08
C13 PTY K . -38.99 -0.64 -16.14
C14 PTY K . -38.51 -1.01 -17.51
C15 PTY K . -37.72 -2.30 -17.57
C16 PTY K . -37.18 -2.62 -18.94
C17 PTY K . -36.19 -3.76 -18.94
C18 PTY K . -34.95 -3.51 -18.15
C19 PTY K . -33.97 -2.58 -18.82
C20 PTY K . -33.45 -3.09 -20.15
C21 PTY K . -32.50 -2.13 -20.84
C22 PTY K . -31.31 -1.74 -20.02
C23 PTY K . -30.33 -2.85 -19.77
C24 PTY K . -29.30 -2.54 -18.72
C25 PTY K . -28.21 -3.58 -18.59
C26 PTY K . -27.24 -3.30 -17.48
C27 PTY K . -26.02 -4.20 -17.49
C28 PTY K . -25.09 -4.00 -18.66
C29 PTY K . -24.39 -2.65 -18.64
C30 PTY K . -41.33 2.05 -12.04
C31 PTY K . -40.32 3.13 -12.30
O30 PTY K . -42.10 2.03 -11.12
C32 PTY K . -38.90 2.67 -12.23
C33 PTY K . -38.30 2.85 -10.85
C34 PTY K . -37.34 4.00 -10.74
C35 PTY K . -36.54 4.02 -9.46
C36 PTY K . -35.51 5.12 -9.39
C37 PTY K . -34.54 5.13 -10.55
C38 PTY K . -33.68 6.37 -10.62
C39 PTY K . -32.99 6.56 -11.95
C40 PTY K . -31.85 5.60 -12.19
C41 PTY K . -31.55 5.35 -13.66
C42 PTY K . -32.67 4.68 -14.40
C43 PTY K . -32.35 4.30 -15.83
C44 PTY K . -31.23 3.29 -15.95
P1 PTY K . -46.25 -0.69 -15.04
O11 PTY K . -45.76 -0.93 -16.55
O12 PTY K . -47.29 0.39 -15.06
O13 PTY K . -46.56 -2.03 -14.41
O14 PTY K . -44.95 -0.08 -14.34
N1 PTY K . -44.92 -0.27 -19.11
C1 PLM L . -23.23 6.04 10.77
O1 PLM L . -23.23 4.80 10.96
O2 PLM L . -22.20 6.73 10.81
C2 PLM L . -24.56 6.73 10.49
C3 PLM L . -25.32 6.24 9.31
C4 PLM L . -25.98 4.89 9.54
C5 PLM L . -26.87 4.43 8.41
C6 PLM L . -27.66 3.19 8.71
C7 PLM L . -28.63 2.79 7.61
C8 PLM L . -29.55 1.66 7.98
C9 PLM L . -30.53 1.29 6.90
CA PLM L . -31.49 0.19 7.28
CB PLM L . -32.40 -0.24 6.15
CC PLM L . -33.36 -1.35 6.52
CD PLM L . -34.35 -0.99 7.58
CE PLM L . -35.33 -2.08 7.92
CF PLM L . -36.35 -1.70 8.98
CG PLM L . -37.34 -2.79 9.28
CAA Y01 M . -26.53 -22.69 4.99
CBA Y01 M . -27.11 -22.49 6.38
CAB Y01 M . -27.20 -23.81 7.12
CAN Y01 M . -26.34 -21.44 7.18
CAJ Y01 M . -26.89 -21.12 8.54
CAO Y01 M . -26.13 -20.03 9.27
CBB Y01 M . -24.99 -20.49 10.17
CAC Y01 M . -24.91 -22.01 10.27
CBE Y01 M . -23.65 -19.84 9.77
CAP Y01 M . -23.51 -19.56 8.24
CAQ Y01 M . -22.50 -18.40 8.10
CBG Y01 M . -21.94 -18.23 9.50
CBI Y01 M . -23.15 -18.51 10.42
CAE Y01 M . -24.22 -17.41 10.31
CAU Y01 M . -22.62 -18.60 11.85
CAS Y01 M . -21.87 -17.33 12.25
CBF Y01 M . -20.70 -17.01 11.30
CBD Y01 M . -21.15 -16.98 9.83
CAK Y01 M . -19.92 -16.87 8.93
CAI Y01 M . -18.90 -15.91 9.45
CAZ Y01 M . -18.91 -15.35 10.64
CAV Y01 M . -17.88 -14.32 11.04
CBH Y01 M . -19.92 -15.73 11.73
CAD Y01 M . -20.85 -14.53 11.94
CAT Y01 M . -19.15 -16.03 13.03
CAR Y01 M . -18.12 -14.96 13.40
CBC Y01 M . -17.14 -14.74 12.29
OAW Y01 M . -16.21 -13.69 12.67
CAY Y01 M . -15.07 -13.55 12.00
OAG Y01 M . -14.86 -14.05 10.93
CAM Y01 M . -14.06 -12.74 12.76
CAL Y01 M . -12.82 -13.51 13.16
CAX Y01 M . -13.09 -14.79 13.95
OAH Y01 M . -13.69 -14.70 15.03
OAF Y01 M . -12.71 -15.87 13.46
CAA Y01 N . -30.37 -20.39 10.45
CBA Y01 N . -29.58 -20.33 11.76
CAB Y01 N . -28.73 -21.56 11.93
CAN Y01 N . -28.74 -19.06 11.83
CAJ Y01 N . -27.92 -18.89 13.09
CAO Y01 N . -27.11 -17.61 13.10
CBB Y01 N . -26.25 -17.38 14.35
CAC Y01 N . -25.26 -18.54 14.52
CBE Y01 N . -25.58 -16.00 14.27
CAP Y01 N . -26.61 -14.87 14.02
CAQ Y01 N . -26.10 -13.62 14.76
CBG Y01 N . -24.64 -13.97 15.04
CBI Y01 N . -24.71 -15.45 15.44
CAE Y01 N . -25.44 -15.65 16.78
CAU Y01 N . -23.27 -15.95 15.53
CAS Y01 N . -22.42 -15.10 16.48
CBF Y01 N . -22.41 -13.61 16.11
CBD Y01 N . -23.84 -13.07 15.96
CAK Y01 N . -23.80 -11.65 15.40
CAI Y01 N . -22.72 -10.81 16.01
CAZ Y01 N . -21.74 -11.27 16.78
CAV Y01 N . -20.74 -10.33 17.40
CBH Y01 N . -21.53 -12.76 17.06
CAD Y01 N . -21.87 -13.01 18.54
CAT Y01 N . -20.04 -13.09 16.79
CAR Y01 N . -19.06 -12.11 17.46
CBC Y01 N . -19.33 -10.70 17.02
OAW Y01 N . -18.44 -9.77 17.70
CAY Y01 N . -17.15 -9.72 17.33
OAG Y01 N . -16.65 -10.49 16.57
CAM Y01 N . -16.45 -8.55 17.95
CAL Y01 N . -15.84 -7.57 16.97
CAX Y01 N . -15.30 -6.29 17.60
OAH Y01 N . -16.11 -5.54 18.18
OAF Y01 N . -14.08 -6.05 17.49
C1 PTY O . -31.73 -15.44 -24.95
C2 PTY O . -34.57 -18.24 -28.63
C3 PTY O . -33.36 -18.99 -28.11
O4 PTY O . -31.62 -14.06 -25.36
C5 PTY O . -30.27 -17.45 -24.42
C6 PTY O . -30.33 -15.97 -24.74
O7 PTY O . -29.57 -15.14 -23.82
C8 PTY O . -30.09 -14.86 -22.61
O10 PTY O . -30.59 -15.68 -21.89
C11 PTY O . -29.96 -13.41 -22.24
C12 PTY O . -28.54 -12.94 -22.18
C13 PTY O . -27.69 -13.75 -21.22
C14 PTY O . -26.21 -13.48 -21.34
C15 PTY O . -25.34 -14.39 -20.52
C16 PTY O . -25.27 -14.04 -19.05
C17 PTY O . -24.91 -12.60 -18.79
C18 PTY O . -24.13 -12.37 -17.52
C19 PTY O . -22.66 -12.71 -17.63
C20 PTY O . -21.98 -12.11 -18.84
C21 PTY O . -20.48 -12.13 -18.79
C22 PTY O . -19.88 -11.20 -17.76
C23 PTY O . -18.39 -11.01 -17.89
C24 PTY O . -17.78 -10.18 -16.79
C25 PTY O . -16.32 -9.87 -16.99
C26 PTY O . -15.43 -11.09 -17.07
C27 PTY O . -13.97 -10.78 -17.22
C28 PTY O . -13.08 -11.99 -17.40
C29 PTY O . -13.12 -12.96 -16.24
C30 PTY O . -32.71 -13.52 -25.87
C31 PTY O . -32.53 -12.04 -26.09
O30 PTY O . -33.71 -14.15 -26.13
C32 PTY O . -32.17 -11.29 -24.84
C33 PTY O . -31.82 -9.84 -25.11
C34 PTY O . -31.52 -9.04 -23.87
C35 PTY O . -30.30 -9.49 -23.10
C36 PTY O . -29.95 -8.58 -21.95
C37 PTY O . -28.80 -9.03 -21.09
C38 PTY O . -28.55 -8.10 -19.91
C39 PTY O . -27.43 -8.52 -18.98
C40 PTY O . -26.07 -8.46 -19.59
C41 PTY O . -24.95 -8.44 -18.58
C42 PTY O . -23.57 -8.30 -19.18
C43 PTY O . -22.46 -8.07 -18.19
C44 PTY O . -22.62 -6.82 -17.38
P1 PTY O . -31.59 -18.94 -26.16
O11 PTY O . -32.91 -18.38 -26.87
O12 PTY O . -31.84 -20.37 -25.79
O13 PTY O . -30.41 -18.58 -27.03
O14 PTY O . -31.52 -18.08 -24.81
N1 PTY O . -35.03 -18.78 -29.91
C4 P42 P . -35.43 -27.03 -22.68
C5 P42 P . -35.51 -27.97 -21.51
C6 P42 P . -36.76 -29.65 -20.23
C7 P42 P . -36.54 -29.91 -22.62
C8 P42 P . -37.95 -28.17 -21.72
CBX P42 P . -14.28 -18.31 -21.45
CBV P42 P . -13.83 -18.61 -20.05
CBS P42 P . -14.95 -18.62 -19.04
CBH P42 P . -16.03 -19.64 -19.30
CAQ P42 P . -17.18 -19.59 -18.32
CAP P42 P . -18.27 -20.59 -18.62
CAO P42 P . -19.46 -20.51 -17.69
CAN P42 P . -20.51 -21.54 -17.96
CAM P42 P . -21.10 -21.48 -19.35
CAL P42 P . -22.10 -22.57 -19.65
CAK P42 P . -22.66 -22.52 -21.05
CAJ P42 P . -23.62 -23.64 -21.36
CAI P42 P . -24.92 -23.57 -20.62
CAH P42 P . -25.83 -24.75 -20.86
CAG P42 P . -27.20 -24.63 -20.24
CAF P42 P . -27.96 -25.92 -20.18
CAE P42 P . -28.03 -26.66 -21.49
CAD P42 P . -29.46 -26.94 -21.87
OAA P42 P . -29.50 -27.84 -22.98
OAC P42 P . -30.09 -25.72 -22.18
CAB P42 P . -29.60 -25.07 -23.35
CBE P42 P . -30.24 -23.71 -23.47
CBK P42 P . -31.66 -23.75 -24.00
OBL P42 P . -32.50 -24.53 -23.09
PBM P42 P . -33.90 -25.09 -23.61
OBF P42 P . -33.67 -25.79 -24.92
OBU P42 P . -34.94 -24.01 -23.52
OBN P42 P . -34.24 -26.21 -22.52
OBD P42 P . -30.25 -23.12 -22.17
CBC P42 P . -30.76 -21.80 -22.15
OBJ P42 P . -31.14 -21.42 -20.84
CBB P42 P . -29.74 -20.81 -22.67
CBA P42 P . -28.98 -20.17 -21.53
CAZ P42 P . -27.90 -21.04 -20.95
CAY P42 P . -27.33 -20.53 -19.66
CAX P42 P . -26.48 -19.30 -19.80
CAW P42 P . -25.36 -19.42 -20.77
CAV P42 P . -24.42 -18.24 -20.79
CAU P42 P . -23.52 -18.16 -19.59
CAT P42 P . -22.57 -16.99 -19.63
CAS P42 P . -21.45 -17.07 -18.63
CAR P42 P . -20.47 -15.93 -18.74
CBI P42 P . -19.15 -16.17 -18.08
CBT P42 P . -18.08 -15.16 -18.43
CBW P42 P . -16.71 -15.52 -17.93
CBY P42 P . -15.62 -14.70 -18.57
N P42 P . -36.69 -28.93 -21.52
C1 PLM Q . -22.64 0.69 12.01
O1 PLM Q . -22.02 0.29 11.02
O2 PLM Q . -22.22 1.57 12.79
C2 PLM Q . -24.01 0.08 12.30
C3 PLM Q . -24.46 -0.92 11.29
C4 PLM Q . -25.82 -1.51 11.63
C5 PLM Q . -25.87 -2.25 12.94
C6 PLM Q . -27.23 -2.82 13.28
C7 PLM Q . -27.27 -3.61 14.56
C8 PLM Q . -28.64 -4.12 14.92
C9 PLM Q . -29.24 -5.06 13.90
CA PLM Q . -30.72 -5.29 14.07
CB PLM Q . -31.11 -5.98 15.35
CC PLM Q . -30.79 -7.45 15.39
CD PLM Q . -31.32 -8.16 16.62
CE PLM Q . -31.19 -9.66 16.59
CF PLM Q . -29.77 -10.16 16.51
CG PLM Q . -29.66 -11.67 16.50
C1 PLM R . -52.76 -13.06 2.27
O1 PLM R . -52.28 -14.00 2.94
O2 PLM R . -53.52 -13.22 1.29
C2 PLM R . -52.39 -11.64 2.67
C3 PLM R . -52.76 -11.27 4.07
C4 PLM R . -52.27 -9.88 4.45
C5 PLM R . -50.79 -9.69 4.33
C6 PLM R . -50.30 -8.34 4.80
C7 PLM R . -48.80 -8.15 4.72
C8 PLM R . -48.32 -6.87 5.35
C9 PLM R . -46.82 -6.67 5.31
CA PLM R . -46.36 -5.50 6.16
CB PLM R . -44.89 -5.24 6.16
CC PLM R . -44.45 -4.22 7.17
CD PLM R . -43.02 -3.75 7.07
CE PLM R . -42.70 -3.10 5.75
CF PLM R . -41.45 -2.24 5.77
CG PLM R . -40.22 -2.96 6.27
C1 PLM S . -57.41 -15.30 5.37
O1 PLM S . -56.89 -16.25 5.98
O2 PLM S . -58.56 -15.35 4.87
C2 PLM S . -56.62 -14.01 5.23
C3 PLM S . -57.25 -12.81 5.86
C4 PLM S . -56.36 -11.58 5.80
C5 PLM S . -55.56 -11.30 7.06
C6 PLM S . -54.73 -12.46 7.55
C7 PLM S . -53.77 -12.13 8.66
C8 PLM S . -52.63 -11.23 8.23
C9 PLM S . -51.59 -11.00 9.30
CA PLM S . -50.42 -10.16 8.85
CB PLM S . -49.41 -9.90 9.94
CC PLM S . -48.26 -9.03 9.50
CD PLM S . -47.28 -8.69 10.61
CE PLM S . -46.19 -7.74 10.21
CF PLM S . -45.30 -7.31 11.34
CG PLM S . -44.22 -6.34 10.92
C1 PLM T . -51.08 -24.69 12.94
O1 PLM T . -52.09 -24.18 12.42
O2 PLM T . -51.11 -25.71 13.64
C2 PLM T . -49.73 -24.02 12.70
C3 PLM T . -48.71 -24.91 12.05
C4 PLM T . -49.24 -25.57 10.79
C5 PLM T . -48.21 -26.39 10.05
C6 PLM T . -47.13 -25.59 9.38
C7 PLM T . -46.16 -26.42 8.58
C8 PLM T . -45.26 -27.31 9.41
C9 PLM T . -44.18 -26.58 10.16
CA PLM T . -43.17 -25.88 9.28
CB PLM T . -42.03 -25.24 10.03
CC PLM T . -40.99 -24.59 9.16
CD PLM T . -39.80 -24.06 9.92
CE PLM T . -40.12 -22.95 10.89
CF PLM T . -39.01 -22.63 11.86
CG PLM T . -37.67 -22.37 11.19
C1 PLM U . -40.44 -35.54 7.84
O1 PLM U . -40.78 -36.66 7.41
O2 PLM U . -40.91 -35.02 8.86
C2 PLM U . -39.39 -34.77 7.05
C3 PLM U . -38.12 -34.48 7.79
C4 PLM U . -38.29 -33.40 8.85
C5 PLM U . -37.08 -33.20 9.74
C6 PLM U . -35.82 -32.78 9.01
C7 PLM U . -35.88 -31.42 8.38
C8 PLM U . -34.55 -30.92 7.87
C9 PLM U . -33.94 -31.76 6.78
CA PLM U . -34.49 -31.48 5.40
CB PLM U . -34.08 -30.14 4.84
CC PLM U . -32.59 -29.94 4.75
CD PLM U . -32.16 -28.61 4.19
CE PLM U . -30.66 -28.40 4.17
CF PLM U . -30.22 -27.06 3.64
CG PLM U . -28.73 -26.85 3.69
C1 PLM V . -54.03 -2.66 -0.21
O1 PLM V . -53.32 -1.64 -0.09
O2 PLM V . -55.01 -2.91 0.52
C2 PLM V . -53.68 -3.64 -1.31
C3 PLM V . -52.52 -3.22 -2.17
C4 PLM V . -52.21 -4.23 -3.27
C5 PLM V . -51.13 -3.82 -4.24
C6 PLM V . -49.71 -4.04 -3.77
C7 PLM V . -49.20 -3.07 -2.72
C8 PLM V . -47.76 -3.27 -2.34
C9 PLM V . -46.79 -3.09 -3.49
CA PLM V . -45.34 -3.29 -3.12
CB PLM V . -44.83 -2.31 -2.09
CC PLM V . -43.34 -2.42 -1.83
CD PLM V . -42.81 -1.39 -0.85
CE PLM V . -41.31 -1.42 -0.69
CF PLM V . -40.77 -0.37 0.24
CG PLM V . -39.26 -0.32 0.31
C1 PLM W . -25.93 -26.68 -16.47
O1 PLM W . -26.91 -27.34 -16.11
O2 PLM W . -25.80 -26.20 -17.62
C2 PLM W . -24.81 -26.45 -15.47
C3 PLM W . -23.66 -25.64 -15.98
C4 PLM W . -22.60 -25.40 -14.92
C5 PLM W . -21.41 -24.61 -15.38
C6 PLM W . -20.34 -24.46 -14.33
C7 PLM W . -19.11 -23.69 -14.78
C8 PLM W . -18.03 -23.61 -13.73
C9 PLM W . -16.86 -22.75 -14.12
CA PLM W . -15.94 -23.36 -15.15
CB PLM W . -15.07 -22.36 -15.87
CC PLM W . -14.44 -21.32 -14.97
CD PLM W . -13.97 -20.08 -15.68
CE PLM W . -13.59 -18.95 -14.76
CF PLM W . -13.33 -17.64 -15.47
CG PLM W . -13.02 -16.49 -14.54
#